data_8V9O
#
_entry.id   8V9O
#
_cell.length_a   128.010
_cell.length_b   195.570
_cell.length_c   228.370
_cell.angle_alpha   90.000
_cell.angle_beta   90.000
_cell.angle_gamma   90.000
#
_symmetry.space_group_name_H-M   'I 2 2 2'
#
loop_
_entity.id
_entity.type
_entity.pdbx_description
1 polymer 'Tetrahedral Nanocage Cage, Non-Fusion Component'
2 polymer 'Tetrahedral Nanocage Cage Component Fused to Anti-BARD1 Darpin'
3 non-polymer 'CALCIUM ION'
#
loop_
_entity_poly.entity_id
_entity_poly.type
_entity_poly.pdbx_seq_one_letter_code
_entity_poly.pdbx_strand_id
1 'polypeptide(L)'
;MRITTKVGDKGSTRLFGGEEVWKDDPIIEANGTLDELTSFIGEAKHYVDEEMKGILEEIQNDIYKIMGEIGSKGKIEGIS
EERIKWLAGLIERYSEMVNKLSFVLPGGTLESAKLDVCRTIARRAERKVATVLREFGIGTLAAIYLALLSRLLFLLARVI
EIEKNKLKEVRSHHHHHH
;
A,B,C
2 'polypeptide(L)'
;MFTRRGDQGETDLANRARVGKDSPVVEVQGTIDELNSFIGYALVLSRWDDIRNDLFRIQNDLFVLGEDVSTGGKGRTVTM
DMIIYLIKRSVEMKAEIGKIELFVVPGGSVESASLHMARAVSRRLERRIKAASELTEINANVLLYANMLSNILFMHALIS
NKRKEELDKKLLEAARAGQDDEVAALLAKGADVNASDYKGTTPLHVAAWNGHLEIVDVLLARGADINASDSYGDTPLHLA
ANYGHLEIVDLLLRWGADVNASDSSGKTPLHLAAQDGHLEIVDVLLAHGADVNAQDKFGKTPFDLAIDNGNEDIAEVLQK
AA
;
D,E,F
#
# COMPACT_ATOMS: atom_id res chain seq x y z
N ARG A 14 49.22 -11.93 5.34
CA ARG A 14 47.93 -11.40 4.92
C ARG A 14 48.10 -10.27 3.93
N LEU A 15 49.25 -9.59 4.03
CA LEU A 15 49.48 -8.38 3.25
C LEU A 15 49.52 -8.67 1.76
N PHE A 16 50.26 -9.70 1.36
CA PHE A 16 50.41 -10.02 -0.05
C PHE A 16 49.07 -10.37 -0.69
N GLY A 17 48.20 -11.05 0.05
CA GLY A 17 46.95 -11.52 -0.50
C GLY A 17 45.88 -10.46 -0.65
N GLY A 18 45.48 -9.85 0.46
CA GLY A 18 44.38 -8.91 0.41
C GLY A 18 43.12 -9.57 -0.10
N GLU A 19 42.45 -8.88 -1.03
CA GLU A 19 41.19 -9.34 -1.60
C GLU A 19 41.39 -9.60 -3.09
N GLU A 20 40.97 -10.78 -3.55
CA GLU A 20 41.15 -11.19 -4.94
C GLU A 20 39.83 -11.65 -5.51
N VAL A 21 39.46 -11.12 -6.67
CA VAL A 21 38.21 -11.44 -7.33
C VAL A 21 38.50 -11.91 -8.76
N TRP A 22 38.09 -13.14 -9.09
CA TRP A 22 38.37 -13.72 -10.43
C TRP A 22 37.14 -14.45 -10.99
N LYS A 23 35.98 -13.79 -11.09
CA LYS A 23 34.82 -14.44 -11.71
C LYS A 23 33.92 -13.36 -12.28
N ASP A 24 33.13 -13.73 -13.28
CA ASP A 24 32.17 -12.82 -13.92
C ASP A 24 30.74 -13.30 -13.69
N ASP A 25 30.03 -12.57 -12.85
CA ASP A 25 28.62 -12.78 -12.52
C ASP A 25 28.02 -11.39 -12.39
N PRO A 26 26.70 -11.27 -12.40
CA PRO A 26 26.09 -9.94 -12.19
C PRO A 26 26.41 -9.23 -10.87
N ILE A 27 26.51 -9.95 -9.74
CA ILE A 27 26.84 -9.28 -8.48
C ILE A 27 28.22 -8.64 -8.53
N ILE A 28 29.22 -9.37 -9.03
CA ILE A 28 30.58 -8.83 -9.09
C ILE A 28 30.64 -7.64 -10.02
N GLU A 29 30.00 -7.72 -11.18
CA GLU A 29 30.03 -6.61 -12.12
C GLU A 29 29.36 -5.37 -11.55
N ALA A 30 28.21 -5.53 -10.88
CA ALA A 30 27.55 -4.38 -10.29
C ALA A 30 28.41 -3.73 -9.21
N ASN A 31 29.01 -4.53 -8.33
CA ASN A 31 29.87 -3.98 -7.28
C ASN A 31 31.13 -3.33 -7.85
N GLY A 32 31.71 -3.92 -8.89
CA GLY A 32 32.88 -3.32 -9.51
C GLY A 32 32.59 -1.97 -10.14
N THR A 33 31.45 -1.85 -10.83
CA THR A 33 31.08 -0.56 -11.42
C THR A 33 30.83 0.48 -10.33
N LEU A 34 30.22 0.06 -9.22
CA LEU A 34 29.99 0.96 -8.10
C LEU A 34 31.32 1.40 -7.46
N ASP A 35 32.29 0.49 -7.40
CA ASP A 35 33.62 0.86 -6.91
C ASP A 35 34.23 1.93 -7.82
N GLU A 36 34.08 1.76 -9.13
CA GLU A 36 34.53 2.78 -10.06
C GLU A 36 33.81 4.10 -9.81
N LEU A 37 32.48 4.02 -9.59
CA LEU A 37 31.69 5.22 -9.36
C LEU A 37 32.13 5.97 -8.10
N THR A 38 32.34 5.24 -7.00
CA THR A 38 32.75 5.89 -5.77
C THR A 38 34.18 6.41 -5.86
N SER A 39 35.06 5.73 -6.59
CA SER A 39 36.41 6.24 -6.80
C SER A 39 36.39 7.54 -7.61
N PHE A 40 35.57 7.58 -8.67
CA PHE A 40 35.50 8.79 -9.48
C PHE A 40 34.83 9.94 -8.72
N ILE A 41 33.85 9.63 -7.86
CA ILE A 41 33.26 10.65 -7.02
C ILE A 41 34.30 11.19 -6.04
N GLY A 42 35.13 10.31 -5.50
CA GLY A 42 36.21 10.76 -4.63
C GLY A 42 37.19 11.65 -5.37
N GLU A 43 37.43 11.35 -6.64
CA GLU A 43 38.25 12.24 -7.46
C GLU A 43 37.55 13.56 -7.71
N ALA A 44 36.25 13.52 -8.03
CA ALA A 44 35.52 14.72 -8.40
C ALA A 44 35.18 15.63 -7.23
N LYS A 45 35.13 15.09 -6.00
CA LYS A 45 34.76 15.93 -4.87
C LYS A 45 35.81 16.99 -4.53
N HIS A 46 37.03 16.86 -5.06
CA HIS A 46 38.08 17.85 -4.83
C HIS A 46 38.01 19.05 -5.77
N TYR A 47 37.05 19.08 -6.68
CA TYR A 47 36.91 20.20 -7.61
C TYR A 47 35.67 21.06 -7.37
N VAL A 48 34.82 20.71 -6.42
CA VAL A 48 33.59 21.44 -6.17
C VAL A 48 33.70 22.24 -4.88
N ASP A 49 32.69 23.05 -4.61
CA ASP A 49 32.67 23.87 -3.41
C ASP A 49 32.32 23.00 -2.19
N GLU A 50 32.26 23.65 -1.03
CA GLU A 50 32.08 22.91 0.22
C GLU A 50 30.74 22.20 0.26
N GLU A 51 29.68 22.85 -0.21
CA GLU A 51 28.35 22.25 -0.18
C GLU A 51 28.30 20.97 -1.02
N MET A 52 28.74 21.05 -2.28
CA MET A 52 28.75 19.86 -3.13
C MET A 52 29.71 18.79 -2.66
N LYS A 53 30.84 19.16 -2.04
CA LYS A 53 31.76 18.13 -1.52
C LYS A 53 31.13 17.28 -0.42
N GLY A 54 30.43 17.90 0.53
CA GLY A 54 29.76 17.12 1.56
C GLY A 54 28.67 16.23 1.00
N ILE A 55 27.91 16.73 0.03
CA ILE A 55 26.88 15.95 -0.63
C ILE A 55 27.48 14.71 -1.32
N LEU A 56 28.60 14.90 -2.03
CA LEU A 56 29.24 13.79 -2.73
C LEU A 56 29.81 12.75 -1.76
N GLU A 57 30.30 13.19 -0.60
CA GLU A 57 30.78 12.23 0.40
C GLU A 57 29.63 11.40 0.96
N GLU A 58 28.47 12.01 1.19
CA GLU A 58 27.30 11.23 1.60
C GLU A 58 26.91 10.22 0.54
N ILE A 59 27.03 10.60 -0.73
CA ILE A 59 26.75 9.68 -1.83
C ILE A 59 27.72 8.50 -1.78
N GLN A 60 28.99 8.77 -1.45
CA GLN A 60 29.96 7.69 -1.34
C GLN A 60 29.59 6.72 -0.22
N ASN A 61 29.13 7.23 0.92
CA ASN A 61 28.68 6.35 2.00
C ASN A 61 27.48 5.51 1.57
N ASP A 62 26.55 6.11 0.84
CA ASP A 62 25.39 5.37 0.33
C ASP A 62 25.82 4.28 -0.66
N ILE A 63 26.82 4.56 -1.49
CA ILE A 63 27.31 3.54 -2.41
C ILE A 63 27.89 2.36 -1.63
N TYR A 64 28.56 2.66 -0.51
CA TYR A 64 29.07 1.59 0.34
C TYR A 64 27.92 0.75 0.89
N LYS A 65 26.83 1.39 1.31
CA LYS A 65 25.65 0.64 1.76
C LYS A 65 25.08 -0.20 0.63
N ILE A 66 24.99 0.36 -0.58
CA ILE A 66 24.45 -0.37 -1.72
C ILE A 66 25.33 -1.58 -2.04
N MET A 67 26.65 -1.38 -2.01
CA MET A 67 27.56 -2.50 -2.25
C MET A 67 27.40 -3.54 -1.15
N GLY A 68 27.22 -3.11 0.09
CA GLY A 68 26.98 -4.04 1.17
C GLY A 68 25.72 -4.86 0.95
N GLU A 69 24.64 -4.22 0.47
CA GLU A 69 23.43 -4.98 0.18
C GLU A 69 23.65 -5.94 -0.98
N ILE A 70 24.27 -5.44 -2.05
CA ILE A 70 24.43 -6.26 -3.25
C ILE A 70 25.47 -7.35 -3.01
N GLY A 71 26.58 -6.98 -2.38
CA GLY A 71 27.64 -7.92 -2.06
C GLY A 71 27.25 -8.99 -1.07
N SER A 72 26.21 -8.72 -0.27
CA SER A 72 25.69 -9.69 0.69
C SER A 72 24.53 -10.48 0.12
N LYS A 73 24.22 -10.26 -1.15
CA LYS A 73 23.11 -10.93 -1.83
C LYS A 73 21.80 -10.68 -1.09
N GLY A 74 21.69 -9.45 -0.56
CA GLY A 74 20.51 -8.98 0.12
C GLY A 74 20.45 -9.31 1.60
N LYS A 75 21.37 -10.13 2.10
CA LYS A 75 21.37 -10.46 3.53
C LYS A 75 21.68 -9.25 4.40
N ILE A 76 22.64 -8.43 4.00
CA ILE A 76 22.95 -7.20 4.72
C ILE A 76 22.13 -6.04 4.18
N GLU A 77 21.50 -5.30 5.09
CA GLU A 77 20.67 -4.17 4.72
C GLU A 77 21.51 -3.09 4.04
N GLY A 78 20.95 -2.54 2.96
CA GLY A 78 21.56 -1.51 2.13
C GLY A 78 21.05 -0.13 2.47
N ILE A 79 20.78 0.66 1.44
CA ILE A 79 20.30 2.01 1.68
C ILE A 79 18.85 1.95 2.15
N SER A 80 18.41 3.06 2.74
CA SER A 80 17.05 3.19 3.23
C SER A 80 16.27 4.13 2.32
N GLU A 81 14.95 4.15 2.52
CA GLU A 81 14.11 5.05 1.75
C GLU A 81 14.38 6.51 2.08
N GLU A 82 14.93 6.78 3.26
CA GLU A 82 15.28 8.15 3.63
C GLU A 82 16.39 8.68 2.72
N ARG A 83 17.34 7.82 2.36
CA ARG A 83 18.39 8.22 1.44
C ARG A 83 17.85 8.55 0.06
N ILE A 84 16.87 7.79 -0.43
CA ILE A 84 16.27 8.12 -1.72
C ILE A 84 15.53 9.46 -1.64
N LYS A 85 14.84 9.72 -0.53
CA LYS A 85 14.19 11.02 -0.36
C LYS A 85 15.20 12.16 -0.33
N TRP A 86 16.35 11.92 0.30
CA TRP A 86 17.39 12.93 0.32
C TRP A 86 17.86 13.29 -1.08
N LEU A 87 18.07 12.30 -1.94
CA LEU A 87 18.42 12.58 -3.33
C LEU A 87 17.34 13.35 -4.06
N ALA A 88 16.07 12.97 -3.86
CA ALA A 88 14.97 13.66 -4.54
C ALA A 88 14.85 15.12 -4.12
N GLY A 89 15.02 15.42 -2.84
CA GLY A 89 14.99 16.81 -2.42
C GLY A 89 16.10 17.64 -3.04
N LEU A 90 17.31 17.08 -3.11
CA LEU A 90 18.41 17.77 -3.77
C LEU A 90 18.14 17.98 -5.25
N ILE A 91 17.57 16.97 -5.92
CA ILE A 91 17.27 17.10 -7.35
C ILE A 91 16.25 18.21 -7.59
N GLU A 92 15.22 18.28 -6.75
CA GLU A 92 14.23 19.35 -6.89
C GLU A 92 14.85 20.71 -6.65
N ARG A 93 15.72 20.81 -5.65
CA ARG A 93 16.35 22.09 -5.33
C ARG A 93 17.22 22.56 -6.48
N TYR A 94 18.00 21.66 -7.08
CA TYR A 94 18.88 22.11 -8.14
C TYR A 94 18.20 22.16 -9.50
N SER A 95 17.00 21.59 -9.64
CA SER A 95 16.35 21.67 -10.95
C SER A 95 15.80 23.07 -11.17
N GLU A 96 15.47 23.77 -10.08
CA GLU A 96 14.97 25.14 -10.18
C GLU A 96 16.06 26.05 -10.70
N MET A 97 17.29 25.82 -10.25
CA MET A 97 18.43 26.64 -10.64
C MET A 97 18.81 26.44 -12.10
N VAL A 98 18.74 25.20 -12.58
CA VAL A 98 19.05 24.92 -13.98
C VAL A 98 17.88 25.34 -14.85
N ASN A 99 17.85 26.62 -15.24
CA ASN A 99 16.98 27.01 -16.35
C ASN A 99 17.28 26.12 -17.53
N LYS A 100 16.27 25.36 -17.98
CA LYS A 100 16.51 24.25 -18.87
C LYS A 100 17.22 24.70 -20.13
N LEU A 101 18.34 24.04 -20.41
CA LEU A 101 19.13 24.29 -21.59
C LEU A 101 18.81 23.19 -22.60
N SER A 102 18.55 23.59 -23.85
CA SER A 102 18.12 22.62 -24.84
C SER A 102 19.16 21.54 -25.05
N PHE A 103 20.43 21.95 -25.16
CA PHE A 103 21.53 21.00 -25.18
C PHE A 103 22.80 21.72 -24.75
N VAL A 104 23.64 21.01 -24.01
CA VAL A 104 24.95 21.50 -23.60
C VAL A 104 25.94 20.37 -23.78
N LEU A 105 27.05 20.66 -24.43
CA LEU A 105 28.06 19.63 -24.65
C LEU A 105 28.65 19.22 -23.30
N PRO A 106 28.86 17.93 -23.07
CA PRO A 106 29.48 17.53 -21.80
C PRO A 106 30.87 18.11 -21.66
N GLY A 107 31.20 18.51 -20.44
CA GLY A 107 32.51 19.05 -20.14
C GLY A 107 32.54 20.52 -20.53
N GLY A 108 31.50 21.28 -20.16
CA GLY A 108 31.54 22.71 -20.40
C GLY A 108 32.69 23.40 -19.70
N THR A 109 32.97 23.02 -18.46
CA THR A 109 34.15 23.43 -17.74
C THR A 109 34.93 22.20 -17.29
N LEU A 110 36.13 22.42 -16.74
CA LEU A 110 36.96 21.29 -16.26
C LEU A 110 36.24 20.60 -15.09
N GLU A 111 35.71 21.39 -14.15
CA GLU A 111 34.99 20.83 -13.01
C GLU A 111 33.70 20.11 -13.44
N SER A 112 33.00 20.70 -14.42
CA SER A 112 31.79 20.08 -14.98
C SER A 112 32.08 18.74 -15.66
N ALA A 113 33.23 18.62 -16.31
CA ALA A 113 33.59 17.36 -16.95
C ALA A 113 33.72 16.20 -15.96
N LYS A 114 34.32 16.43 -14.79
CA LYS A 114 34.41 15.36 -13.80
C LYS A 114 33.03 14.85 -13.40
N LEU A 115 32.08 15.75 -13.17
CA LEU A 115 30.75 15.29 -12.81
C LEU A 115 30.08 14.53 -13.94
N ASP A 116 30.36 14.89 -15.19
CA ASP A 116 29.79 14.15 -16.32
C ASP A 116 30.37 12.74 -16.39
N VAL A 117 31.67 12.58 -16.11
CA VAL A 117 32.25 11.24 -16.05
C VAL A 117 31.58 10.43 -14.95
N CYS A 118 31.38 11.03 -13.78
CA CYS A 118 30.67 10.32 -12.71
C CYS A 118 29.24 9.96 -13.11
N ARG A 119 28.58 10.83 -13.89
CA ARG A 119 27.22 10.53 -14.32
C ARG A 119 27.18 9.31 -15.25
N THR A 120 28.12 9.23 -16.19
CA THR A 120 28.17 8.06 -17.09
C THR A 120 28.44 6.78 -16.31
N ILE A 121 29.35 6.82 -15.34
CA ILE A 121 29.63 5.64 -14.54
C ILE A 121 28.41 5.28 -13.67
N ALA A 122 27.68 6.29 -13.19
CA ALA A 122 26.47 6.01 -12.43
C ALA A 122 25.41 5.35 -13.30
N ARG A 123 25.27 5.80 -14.55
CA ARG A 123 24.34 5.17 -15.47
C ARG A 123 24.70 3.71 -15.77
N ARG A 124 26.00 3.43 -15.99
CA ARG A 124 26.40 2.04 -16.21
C ARG A 124 26.14 1.19 -14.98
N ALA A 125 26.43 1.74 -13.80
CA ALA A 125 26.15 1.02 -12.56
C ALA A 125 24.65 0.78 -12.40
N GLU A 126 23.85 1.76 -12.83
CA GLU A 126 22.41 1.58 -12.81
C GLU A 126 21.99 0.39 -13.68
N ARG A 127 22.60 0.27 -14.86
CA ARG A 127 22.30 -0.87 -15.73
C ARG A 127 22.71 -2.19 -15.07
N LYS A 128 23.91 -2.22 -14.49
CA LYS A 128 24.40 -3.44 -13.83
C LYS A 128 23.56 -3.82 -12.62
N VAL A 129 23.16 -2.82 -11.81
CA VAL A 129 22.34 -3.12 -10.64
C VAL A 129 20.96 -3.58 -11.08
N ALA A 130 20.46 -3.02 -12.19
CA ALA A 130 19.21 -3.49 -12.77
C ALA A 130 19.35 -4.95 -13.20
N THR A 131 20.49 -5.31 -13.77
CA THR A 131 20.73 -6.71 -14.11
C THR A 131 20.70 -7.59 -12.86
N VAL A 132 21.32 -7.13 -11.77
CA VAL A 132 21.30 -7.92 -10.54
C VAL A 132 19.87 -8.06 -10.05
N LEU A 133 19.10 -6.97 -10.11
CA LEU A 133 17.72 -7.02 -9.66
C LEU A 133 16.90 -7.98 -10.51
N ARG A 134 17.13 -7.96 -11.83
CA ARG A 134 16.43 -8.88 -12.72
C ARG A 134 16.83 -10.33 -12.43
N GLU A 135 18.12 -10.58 -12.18
CA GLU A 135 18.60 -11.95 -12.03
C GLU A 135 18.25 -12.53 -10.65
N PHE A 136 18.29 -11.70 -9.61
CA PHE A 136 18.13 -12.17 -8.23
C PHE A 136 17.00 -11.51 -7.47
N GLY A 137 16.48 -10.38 -7.92
CA GLY A 137 15.42 -9.72 -7.18
C GLY A 137 15.90 -8.91 -6.00
N ILE A 138 17.18 -8.59 -5.93
CA ILE A 138 17.74 -7.81 -4.82
C ILE A 138 18.34 -6.54 -5.40
N GLY A 139 17.97 -5.40 -4.81
CA GLY A 139 18.59 -4.13 -5.16
C GLY A 139 17.60 -3.15 -5.77
N THR A 140 16.33 -3.24 -5.37
CA THR A 140 15.33 -2.27 -5.83
C THR A 140 15.63 -0.87 -5.33
N LEU A 141 15.87 -0.72 -4.02
CA LEU A 141 16.22 0.60 -3.49
C LEU A 141 17.52 1.10 -4.09
N ALA A 142 18.47 0.19 -4.31
CA ALA A 142 19.74 0.56 -4.93
C ALA A 142 19.52 1.06 -6.35
N ALA A 143 18.64 0.40 -7.11
CA ALA A 143 18.37 0.83 -8.48
C ALA A 143 17.73 2.22 -8.52
N ILE A 144 16.77 2.48 -7.63
CA ILE A 144 16.15 3.80 -7.57
C ILE A 144 17.19 4.88 -7.23
N TYR A 145 18.06 4.59 -6.27
CA TYR A 145 19.09 5.56 -5.89
C TYR A 145 20.04 5.85 -7.04
N LEU A 146 20.42 4.84 -7.81
CA LEU A 146 21.37 5.06 -8.90
C LEU A 146 20.76 5.84 -10.04
N ALA A 147 19.48 5.60 -10.34
CA ALA A 147 18.80 6.41 -11.35
C ALA A 147 18.75 7.87 -10.92
N LEU A 148 18.35 8.12 -9.67
CA LEU A 148 18.33 9.48 -9.15
C LEU A 148 19.73 10.09 -9.10
N LEU A 149 20.75 9.27 -8.87
CA LEU A 149 22.11 9.77 -8.78
C LEU A 149 22.61 10.27 -10.13
N SER A 150 22.30 9.56 -11.22
CA SER A 150 22.71 10.05 -12.53
C SER A 150 22.04 11.39 -12.85
N ARG A 151 20.75 11.54 -12.55
CA ARG A 151 20.11 12.83 -12.75
C ARG A 151 20.74 13.93 -11.90
N LEU A 152 21.03 13.64 -10.64
CA LEU A 152 21.60 14.67 -9.77
C LEU A 152 23.00 15.07 -10.24
N LEU A 153 23.79 14.10 -10.69
CA LEU A 153 25.13 14.42 -11.18
C LEU A 153 25.04 15.30 -12.42
N PHE A 154 24.09 14.99 -13.31
CA PHE A 154 23.81 15.85 -14.45
C PHE A 154 23.46 17.27 -14.01
N LEU A 155 22.57 17.39 -13.02
CA LEU A 155 22.16 18.72 -12.56
C LEU A 155 23.35 19.49 -11.97
N LEU A 156 24.21 18.80 -11.22
CA LEU A 156 25.37 19.44 -10.61
C LEU A 156 26.37 19.93 -11.64
N ALA A 157 26.58 19.14 -12.70
CA ALA A 157 27.45 19.60 -13.78
C ALA A 157 26.92 20.87 -14.42
N ARG A 158 25.61 20.91 -14.70
CA ARG A 158 25.03 22.11 -15.30
C ARG A 158 25.13 23.30 -14.36
N VAL A 159 24.95 23.07 -13.06
CA VAL A 159 25.04 24.14 -12.06
C VAL A 159 26.46 24.68 -11.97
N ILE A 160 27.46 23.78 -12.02
CA ILE A 160 28.86 24.20 -12.03
C ILE A 160 29.14 25.07 -13.25
N GLU A 161 28.62 24.67 -14.40
CA GLU A 161 28.81 25.46 -15.63
C GLU A 161 28.24 26.86 -15.45
N ILE A 162 27.05 26.98 -14.86
CA ILE A 162 26.40 28.27 -14.69
C ILE A 162 27.22 29.18 -13.78
N GLU A 163 27.72 28.64 -12.67
CA GLU A 163 28.47 29.47 -11.72
C GLU A 163 29.79 29.92 -12.32
N LYS A 164 30.47 29.04 -13.05
CA LYS A 164 31.72 29.39 -13.69
C LYS A 164 31.47 30.38 -14.83
N ASN A 165 30.36 30.21 -15.55
CA ASN A 165 29.98 31.15 -16.60
C ASN A 165 29.67 32.53 -16.02
N LYS A 166 29.03 32.58 -14.85
CA LYS A 166 28.72 33.88 -14.26
C LYS A 166 29.99 34.64 -13.91
N LEU A 167 31.01 33.90 -13.47
CA LEU A 167 32.33 34.50 -13.27
C LEU A 167 33.00 34.82 -14.60
N LYS A 168 32.63 34.09 -15.66
CA LYS A 168 33.15 34.37 -17.02
C LYS A 168 32.62 35.69 -17.57
N GLU A 169 31.40 36.08 -17.19
CA GLU A 169 30.85 37.35 -17.65
C GLU A 169 31.47 38.54 -16.92
N VAL A 170 31.81 38.36 -15.63
CA VAL A 170 32.44 39.44 -14.87
C VAL A 170 33.82 39.76 -15.45
N ARG A 171 34.47 38.77 -16.08
CA ARG A 171 35.79 38.98 -16.67
C ARG A 171 35.70 39.78 -17.96
N SER A 172 34.87 39.32 -18.90
CA SER A 172 34.76 39.96 -20.20
C SER A 172 34.22 41.37 -20.10
N ARG B 14 48.73 4.09 -44.95
CA ARG B 14 48.75 3.36 -43.69
C ARG B 14 48.23 4.21 -42.54
N LEU B 15 48.38 5.52 -42.68
CA LEU B 15 48.04 6.42 -41.59
C LEU B 15 46.56 6.38 -41.25
N PHE B 16 45.70 6.38 -42.28
CA PHE B 16 44.26 6.39 -42.05
C PHE B 16 43.82 5.16 -41.25
N GLY B 17 44.45 4.03 -41.50
CA GLY B 17 44.04 2.79 -40.87
C GLY B 17 44.50 2.57 -39.45
N GLY B 18 45.80 2.58 -39.21
CA GLY B 18 46.32 2.24 -37.90
C GLY B 18 45.89 0.84 -37.49
N GLU B 19 45.41 0.70 -36.26
CA GLU B 19 44.99 -0.58 -35.72
C GLU B 19 43.50 -0.53 -35.39
N GLU B 20 42.75 -1.51 -35.87
CA GLU B 20 41.31 -1.56 -35.72
C GLU B 20 40.89 -2.90 -35.13
N VAL B 21 40.07 -2.86 -34.10
CA VAL B 21 39.60 -4.06 -33.40
C VAL B 21 38.07 -4.05 -33.39
N TRP B 22 37.46 -5.11 -33.93
CA TRP B 22 36.00 -5.20 -34.02
C TRP B 22 35.51 -6.61 -33.67
N LYS B 23 35.79 -7.08 -32.46
CA LYS B 23 35.22 -8.32 -31.99
C LYS B 23 35.30 -8.37 -30.48
N ASP B 24 34.40 -9.16 -29.88
CA ASP B 24 34.36 -9.35 -28.43
C ASP B 24 34.67 -10.80 -28.09
N ASP B 25 35.87 -10.99 -27.54
CA ASP B 25 36.30 -12.33 -27.09
C ASP B 25 37.20 -12.08 -25.86
N PRO B 26 37.36 -13.02 -24.90
CA PRO B 26 38.16 -12.75 -23.69
C PRO B 26 39.53 -12.12 -23.91
N ILE B 27 40.27 -12.52 -24.96
CA ILE B 27 41.58 -11.92 -25.20
C ILE B 27 41.47 -10.42 -25.45
N ILE B 28 40.51 -10.04 -26.31
CA ILE B 28 40.36 -8.60 -26.67
C ILE B 28 39.92 -7.81 -25.43
N GLU B 29 39.00 -8.35 -24.64
CA GLU B 29 38.52 -7.64 -23.46
C GLU B 29 39.63 -7.49 -22.41
N ALA B 30 40.43 -8.54 -22.19
CA ALA B 30 41.52 -8.43 -21.22
C ALA B 30 42.55 -7.38 -21.63
N ASN B 31 42.94 -7.38 -22.91
CA ASN B 31 43.91 -6.39 -23.39
C ASN B 31 43.35 -4.96 -23.34
N GLY B 32 42.07 -4.78 -23.67
CA GLY B 32 41.50 -3.45 -23.58
C GLY B 32 41.49 -2.91 -22.16
N THR B 33 41.14 -3.75 -21.19
CA THR B 33 41.15 -3.30 -19.80
C THR B 33 42.58 -2.98 -19.35
N LEU B 34 43.55 -3.79 -19.78
CA LEU B 34 44.95 -3.51 -19.45
C LEU B 34 45.42 -2.23 -20.13
N ASP B 35 44.96 -1.98 -21.35
CA ASP B 35 45.28 -0.73 -22.01
C ASP B 35 44.67 0.43 -21.24
N GLU B 36 43.44 0.27 -20.77
CA GLU B 36 42.82 1.26 -19.91
C GLU B 36 43.61 1.46 -18.63
N LEU B 37 44.07 0.35 -18.02
CA LEU B 37 44.84 0.42 -16.79
C LEU B 37 46.16 1.17 -16.98
N THR B 38 46.90 0.87 -18.05
CA THR B 38 48.18 1.53 -18.26
C THR B 38 48.00 3.00 -18.65
N SER B 39 46.93 3.34 -19.37
CA SER B 39 46.65 4.74 -19.67
C SER B 39 46.35 5.54 -18.41
N PHE B 40 45.56 4.98 -17.50
CA PHE B 40 45.22 5.67 -16.26
C PHE B 40 46.44 5.81 -15.35
N ILE B 41 47.33 4.82 -15.35
CA ILE B 41 48.57 4.93 -14.59
C ILE B 41 49.44 6.04 -15.16
N GLY B 42 49.49 6.18 -16.49
CA GLY B 42 50.23 7.30 -17.06
C GLY B 42 49.65 8.64 -16.65
N GLU B 43 48.33 8.72 -16.51
CA GLU B 43 47.71 9.91 -15.98
C GLU B 43 48.06 10.12 -14.51
N ALA B 44 48.00 9.05 -13.71
CA ALA B 44 48.19 9.17 -12.28
C ALA B 44 49.64 9.39 -11.89
N LYS B 45 50.59 8.99 -12.73
CA LYS B 45 52.00 9.15 -12.35
C LYS B 45 52.43 10.61 -12.30
N HIS B 46 51.64 11.52 -12.89
CA HIS B 46 51.97 12.94 -12.86
C HIS B 46 51.52 13.64 -11.58
N TYR B 47 50.86 12.93 -10.66
CA TYR B 47 50.43 13.51 -9.40
C TYR B 47 51.20 12.99 -8.19
N VAL B 48 52.11 12.05 -8.39
CA VAL B 48 52.86 11.45 -7.29
C VAL B 48 54.29 11.96 -7.33
N ASP B 49 55.06 11.60 -6.29
CA ASP B 49 56.45 12.03 -6.21
C ASP B 49 57.33 11.20 -7.12
N GLU B 50 58.63 11.51 -7.08
CA GLU B 50 59.58 10.89 -8.01
C GLU B 50 59.67 9.38 -7.77
N GLU B 51 59.67 8.97 -6.50
CA GLU B 51 59.79 7.55 -6.18
C GLU B 51 58.61 6.76 -6.73
N MET B 52 57.39 7.21 -6.45
CA MET B 52 56.21 6.53 -6.98
C MET B 52 56.09 6.62 -8.50
N LYS B 53 56.57 7.72 -9.10
CA LYS B 53 56.52 7.83 -10.56
C LYS B 53 57.37 6.76 -11.24
N GLY B 54 58.59 6.51 -10.75
CA GLY B 54 59.38 5.44 -11.33
C GLY B 54 58.76 4.07 -11.14
N ILE B 55 58.17 3.84 -9.97
CA ILE B 55 57.47 2.58 -9.71
C ILE B 55 56.31 2.39 -10.67
N LEU B 56 55.53 3.44 -10.89
CA LEU B 56 54.38 3.35 -11.80
C LEU B 56 54.79 3.15 -13.24
N GLU B 57 55.92 3.72 -13.66
CA GLU B 57 56.41 3.49 -15.01
C GLU B 57 56.87 2.05 -15.20
N GLU B 58 57.53 1.46 -14.19
CA GLU B 58 57.88 0.04 -14.27
C GLU B 58 56.64 -0.83 -14.36
N ILE B 59 55.58 -0.47 -13.63
CA ILE B 59 54.32 -1.20 -13.72
C ILE B 59 53.76 -1.13 -15.14
N GLN B 60 53.88 0.05 -15.77
CA GLN B 60 53.42 0.20 -17.15
C GLN B 60 54.19 -0.72 -18.09
N ASN B 61 55.51 -0.82 -17.90
CA ASN B 61 56.30 -1.75 -18.71
C ASN B 61 55.88 -3.19 -18.50
N ASP B 62 55.60 -3.57 -17.24
CA ASP B 62 55.14 -4.92 -16.95
C ASP B 62 53.78 -5.20 -17.59
N ILE B 63 52.89 -4.20 -17.60
CA ILE B 63 51.60 -4.38 -18.25
C ILE B 63 51.77 -4.62 -19.74
N TYR B 64 52.75 -3.94 -20.36
CA TYR B 64 53.03 -4.20 -21.77
C TYR B 64 53.49 -5.63 -22.00
N LYS B 65 54.34 -6.17 -21.11
CA LYS B 65 54.73 -7.57 -21.23
C LYS B 65 53.51 -8.47 -21.11
N ILE B 66 52.62 -8.17 -20.15
CA ILE B 66 51.42 -9.00 -19.98
C ILE B 66 50.56 -8.95 -21.22
N MET B 67 50.38 -7.75 -21.79
CA MET B 67 49.63 -7.61 -23.03
C MET B 67 50.30 -8.35 -24.17
N GLY B 68 51.63 -8.29 -24.23
CA GLY B 68 52.34 -9.02 -25.26
C GLY B 68 52.10 -10.52 -25.14
N GLU B 69 52.08 -11.04 -23.92
CA GLU B 69 51.80 -12.46 -23.73
C GLU B 69 50.37 -12.78 -24.11
N ILE B 70 49.41 -11.97 -23.64
CA ILE B 70 48.01 -12.26 -23.85
C ILE B 70 47.64 -12.03 -25.32
N GLY B 71 48.11 -10.92 -25.90
CA GLY B 71 47.84 -10.63 -27.30
C GLY B 71 48.44 -11.62 -28.26
N SER B 72 49.48 -12.32 -27.84
CA SER B 72 50.14 -13.36 -28.63
C SER B 72 49.60 -14.74 -28.31
N LYS B 73 48.59 -14.82 -27.44
CA LYS B 73 47.97 -16.08 -27.03
C LYS B 73 49.02 -17.00 -26.41
N GLY B 74 49.96 -16.41 -25.67
CA GLY B 74 51.00 -17.11 -24.96
C GLY B 74 52.24 -17.41 -25.77
N LYS B 75 52.23 -17.14 -27.07
CA LYS B 75 53.41 -17.37 -27.88
C LYS B 75 54.57 -16.45 -27.49
N ILE B 76 54.27 -15.17 -27.22
CA ILE B 76 55.26 -14.20 -26.75
C ILE B 76 55.34 -14.20 -25.24
N GLU B 77 56.57 -14.28 -24.72
CA GLU B 77 56.80 -14.29 -23.29
C GLU B 77 56.33 -12.99 -22.64
N GLY B 78 55.67 -13.13 -21.50
CA GLY B 78 55.11 -12.04 -20.73
C GLY B 78 56.00 -11.66 -19.58
N ILE B 79 55.38 -11.40 -18.42
CA ILE B 79 56.17 -11.01 -17.27
C ILE B 79 56.89 -12.22 -16.71
N SER B 80 57.92 -11.95 -15.91
CA SER B 80 58.69 -13.00 -15.28
C SER B 80 58.34 -13.06 -13.80
N GLU B 81 58.79 -14.13 -13.14
CA GLU B 81 58.55 -14.23 -11.71
C GLU B 81 59.31 -13.19 -10.91
N GLU B 82 60.39 -12.63 -11.47
CA GLU B 82 61.12 -11.57 -10.78
C GLU B 82 60.27 -10.32 -10.65
N ARG B 83 59.44 -10.04 -11.67
CA ARG B 83 58.54 -8.90 -11.60
C ARG B 83 57.48 -9.08 -10.50
N ILE B 84 56.96 -10.30 -10.35
CA ILE B 84 56.00 -10.55 -9.28
C ILE B 84 56.64 -10.40 -7.91
N LYS B 85 57.89 -10.84 -7.76
CA LYS B 85 58.61 -10.64 -6.50
C LYS B 85 58.82 -9.16 -6.21
N TRP B 86 59.11 -8.37 -7.25
CA TRP B 86 59.27 -6.93 -7.08
C TRP B 86 57.99 -6.28 -6.56
N LEU B 87 56.83 -6.64 -7.11
CA LEU B 87 55.56 -6.13 -6.60
C LEU B 87 55.33 -6.55 -5.14
N ALA B 88 55.62 -7.80 -4.81
CA ALA B 88 55.44 -8.29 -3.45
C ALA B 88 56.32 -7.55 -2.45
N GLY B 89 57.57 -7.26 -2.83
CA GLY B 89 58.43 -6.51 -1.93
C GLY B 89 57.90 -5.11 -1.65
N LEU B 90 57.38 -4.43 -2.67
CA LEU B 90 56.77 -3.13 -2.44
C LEU B 90 55.55 -3.23 -1.53
N ILE B 91 54.72 -4.27 -1.73
CA ILE B 91 53.55 -4.44 -0.87
C ILE B 91 53.97 -4.68 0.57
N GLU B 92 54.98 -5.53 0.77
CA GLU B 92 55.49 -5.79 2.11
C GLU B 92 56.09 -4.52 2.72
N ARG B 93 56.83 -3.76 1.91
CA ARG B 93 57.45 -2.54 2.41
C ARG B 93 56.40 -1.50 2.82
N TYR B 94 55.35 -1.34 2.02
CA TYR B 94 54.37 -0.32 2.34
C TYR B 94 53.30 -0.79 3.32
N SER B 95 53.20 -2.09 3.61
CA SER B 95 52.17 -2.50 4.55
C SER B 95 52.58 -2.13 5.97
N GLU B 96 53.89 -2.06 6.23
CA GLU B 96 54.36 -1.67 7.55
C GLU B 96 53.98 -0.21 7.83
N MET B 97 54.08 0.63 6.81
CA MET B 97 53.79 2.05 6.97
C MET B 97 52.31 2.28 7.20
N VAL B 98 51.46 1.55 6.48
CA VAL B 98 50.02 1.69 6.66
C VAL B 98 49.64 0.96 7.94
N ASN B 99 49.76 1.64 9.08
CA ASN B 99 49.10 1.18 10.28
C ASN B 99 47.63 0.96 9.94
N LYS B 100 47.17 -0.27 10.09
CA LYS B 100 45.93 -0.70 9.44
C LYS B 100 44.78 0.19 9.84
N LEU B 101 44.10 0.74 8.83
CA LEU B 101 42.93 1.59 9.05
C LEU B 101 41.68 0.77 8.78
N SER B 102 40.72 0.83 9.70
CA SER B 102 39.54 -0.02 9.60
C SER B 102 38.72 0.31 8.36
N PHE B 103 38.51 1.60 8.09
CA PHE B 103 37.84 2.03 6.87
C PHE B 103 38.26 3.46 6.57
N VAL B 104 38.43 3.75 5.27
CA VAL B 104 38.75 5.09 4.79
C VAL B 104 37.94 5.35 3.52
N LEU B 105 37.29 6.51 3.45
CA LEU B 105 36.51 6.83 2.27
C LEU B 105 37.46 6.97 1.07
N PRO B 106 37.08 6.43 -0.09
CA PRO B 106 37.94 6.59 -1.27
C PRO B 106 38.12 8.05 -1.65
N GLY B 107 39.33 8.39 -2.07
CA GLY B 107 39.62 9.75 -2.51
C GLY B 107 39.90 10.66 -1.34
N GLY B 108 40.75 10.23 -0.40
CA GLY B 108 41.15 11.12 0.67
C GLY B 108 41.87 12.36 0.17
N THR B 109 42.74 12.20 -0.81
CA THR B 109 43.34 13.31 -1.53
C THR B 109 43.08 13.15 -3.02
N LEU B 110 43.43 14.18 -3.78
CA LEU B 110 43.26 14.11 -5.22
C LEU B 110 44.13 13.03 -5.82
N GLU B 111 45.39 12.97 -5.38
CA GLU B 111 46.31 11.95 -5.86
C GLU B 111 45.86 10.55 -5.43
N SER B 112 45.36 10.43 -4.20
CA SER B 112 44.81 9.16 -3.71
C SER B 112 43.60 8.71 -4.52
N ALA B 113 42.78 9.66 -4.96
CA ALA B 113 41.63 9.32 -5.80
C ALA B 113 42.04 8.73 -7.13
N LYS B 114 43.08 9.28 -7.76
CA LYS B 114 43.57 8.71 -9.01
C LYS B 114 44.02 7.27 -8.83
N LEU B 115 44.74 6.99 -7.74
CA LEU B 115 45.21 5.63 -7.48
C LEU B 115 44.05 4.69 -7.18
N ASP B 116 42.99 5.18 -6.54
CA ASP B 116 41.83 4.32 -6.30
C ASP B 116 41.14 3.97 -7.61
N VAL B 117 41.04 4.92 -8.53
CA VAL B 117 40.50 4.63 -9.86
C VAL B 117 41.37 3.59 -10.56
N CYS B 118 42.69 3.75 -10.49
CA CYS B 118 43.59 2.75 -11.08
C CYS B 118 43.42 1.38 -10.44
N ARG B 119 43.17 1.33 -9.12
CA ARG B 119 42.98 0.05 -8.46
C ARG B 119 41.71 -0.65 -8.95
N THR B 120 40.63 0.10 -9.13
CA THR B 120 39.40 -0.53 -9.63
C THR B 120 39.61 -1.07 -11.03
N ILE B 121 40.32 -0.33 -11.89
CA ILE B 121 40.59 -0.82 -13.24
C ILE B 121 41.50 -2.04 -13.19
N ALA B 122 42.45 -2.04 -12.25
CA ALA B 122 43.31 -3.22 -12.09
C ALA B 122 42.52 -4.44 -11.63
N ARG B 123 41.56 -4.24 -10.73
CA ARG B 123 40.70 -5.34 -10.30
C ARG B 123 39.86 -5.88 -11.45
N ARG B 124 39.28 -4.98 -12.26
CA ARG B 124 38.51 -5.43 -13.41
C ARG B 124 39.40 -6.17 -14.41
N ALA B 125 40.62 -5.65 -14.62
CA ALA B 125 41.55 -6.33 -15.51
C ALA B 125 41.93 -7.70 -14.98
N GLU B 126 42.05 -7.82 -13.66
CA GLU B 126 42.30 -9.11 -13.06
C GLU B 126 41.17 -10.08 -13.36
N ARG B 127 39.93 -9.63 -13.26
CA ARG B 127 38.79 -10.48 -13.60
C ARG B 127 38.78 -10.90 -15.08
N LYS B 128 39.06 -9.95 -15.99
CA LYS B 128 39.06 -10.28 -17.41
C LYS B 128 40.17 -11.26 -17.77
N VAL B 129 41.36 -11.08 -17.20
CA VAL B 129 42.47 -11.98 -17.46
C VAL B 129 42.20 -13.34 -16.86
N ALA B 130 41.52 -13.38 -15.71
CA ALA B 130 41.10 -14.65 -15.12
C ALA B 130 40.16 -15.40 -16.05
N THR B 131 39.26 -14.67 -16.72
CA THR B 131 38.41 -15.32 -17.72
C THR B 131 39.26 -15.93 -18.82
N VAL B 132 40.30 -15.21 -19.27
CA VAL B 132 41.17 -15.74 -20.31
C VAL B 132 41.90 -16.99 -19.81
N LEU B 133 42.37 -16.97 -18.56
CA LEU B 133 43.08 -18.12 -18.03
C LEU B 133 42.17 -19.34 -17.95
N ARG B 134 40.90 -19.13 -17.55
CA ARG B 134 39.95 -20.22 -17.51
C ARG B 134 39.69 -20.78 -18.90
N GLU B 135 39.60 -19.90 -19.90
CA GLU B 135 39.23 -20.31 -21.24
C GLU B 135 40.39 -20.99 -21.97
N PHE B 136 41.62 -20.53 -21.74
CA PHE B 136 42.75 -21.00 -22.53
C PHE B 136 43.90 -21.60 -21.72
N GLY B 137 43.95 -21.37 -20.42
CA GLY B 137 45.03 -21.92 -19.62
C GLY B 137 46.33 -21.16 -19.73
N ILE B 138 46.30 -19.92 -20.22
CA ILE B 138 47.49 -19.08 -20.38
C ILE B 138 47.28 -17.83 -19.54
N GLY B 139 48.25 -17.48 -18.70
CA GLY B 139 48.21 -16.22 -17.99
C GLY B 139 48.12 -16.33 -16.49
N THR B 140 48.69 -17.40 -15.92
CA THR B 140 48.74 -17.53 -14.47
C THR B 140 49.60 -16.44 -13.82
N LEU B 141 50.81 -16.24 -14.33
CA LEU B 141 51.67 -15.17 -13.80
C LEU B 141 51.04 -13.79 -13.98
N ALA B 142 50.36 -13.57 -15.10
CA ALA B 142 49.68 -12.29 -15.30
C ALA B 142 48.59 -12.07 -14.26
N ALA B 143 47.82 -13.11 -13.95
CA ALA B 143 46.76 -12.97 -12.94
C ALA B 143 47.34 -12.68 -11.57
N ILE B 144 48.42 -13.37 -11.19
CA ILE B 144 49.08 -13.12 -9.92
C ILE B 144 49.58 -11.68 -9.85
N TYR B 145 50.19 -11.20 -10.93
CA TYR B 145 50.69 -9.83 -10.95
C TYR B 145 49.56 -8.82 -10.77
N LEU B 146 48.41 -9.08 -11.40
CA LEU B 146 47.30 -8.13 -11.31
C LEU B 146 46.68 -8.12 -9.93
N ALA B 147 46.60 -9.29 -9.29
CA ALA B 147 46.13 -9.33 -7.90
C ALA B 147 47.04 -8.53 -6.98
N LEU B 148 48.35 -8.75 -7.09
CA LEU B 148 49.30 -7.98 -6.29
C LEU B 148 49.26 -6.50 -6.64
N LEU B 149 48.98 -6.17 -7.91
CA LEU B 149 48.94 -4.77 -8.32
C LEU B 149 47.77 -4.03 -7.70
N SER B 150 46.59 -4.64 -7.65
CA SER B 150 45.46 -4.00 -6.99
C SER B 150 45.73 -3.76 -5.51
N ARG B 151 46.31 -4.75 -4.82
CA ARG B 151 46.69 -4.58 -3.43
C ARG B 151 47.71 -3.46 -3.25
N LEU B 152 48.72 -3.41 -4.13
CA LEU B 152 49.75 -2.37 -4.02
C LEU B 152 49.18 -0.98 -4.29
N LEU B 153 48.27 -0.87 -5.26
CA LEU B 153 47.65 0.41 -5.58
C LEU B 153 46.83 0.93 -4.40
N PHE B 154 46.10 0.03 -3.74
CA PHE B 154 45.38 0.39 -2.53
C PHE B 154 46.34 0.92 -1.46
N LEU B 155 47.46 0.21 -1.25
CA LEU B 155 48.43 0.61 -0.22
C LEU B 155 49.03 1.99 -0.51
N LEU B 156 49.30 2.28 -1.78
CA LEU B 156 49.89 3.56 -2.15
C LEU B 156 48.94 4.73 -1.90
N ALA B 157 47.65 4.53 -2.17
CA ALA B 157 46.66 5.58 -1.87
C ALA B 157 46.62 5.90 -0.38
N ARG B 158 46.62 4.88 0.48
CA ARG B 158 46.62 5.12 1.92
C ARG B 158 47.90 5.82 2.36
N VAL B 159 49.03 5.44 1.76
CA VAL B 159 50.31 6.05 2.10
C VAL B 159 50.32 7.53 1.70
N ILE B 160 49.77 7.85 0.53
CA ILE B 160 49.67 9.24 0.10
C ILE B 160 48.81 10.04 1.09
N GLU B 161 47.68 9.48 1.51
CA GLU B 161 46.83 10.15 2.49
C GLU B 161 47.59 10.40 3.80
N ILE B 162 48.31 9.39 4.28
CA ILE B 162 49.02 9.53 5.55
C ILE B 162 50.12 10.58 5.44
N GLU B 163 50.89 10.55 4.34
CA GLU B 163 51.99 11.50 4.19
C GLU B 163 51.47 12.92 4.00
N LYS B 164 50.40 13.09 3.23
CA LYS B 164 49.81 14.41 3.04
C LYS B 164 49.17 14.92 4.32
N ASN B 165 48.52 14.03 5.09
CA ASN B 165 47.95 14.42 6.38
C ASN B 165 49.04 14.81 7.37
N LYS B 166 50.17 14.09 7.38
CA LYS B 166 51.25 14.40 8.31
C LYS B 166 51.88 15.76 8.02
N LEU B 167 51.97 16.15 6.74
CA LEU B 167 52.41 17.51 6.43
C LEU B 167 51.35 18.55 6.79
N LYS B 168 50.07 18.16 6.79
CA LYS B 168 49.00 19.06 7.22
C LYS B 168 49.07 19.31 8.72
N GLU B 169 49.51 18.32 9.50
CA GLU B 169 49.67 18.51 10.94
C GLU B 169 50.87 19.37 11.29
N VAL B 170 51.82 19.52 10.36
CA VAL B 170 52.99 20.36 10.60
C VAL B 170 52.66 21.83 10.40
N ARG B 171 51.81 22.15 9.43
CA ARG B 171 51.50 23.55 9.13
C ARG B 171 50.62 24.20 10.20
N SER B 172 49.88 23.42 10.97
CA SER B 172 49.02 23.97 12.01
C SER B 172 49.84 24.33 13.25
N ARG C 14 8.81 15.83 -13.00
CA ARG C 14 9.68 15.36 -14.08
C ARG C 14 11.12 15.34 -13.59
N LEU C 15 11.43 16.22 -12.64
CA LEU C 15 12.80 16.40 -12.18
C LEU C 15 13.32 15.13 -11.51
N PHE C 16 12.52 14.54 -10.62
CA PHE C 16 12.96 13.35 -9.89
C PHE C 16 13.31 12.22 -10.84
N GLY C 17 12.56 12.09 -11.93
CA GLY C 17 12.75 10.98 -12.84
C GLY C 17 13.91 11.07 -13.80
N GLY C 18 13.92 12.09 -14.64
CA GLY C 18 14.94 12.20 -15.67
C GLY C 18 14.94 10.99 -16.60
N GLU C 19 16.13 10.47 -16.86
CA GLU C 19 16.31 9.34 -17.78
C GLU C 19 16.89 8.14 -17.02
N GLU C 20 16.23 6.98 -17.17
CA GLU C 20 16.60 5.76 -16.47
C GLU C 20 16.73 4.63 -17.48
N VAL C 21 17.84 3.88 -17.40
CA VAL C 21 18.12 2.78 -18.30
C VAL C 21 18.35 1.52 -17.48
N TRP C 22 17.56 0.48 -17.74
CA TRP C 22 17.66 -0.76 -16.97
C TRP C 22 17.57 -1.99 -17.88
N LYS C 23 18.49 -2.10 -18.82
CA LYS C 23 18.60 -3.33 -19.61
C LYS C 23 19.98 -3.37 -20.23
N ASP C 24 20.43 -4.58 -20.54
CA ASP C 24 21.72 -4.80 -21.19
C ASP C 24 21.50 -5.44 -22.55
N ASP C 25 21.72 -4.67 -23.61
CA ASP C 25 21.62 -5.13 -24.99
C ASP C 25 22.76 -4.46 -25.74
N PRO C 26 23.09 -4.90 -26.96
CA PRO C 26 24.13 -4.19 -27.73
C PRO C 26 23.87 -2.72 -28.03
N ILE C 27 22.62 -2.32 -28.32
CA ILE C 27 22.35 -0.90 -28.59
C ILE C 27 22.65 -0.05 -27.36
N ILE C 28 22.20 -0.49 -26.19
CA ILE C 28 22.41 0.26 -24.95
C ILE C 28 23.90 0.38 -24.62
N GLU C 29 24.64 -0.72 -24.77
CA GLU C 29 26.06 -0.70 -24.44
C GLU C 29 26.84 0.25 -25.33
N ALA C 30 26.56 0.27 -26.64
CA ALA C 30 27.29 1.19 -27.52
C ALA C 30 27.03 2.65 -27.14
N ASN C 31 25.79 3.02 -26.88
CA ASN C 31 25.50 4.40 -26.52
C ASN C 31 26.12 4.79 -25.17
N GLY C 32 26.10 3.88 -24.20
CA GLY C 32 26.74 4.18 -22.93
C GLY C 32 28.24 4.38 -23.02
N THR C 33 28.92 3.54 -23.80
CA THR C 33 30.36 3.69 -23.98
C THR C 33 30.68 5.00 -24.71
N LEU C 34 29.85 5.36 -25.68
CA LEU C 34 30.03 6.62 -26.40
C LEU C 34 29.81 7.81 -25.47
N ASP C 35 28.87 7.69 -24.54
CA ASP C 35 28.68 8.73 -23.54
C ASP C 35 29.93 8.86 -22.69
N GLU C 36 30.53 7.74 -22.31
CA GLU C 36 31.81 7.79 -21.60
C GLU C 36 32.88 8.46 -22.44
N LEU C 37 32.92 8.12 -23.74
CA LEU C 37 33.93 8.69 -24.63
C LEU C 37 33.77 10.20 -24.75
N THR C 38 32.53 10.68 -24.94
CA THR C 38 32.34 12.12 -25.08
C THR C 38 32.57 12.83 -23.76
N SER C 39 32.25 12.20 -22.63
CA SER C 39 32.56 12.80 -21.33
C SER C 39 34.06 12.91 -21.10
N PHE C 40 34.82 11.87 -21.45
CA PHE C 40 36.27 11.93 -21.28
C PHE C 40 36.92 12.90 -22.24
N ILE C 41 36.38 13.02 -23.46
CA ILE C 41 36.89 14.02 -24.40
C ILE C 41 36.61 15.41 -23.85
N GLY C 42 35.44 15.61 -23.25
CA GLY C 42 35.15 16.88 -22.63
C GLY C 42 36.09 17.20 -21.48
N GLU C 43 36.51 16.18 -20.74
CA GLU C 43 37.53 16.39 -19.72
C GLU C 43 38.87 16.75 -20.35
N ALA C 44 39.26 16.04 -21.40
CA ALA C 44 40.59 16.23 -21.98
C ALA C 44 40.70 17.51 -22.79
N LYS C 45 39.59 18.05 -23.28
CA LYS C 45 39.69 19.25 -24.10
C LYS C 45 40.14 20.47 -23.30
N HIS C 46 40.08 20.40 -21.97
CA HIS C 46 40.54 21.50 -21.13
C HIS C 46 42.04 21.46 -20.87
N TYR C 47 42.74 20.47 -21.41
CA TYR C 47 44.18 20.35 -21.27
C TYR C 47 44.96 20.60 -22.54
N VAL C 48 44.29 20.83 -23.66
CA VAL C 48 44.94 21.02 -24.94
C VAL C 48 44.87 22.49 -25.36
N ASP C 49 45.56 22.82 -26.44
CA ASP C 49 45.59 24.17 -26.97
C ASP C 49 44.28 24.48 -27.70
N GLU C 50 44.20 25.70 -28.25
CA GLU C 50 42.96 26.14 -28.86
C GLU C 50 42.60 25.30 -30.08
N GLU C 51 43.59 24.95 -30.91
CA GLU C 51 43.32 24.17 -32.11
C GLU C 51 42.76 22.79 -31.78
N MET C 52 43.43 22.06 -30.88
CA MET C 52 42.97 20.73 -30.49
C MET C 52 41.64 20.77 -29.73
N LYS C 53 41.37 21.83 -28.97
CA LYS C 53 40.09 21.92 -28.27
C LYS C 53 38.93 21.97 -29.27
N GLY C 54 39.06 22.77 -30.32
CA GLY C 54 38.01 22.82 -31.33
C GLY C 54 37.83 21.50 -32.06
N ILE C 55 38.94 20.81 -32.34
CA ILE C 55 38.87 19.49 -32.97
C ILE C 55 38.10 18.52 -32.09
N LEU C 56 38.38 18.51 -30.79
CA LEU C 56 37.70 17.60 -29.89
C LEU C 56 36.22 17.93 -29.73
N GLU C 57 35.85 19.21 -29.79
CA GLU C 57 34.44 19.57 -29.74
C GLU C 57 33.66 19.10 -30.97
N GLU C 58 34.24 19.22 -32.17
CA GLU C 58 33.58 18.67 -33.35
C GLU C 58 33.40 17.16 -33.22
N ILE C 59 34.39 16.48 -32.65
CA ILE C 59 34.30 15.05 -32.42
C ILE C 59 33.16 14.74 -31.46
N GLN C 60 32.97 15.57 -30.43
CA GLN C 60 31.87 15.37 -29.50
C GLN C 60 30.51 15.48 -30.19
N ASN C 61 30.33 16.45 -31.08
CA ASN C 61 29.07 16.53 -31.82
C ASN C 61 28.86 15.30 -32.69
N ASP C 62 29.93 14.84 -33.33
CA ASP C 62 29.83 13.62 -34.14
C ASP C 62 29.48 12.41 -33.29
N ILE C 63 30.04 12.33 -32.08
CA ILE C 63 29.70 11.22 -31.20
C ILE C 63 28.23 11.29 -30.82
N TYR C 64 27.72 12.51 -30.62
CA TYR C 64 26.30 12.69 -30.35
C TYR C 64 25.45 12.25 -31.55
N LYS C 65 25.89 12.57 -32.77
CA LYS C 65 25.19 12.11 -33.97
C LYS C 65 25.18 10.58 -34.05
N ILE C 66 26.31 9.94 -33.74
CA ILE C 66 26.38 8.49 -33.78
C ILE C 66 25.41 7.89 -32.76
N MET C 67 25.37 8.47 -31.56
CA MET C 67 24.42 8.00 -30.55
C MET C 67 22.99 8.18 -31.01
N GLY C 68 22.70 9.30 -31.68
CA GLY C 68 21.36 9.50 -32.22
C GLY C 68 21.00 8.43 -33.24
N GLU C 69 21.96 8.06 -34.08
CA GLU C 69 21.70 7.00 -35.05
C GLU C 69 21.50 5.66 -34.35
N ILE C 70 22.37 5.35 -33.39
CA ILE C 70 22.32 4.04 -32.74
C ILE C 70 21.10 3.94 -31.84
N GLY C 71 20.84 5.00 -31.06
CA GLY C 71 19.68 5.00 -30.19
C GLY C 71 18.35 4.95 -30.92
N SER C 72 18.33 5.37 -32.18
CA SER C 72 17.13 5.30 -32.99
C SER C 72 17.08 4.05 -33.85
N LYS C 73 18.07 3.16 -33.70
CA LYS C 73 18.15 1.92 -34.47
C LYS C 73 18.15 2.19 -35.97
N GLY C 74 18.82 3.28 -36.36
CA GLY C 74 18.98 3.67 -37.74
C GLY C 74 17.88 4.52 -38.33
N LYS C 75 16.78 4.74 -37.61
CA LYS C 75 15.72 5.60 -38.15
C LYS C 75 16.21 7.04 -38.28
N ILE C 76 16.95 7.51 -37.28
CA ILE C 76 17.55 8.85 -37.31
C ILE C 76 18.93 8.80 -37.95
N GLU C 77 19.15 9.70 -38.89
CA GLU C 77 20.43 9.78 -39.59
C GLU C 77 21.55 10.14 -38.62
N GLY C 78 22.68 9.47 -38.79
CA GLY C 78 23.85 9.62 -37.95
C GLY C 78 24.87 10.52 -38.62
N ILE C 79 26.14 10.13 -38.51
CA ILE C 79 27.18 10.96 -39.10
C ILE C 79 27.16 10.81 -40.62
N SER C 80 27.80 11.76 -41.29
CA SER C 80 27.89 11.75 -42.74
C SER C 80 29.32 11.40 -43.14
N GLU C 81 29.49 11.11 -44.44
CA GLU C 81 30.82 10.82 -44.94
C GLU C 81 31.75 12.03 -44.90
N GLU C 82 31.20 13.24 -44.86
CA GLU C 82 32.05 14.43 -44.75
C GLU C 82 32.78 14.45 -43.42
N ARG C 83 32.13 14.01 -42.35
CA ARG C 83 32.78 13.92 -41.06
C ARG C 83 33.94 12.91 -41.06
N ILE C 84 33.75 11.77 -41.72
CA ILE C 84 34.83 10.79 -41.83
C ILE C 84 35.99 11.34 -42.64
N LYS C 85 35.70 12.08 -43.72
CA LYS C 85 36.76 12.71 -44.49
C LYS C 85 37.49 13.74 -43.65
N TRP C 86 36.75 14.48 -42.81
CA TRP C 86 37.36 15.45 -41.91
C TRP C 86 38.34 14.77 -40.95
N LEU C 87 37.94 13.64 -40.36
CA LEU C 87 38.86 12.89 -39.50
C LEU C 87 40.09 12.42 -40.27
N ALA C 88 39.89 11.92 -41.49
CA ALA C 88 41.01 11.44 -42.29
C ALA C 88 41.98 12.57 -42.64
N GLY C 89 41.47 13.75 -42.95
CA GLY C 89 42.36 14.87 -43.23
C GLY C 89 43.19 15.26 -42.03
N LEU C 90 42.57 15.28 -40.84
CA LEU C 90 43.34 15.56 -39.64
C LEU C 90 44.38 14.47 -39.39
N ILE C 91 44.01 13.20 -39.59
CA ILE C 91 44.96 12.11 -39.39
C ILE C 91 46.10 12.24 -40.39
N GLU C 92 45.78 12.54 -41.65
CA GLU C 92 46.81 12.73 -42.66
C GLU C 92 47.69 13.92 -42.32
N ARG C 93 47.07 15.02 -41.87
CA ARG C 93 47.84 16.21 -41.52
C ARG C 93 48.76 15.95 -40.33
N TYR C 94 48.26 15.25 -39.30
CA TYR C 94 49.07 15.04 -38.11
C TYR C 94 49.98 13.82 -38.21
N SER C 95 49.81 12.95 -39.21
CA SER C 95 50.70 11.80 -39.29
C SER C 95 52.07 12.21 -39.82
N GLU C 96 52.09 13.28 -40.61
CA GLU C 96 53.31 13.82 -41.17
C GLU C 96 54.23 14.37 -40.07
N MET C 97 53.64 15.01 -39.06
CA MET C 97 54.43 15.60 -37.98
C MET C 97 55.09 14.54 -37.10
N VAL C 98 54.39 13.44 -36.84
CA VAL C 98 54.97 12.39 -36.00
C VAL C 98 55.98 11.58 -36.80
N ASN C 99 57.23 12.04 -36.80
CA ASN C 99 58.33 11.18 -37.21
C ASN C 99 58.30 9.89 -36.41
N LYS C 100 58.17 8.77 -37.12
CA LYS C 100 57.74 7.52 -36.49
C LYS C 100 58.64 7.14 -35.33
N LEU C 101 58.03 6.96 -34.16
CA LEU C 101 58.70 6.50 -32.95
C LEU C 101 58.28 5.05 -32.74
N SER C 102 59.26 4.19 -32.47
CA SER C 102 58.96 2.76 -32.38
C SER C 102 58.00 2.47 -31.24
N PHE C 103 58.27 3.02 -30.05
CA PHE C 103 57.35 2.89 -28.93
C PHE C 103 57.60 4.01 -27.93
N VAL C 104 56.50 4.46 -27.31
CA VAL C 104 56.54 5.44 -26.22
C VAL C 104 55.55 4.99 -25.16
N LEU C 105 55.97 5.02 -23.90
CA LEU C 105 55.11 4.59 -22.82
C LEU C 105 53.89 5.52 -22.74
N PRO C 106 52.69 4.98 -22.54
CA PRO C 106 51.52 5.86 -22.41
C PRO C 106 51.62 6.81 -21.24
N GLY C 107 51.14 8.03 -21.45
CA GLY C 107 51.10 9.08 -20.44
C GLY C 107 52.45 9.77 -20.33
N GLY C 108 53.06 10.12 -21.46
CA GLY C 108 54.29 10.90 -21.39
C GLY C 108 54.14 12.24 -20.72
N THR C 109 53.04 12.94 -21.00
CA THR C 109 52.65 14.13 -20.28
C THR C 109 51.24 13.95 -19.73
N LEU C 110 50.82 14.91 -18.90
CA LEU C 110 49.47 14.83 -18.36
C LEU C 110 48.44 14.96 -19.47
N GLU C 111 48.64 15.92 -20.38
CA GLU C 111 47.71 16.07 -21.49
C GLU C 111 47.73 14.84 -22.40
N SER C 112 48.91 14.30 -22.65
CA SER C 112 49.03 13.07 -23.44
C SER C 112 48.35 11.90 -22.75
N ALA C 113 48.44 11.83 -21.42
CA ALA C 113 47.77 10.79 -20.66
C ALA C 113 46.25 10.88 -20.80
N LYS C 114 45.71 12.10 -20.75
CA LYS C 114 44.28 12.28 -20.95
C LYS C 114 43.86 11.76 -22.32
N LEU C 115 44.63 12.10 -23.35
CA LEU C 115 44.30 11.63 -24.70
C LEU C 115 44.43 10.12 -24.82
N ASP C 116 45.38 9.51 -24.10
CA ASP C 116 45.49 8.06 -24.13
C ASP C 116 44.28 7.40 -23.48
N VAL C 117 43.78 7.98 -22.39
CA VAL C 117 42.55 7.46 -21.80
C VAL C 117 41.40 7.58 -22.79
N CYS C 118 41.30 8.73 -23.47
CA CYS C 118 40.27 8.89 -24.49
C CYS C 118 40.43 7.89 -25.63
N ARG C 119 41.67 7.58 -26.00
CA ARG C 119 41.89 6.60 -27.07
C ARG C 119 41.42 5.21 -26.68
N THR C 120 41.70 4.78 -25.45
CA THR C 120 41.24 3.46 -25.03
C THR C 120 39.72 3.37 -25.00
N ILE C 121 39.05 4.42 -24.51
CA ILE C 121 37.60 4.39 -24.52
C ILE C 121 37.05 4.41 -25.94
N ALA C 122 37.73 5.14 -26.84
CA ALA C 122 37.31 5.13 -28.24
C ALA C 122 37.49 3.75 -28.88
N ARG C 123 38.57 3.06 -28.56
CA ARG C 123 38.75 1.71 -29.07
C ARG C 123 37.68 0.75 -28.55
N ARG C 124 37.37 0.82 -27.25
CA ARG C 124 36.31 -0.03 -26.69
C ARG C 124 34.96 0.30 -27.32
N ALA C 125 34.68 1.59 -27.52
CA ALA C 125 33.43 2.00 -28.16
C ALA C 125 33.36 1.48 -29.59
N GLU C 126 34.50 1.45 -30.27
CA GLU C 126 34.56 0.88 -31.60
C GLU C 126 34.16 -0.58 -31.57
N ARG C 127 34.63 -1.32 -30.56
CA ARG C 127 34.24 -2.72 -30.41
C ARG C 127 32.75 -2.88 -30.15
N LYS C 128 32.18 -2.05 -29.27
CA LYS C 128 30.75 -2.13 -28.98
C LYS C 128 29.89 -1.78 -30.18
N VAL C 129 30.28 -0.75 -30.93
CA VAL C 129 29.52 -0.34 -32.11
C VAL C 129 29.64 -1.41 -33.19
N ALA C 130 30.80 -2.07 -33.27
CA ALA C 130 30.95 -3.19 -34.18
C ALA C 130 29.98 -4.32 -33.82
N THR C 131 29.77 -4.54 -32.52
CA THR C 131 28.78 -5.52 -32.10
C THR C 131 27.39 -5.10 -32.57
N VAL C 132 27.07 -3.80 -32.47
CA VAL C 132 25.76 -3.34 -32.93
C VAL C 132 25.63 -3.57 -34.43
N LEU C 133 26.70 -3.30 -35.19
CA LEU C 133 26.63 -3.49 -36.63
C LEU C 133 26.42 -4.96 -36.98
N ARG C 134 27.08 -5.86 -36.25
CA ARG C 134 26.87 -7.29 -36.46
C ARG C 134 25.44 -7.69 -36.13
N GLU C 135 24.89 -7.14 -35.04
CA GLU C 135 23.57 -7.57 -34.58
C GLU C 135 22.44 -6.99 -35.40
N PHE C 136 22.59 -5.74 -35.86
CA PHE C 136 21.48 -5.05 -36.52
C PHE C 136 21.80 -4.55 -37.91
N GLY C 137 23.06 -4.46 -38.30
CA GLY C 137 23.39 -3.94 -39.61
C GLY C 137 23.32 -2.44 -39.72
N ILE C 138 23.32 -1.73 -38.60
CA ILE C 138 23.26 -0.27 -38.57
C ILE C 138 24.50 0.25 -37.88
N GLY C 139 25.19 1.19 -38.53
CA GLY C 139 26.30 1.88 -37.92
C GLY C 139 27.61 1.62 -38.64
N THR C 140 27.54 1.39 -39.95
CA THR C 140 28.76 1.22 -40.73
C THR C 140 29.59 2.50 -40.75
N LEU C 141 28.97 3.63 -41.09
CA LEU C 141 29.68 4.90 -41.07
C LEU C 141 30.18 5.25 -39.67
N ALA C 142 29.39 4.92 -38.65
CA ALA C 142 29.80 5.16 -37.26
C ALA C 142 31.04 4.35 -36.90
N ALA C 143 31.10 3.11 -37.35
CA ALA C 143 32.26 2.28 -37.05
C ALA C 143 33.53 2.83 -37.71
N ILE C 144 33.41 3.28 -38.97
CA ILE C 144 34.56 3.88 -39.66
C ILE C 144 35.04 5.12 -38.91
N TYR C 145 34.10 5.97 -38.47
CA TYR C 145 34.48 7.17 -37.74
C TYR C 145 35.20 6.83 -36.45
N LEU C 146 34.75 5.81 -35.74
CA LEU C 146 35.36 5.47 -34.46
C LEU C 146 36.76 4.88 -34.65
N ALA C 147 36.97 4.08 -35.70
CA ALA C 147 38.32 3.59 -35.98
C ALA C 147 39.28 4.74 -36.25
N LEU C 148 38.89 5.66 -37.13
CA LEU C 148 39.73 6.83 -37.41
C LEU C 148 39.92 7.70 -36.16
N LEU C 149 38.91 7.74 -35.29
CA LEU C 149 39.01 8.56 -34.09
C LEU C 149 40.06 8.03 -33.13
N SER C 150 40.14 6.71 -32.95
CA SER C 150 41.19 6.17 -32.09
C SER C 150 42.57 6.50 -32.65
N ARG C 151 42.76 6.37 -33.97
CA ARG C 151 44.03 6.75 -34.58
C ARG C 151 44.34 8.23 -34.38
N LEU C 152 43.34 9.09 -34.56
CA LEU C 152 43.58 10.52 -34.40
C LEU C 152 43.91 10.86 -32.96
N LEU C 153 43.23 10.23 -32.00
CA LEU C 153 43.53 10.49 -30.60
C LEU C 153 44.95 10.05 -30.26
N PHE C 154 45.35 8.89 -30.78
CA PHE C 154 46.74 8.45 -30.64
C PHE C 154 47.71 9.47 -31.22
N LEU C 155 47.42 9.95 -32.43
CA LEU C 155 48.32 10.90 -33.07
C LEU C 155 48.43 12.19 -32.28
N LEU C 156 47.30 12.66 -31.73
CA LEU C 156 47.30 13.90 -30.95
C LEU C 156 48.09 13.74 -29.65
N ALA C 157 47.98 12.58 -29.01
CA ALA C 157 48.78 12.31 -27.81
C ALA C 157 50.28 12.35 -28.12
N ARG C 158 50.69 11.73 -29.23
CA ARG C 158 52.10 11.71 -29.60
C ARG C 158 52.59 13.12 -29.93
N VAL C 159 51.74 13.92 -30.58
CA VAL C 159 52.11 15.29 -30.94
C VAL C 159 52.31 16.15 -29.68
N ILE C 160 51.45 15.96 -28.67
CA ILE C 160 51.62 16.66 -27.41
C ILE C 160 52.97 16.31 -26.78
N GLU C 161 53.32 15.03 -26.81
CA GLU C 161 54.61 14.58 -26.29
C GLU C 161 55.75 15.27 -27.04
N ILE C 162 55.63 15.37 -28.36
CA ILE C 162 56.68 15.96 -29.20
C ILE C 162 56.86 17.43 -28.85
N GLU C 163 55.75 18.16 -28.66
CA GLU C 163 55.86 19.59 -28.39
C GLU C 163 56.51 19.86 -27.04
N LYS C 164 56.20 19.06 -26.01
CA LYS C 164 56.86 19.30 -24.73
C LYS C 164 58.34 18.93 -24.80
N ASN C 165 58.68 17.87 -25.54
CA ASN C 165 60.09 17.54 -25.75
C ASN C 165 60.82 18.60 -26.55
N LYS C 166 60.16 19.17 -27.56
CA LYS C 166 60.80 20.20 -28.38
C LYS C 166 61.07 21.48 -27.58
N LEU C 167 60.15 21.84 -26.67
CA LEU C 167 60.42 22.98 -25.80
C LEU C 167 61.52 22.68 -24.80
N LYS C 168 61.71 21.40 -24.46
CA LYS C 168 62.83 21.02 -23.60
C LYS C 168 64.17 21.20 -24.30
N GLU C 169 64.19 21.07 -25.63
CA GLU C 169 65.40 21.26 -26.43
C GLU C 169 65.79 22.73 -26.52
N ASP D 22 -5.40 -35.21 -14.21
CA ASP D 22 -6.60 -34.38 -14.06
C ASP D 22 -6.24 -33.04 -13.44
N SER D 23 -5.00 -32.61 -13.65
CA SER D 23 -4.52 -31.40 -12.98
C SER D 23 -5.25 -30.11 -13.37
N PRO D 24 -5.59 -29.85 -14.64
CA PRO D 24 -6.19 -28.53 -14.94
C PRO D 24 -7.60 -28.37 -14.42
N VAL D 25 -8.43 -29.42 -14.45
CA VAL D 25 -9.81 -29.29 -13.99
C VAL D 25 -9.90 -29.00 -12.50
N VAL D 26 -8.86 -29.35 -11.72
CA VAL D 26 -8.89 -29.09 -10.29
C VAL D 26 -8.77 -27.59 -10.02
N GLU D 27 -7.82 -26.94 -10.69
CA GLU D 27 -7.61 -25.51 -10.48
C GLU D 27 -8.86 -24.71 -10.83
N VAL D 28 -9.62 -25.16 -11.83
CA VAL D 28 -10.90 -24.51 -12.15
C VAL D 28 -11.90 -24.71 -11.02
N GLN D 29 -12.01 -25.95 -10.53
CA GLN D 29 -12.89 -26.22 -9.39
C GLN D 29 -12.53 -25.35 -8.21
N GLY D 30 -11.23 -25.21 -7.92
CA GLY D 30 -10.79 -24.36 -6.82
C GLY D 30 -11.02 -22.88 -7.05
N THR D 31 -11.13 -22.46 -8.32
CA THR D 31 -11.46 -21.08 -8.61
C THR D 31 -12.97 -20.85 -8.71
N ILE D 32 -13.72 -21.83 -9.25
CA ILE D 32 -15.18 -21.78 -9.17
C ILE D 32 -15.61 -21.71 -7.72
N ASP D 33 -15.08 -22.62 -6.90
CA ASP D 33 -15.35 -22.61 -5.47
C ASP D 33 -14.90 -21.30 -4.83
N GLU D 34 -13.77 -20.76 -5.30
CA GLU D 34 -13.28 -19.50 -4.75
C GLU D 34 -14.21 -18.35 -5.11
N LEU D 35 -14.60 -18.26 -6.38
CA LEU D 35 -15.52 -17.22 -6.80
C LEU D 35 -16.83 -17.28 -6.02
N ASN D 36 -17.32 -18.50 -5.75
CA ASN D 36 -18.56 -18.63 -4.98
C ASN D 36 -18.44 -18.01 -3.60
N SER D 37 -17.25 -18.09 -2.99
CA SER D 37 -17.04 -17.41 -1.72
C SER D 37 -17.15 -15.89 -1.87
N PHE D 38 -16.56 -15.34 -2.94
CA PHE D 38 -16.65 -13.91 -3.19
C PHE D 38 -18.08 -13.51 -3.55
N ILE D 39 -18.77 -14.32 -4.37
CA ILE D 39 -20.16 -14.00 -4.72
C ILE D 39 -21.03 -14.00 -3.48
N GLY D 40 -20.86 -15.00 -2.61
CA GLY D 40 -21.64 -15.03 -1.38
C GLY D 40 -21.34 -13.87 -0.46
N TYR D 41 -20.12 -13.33 -0.53
CA TYR D 41 -19.77 -12.17 0.28
C TYR D 41 -20.47 -10.92 -0.23
N ALA D 42 -20.34 -10.62 -1.53
CA ALA D 42 -21.03 -9.47 -2.09
C ALA D 42 -22.54 -9.61 -2.01
N LEU D 43 -23.06 -10.84 -1.92
CA LEU D 43 -24.47 -11.04 -1.70
C LEU D 43 -24.89 -10.53 -0.33
N VAL D 44 -24.20 -10.97 0.72
CA VAL D 44 -24.53 -10.55 2.07
C VAL D 44 -24.30 -9.05 2.29
N LEU D 45 -23.55 -8.38 1.40
CA LEU D 45 -23.34 -6.95 1.50
C LEU D 45 -24.38 -6.14 0.74
N SER D 46 -24.65 -6.50 -0.51
CA SER D 46 -25.57 -5.74 -1.35
C SER D 46 -26.97 -5.71 -0.73
N ARG D 47 -27.45 -4.51 -0.41
CA ARG D 47 -28.68 -4.32 0.35
C ARG D 47 -29.91 -4.24 -0.54
N TRP D 48 -29.80 -4.59 -1.81
CA TRP D 48 -30.92 -4.56 -2.74
C TRP D 48 -31.36 -5.98 -3.07
N ASP D 49 -32.66 -6.13 -3.33
CA ASP D 49 -33.23 -7.45 -3.50
C ASP D 49 -32.86 -8.07 -4.85
N ASP D 50 -32.90 -7.28 -5.92
CA ASP D 50 -32.70 -7.84 -7.25
C ASP D 50 -31.26 -8.30 -7.46
N ILE D 51 -30.29 -7.56 -6.92
CA ILE D 51 -28.90 -7.98 -7.02
C ILE D 51 -28.69 -9.31 -6.30
N ARG D 52 -29.22 -9.43 -5.08
CA ARG D 52 -29.06 -10.68 -4.34
C ARG D 52 -29.75 -11.84 -5.03
N ASN D 53 -30.91 -11.61 -5.64
CA ASN D 53 -31.57 -12.65 -6.43
C ASN D 53 -30.66 -13.17 -7.53
N ASP D 54 -30.07 -12.26 -8.30
CA ASP D 54 -29.13 -12.67 -9.36
C ASP D 54 -27.96 -13.44 -8.76
N LEU D 55 -27.36 -12.90 -7.71
CA LEU D 55 -26.16 -13.51 -7.14
C LEU D 55 -26.44 -14.93 -6.64
N PHE D 56 -27.62 -15.16 -6.03
CA PHE D 56 -27.92 -16.49 -5.53
C PHE D 56 -28.11 -17.48 -6.68
N ARG D 57 -28.79 -17.07 -7.74
CA ARG D 57 -28.90 -17.92 -8.93
C ARG D 57 -27.51 -18.24 -9.47
N ILE D 58 -26.62 -17.25 -9.49
CA ILE D 58 -25.24 -17.47 -9.94
C ILE D 58 -24.57 -18.53 -9.08
N GLN D 59 -24.75 -18.43 -7.76
CA GLN D 59 -24.13 -19.40 -6.84
C GLN D 59 -24.64 -20.81 -7.12
N ASN D 60 -25.96 -20.98 -7.21
CA ASN D 60 -26.49 -22.29 -7.56
C ASN D 60 -26.10 -22.71 -8.97
N ASP D 61 -25.79 -21.75 -9.84
CA ASP D 61 -25.32 -22.09 -11.18
C ASP D 61 -23.83 -22.43 -11.18
N LEU D 62 -23.05 -21.86 -10.25
CA LEU D 62 -21.64 -22.21 -10.15
C LEU D 62 -21.47 -23.67 -9.76
N PHE D 63 -22.45 -24.25 -9.06
CA PHE D 63 -22.44 -25.69 -8.82
C PHE D 63 -22.56 -26.46 -10.13
N VAL D 64 -23.58 -26.13 -10.92
CA VAL D 64 -23.78 -26.78 -12.21
C VAL D 64 -22.58 -26.55 -13.13
N LEU D 65 -22.03 -25.32 -13.11
CA LEU D 65 -20.87 -25.04 -13.96
C LEU D 65 -19.67 -25.88 -13.56
N GLY D 66 -19.47 -26.08 -12.25
CA GLY D 66 -18.40 -26.96 -11.81
C GLY D 66 -18.69 -28.40 -12.18
N GLU D 67 -19.92 -28.84 -11.95
CA GLU D 67 -20.31 -30.20 -12.29
C GLU D 67 -20.17 -30.47 -13.78
N ASP D 68 -20.35 -29.43 -14.61
CA ASP D 68 -20.16 -29.58 -16.06
C ASP D 68 -18.69 -29.84 -16.39
N VAL D 69 -17.78 -29.10 -15.77
CA VAL D 69 -16.36 -29.26 -16.07
C VAL D 69 -15.83 -30.58 -15.50
N SER D 70 -16.35 -30.99 -14.34
CA SER D 70 -15.88 -32.20 -13.70
C SER D 70 -16.28 -33.46 -14.48
N THR D 71 -17.56 -33.56 -14.84
CA THR D 71 -18.05 -34.75 -15.54
C THR D 71 -17.77 -34.72 -17.04
N GLY D 72 -17.26 -33.61 -17.56
CA GLY D 72 -17.05 -33.50 -18.99
C GLY D 72 -18.33 -33.54 -19.80
N GLY D 73 -19.47 -33.34 -19.16
CA GLY D 73 -20.76 -33.38 -19.83
C GLY D 73 -21.66 -34.54 -19.45
N LYS D 74 -21.27 -35.35 -18.48
CA LYS D 74 -22.08 -36.50 -18.10
C LYS D 74 -23.24 -36.10 -17.20
N GLY D 75 -22.96 -35.37 -16.13
CA GLY D 75 -23.99 -34.98 -15.19
C GLY D 75 -24.71 -33.71 -15.59
N ARG D 76 -24.87 -32.79 -14.63
CA ARG D 76 -25.45 -31.49 -14.94
C ARG D 76 -24.56 -30.73 -15.90
N THR D 77 -25.18 -29.95 -16.79
CA THR D 77 -24.46 -29.19 -17.79
C THR D 77 -24.97 -27.76 -17.80
N VAL D 78 -24.08 -26.83 -18.17
CA VAL D 78 -24.44 -25.43 -18.29
C VAL D 78 -25.36 -25.28 -19.49
N THR D 79 -26.62 -24.92 -19.24
CA THR D 79 -27.62 -24.80 -20.30
C THR D 79 -27.56 -23.39 -20.90
N MET D 80 -28.16 -23.25 -22.08
CA MET D 80 -28.20 -21.93 -22.70
C MET D 80 -29.19 -21.01 -21.98
N ASP D 81 -30.26 -21.57 -21.42
CA ASP D 81 -31.18 -20.77 -20.61
C ASP D 81 -30.47 -20.14 -19.42
N MET D 82 -29.42 -20.78 -18.93
CA MET D 82 -28.60 -20.17 -17.87
C MET D 82 -27.90 -18.93 -18.39
N ILE D 83 -27.21 -19.06 -19.53
CA ILE D 83 -26.55 -17.90 -20.15
C ILE D 83 -27.58 -16.85 -20.56
N ILE D 84 -28.73 -17.28 -21.07
CA ILE D 84 -29.75 -16.32 -21.53
C ILE D 84 -30.26 -15.48 -20.38
N TYR D 85 -30.41 -16.08 -19.19
CA TYR D 85 -30.87 -15.31 -18.04
C TYR D 85 -29.83 -14.29 -17.61
N LEU D 86 -28.54 -14.63 -17.73
CA LEU D 86 -27.48 -13.67 -17.42
C LEU D 86 -27.53 -12.46 -18.34
N ILE D 87 -28.02 -12.63 -19.56
CA ILE D 87 -28.11 -11.51 -20.50
C ILE D 87 -29.40 -10.74 -20.30
N LYS D 88 -30.51 -11.44 -20.03
CA LYS D 88 -31.77 -10.76 -19.75
C LYS D 88 -31.60 -9.72 -18.65
N ARG D 89 -30.92 -10.09 -17.57
CA ARG D 89 -30.68 -9.14 -16.49
C ARG D 89 -29.60 -8.12 -16.87
N SER D 90 -28.62 -8.53 -17.67
CA SER D 90 -27.57 -7.61 -18.09
C SER D 90 -28.11 -6.51 -19.01
N VAL D 91 -29.17 -6.79 -19.75
CA VAL D 91 -29.82 -5.76 -20.55
C VAL D 91 -30.71 -4.87 -19.68
N GLU D 92 -31.46 -5.49 -18.75
CA GLU D 92 -32.33 -4.73 -17.85
C GLU D 92 -31.54 -3.75 -17.00
N MET D 93 -30.28 -4.05 -16.69
CA MET D 93 -29.47 -3.17 -15.86
C MET D 93 -28.75 -2.10 -16.68
N LYS D 94 -28.30 -2.42 -17.88
CA LYS D 94 -27.72 -1.40 -18.75
C LYS D 94 -28.71 -0.31 -19.10
N ALA D 95 -30.01 -0.56 -18.93
CA ALA D 95 -31.01 0.47 -19.14
C ALA D 95 -31.03 1.48 -18.01
N GLU D 96 -30.99 1.00 -16.76
CA GLU D 96 -30.99 1.92 -15.63
C GLU D 96 -29.67 2.67 -15.53
N ILE D 97 -28.57 2.01 -15.88
CA ILE D 97 -27.26 2.68 -15.84
C ILE D 97 -27.21 3.78 -16.89
N GLY D 98 -27.52 3.44 -18.13
CA GLY D 98 -27.44 4.40 -19.23
C GLY D 98 -26.08 4.31 -19.93
N LYS D 99 -25.35 5.42 -19.95
CA LYS D 99 -24.02 5.46 -20.55
C LYS D 99 -22.98 5.02 -19.53
N ILE D 100 -22.19 4.03 -19.91
CA ILE D 100 -21.22 3.39 -19.02
C ILE D 100 -19.85 3.98 -19.34
N GLU D 101 -19.37 4.88 -18.49
CA GLU D 101 -18.06 5.50 -18.69
C GLU D 101 -16.95 4.46 -18.56
N LEU D 102 -16.02 4.47 -19.50
CA LEU D 102 -14.86 3.60 -19.44
C LEU D 102 -13.78 4.21 -18.55
N PHE D 103 -12.79 3.38 -18.20
CA PHE D 103 -11.68 3.79 -17.35
C PHE D 103 -12.17 4.34 -16.02
N VAL D 104 -13.08 3.58 -15.39
CA VAL D 104 -13.62 3.94 -14.08
C VAL D 104 -12.95 3.09 -13.02
N VAL D 105 -12.57 3.73 -11.91
CA VAL D 105 -11.81 3.13 -10.83
C VAL D 105 -12.73 2.25 -9.98
N PRO D 106 -12.29 1.06 -9.56
CA PRO D 106 -13.17 0.17 -8.78
C PRO D 106 -13.28 0.64 -7.33
N GLY D 107 -14.09 -0.09 -6.57
CA GLY D 107 -14.28 0.19 -5.16
C GLY D 107 -15.06 1.46 -4.86
N GLY D 108 -16.23 1.61 -5.49
CA GLY D 108 -17.07 2.76 -5.24
C GLY D 108 -17.65 2.77 -3.84
N SER D 109 -18.46 1.76 -3.51
CA SER D 109 -18.98 1.58 -2.17
C SER D 109 -18.85 0.11 -1.81
N VAL D 110 -19.04 -0.20 -0.53
CA VAL D 110 -18.72 -1.55 -0.03
C VAL D 110 -19.52 -2.60 -0.76
N GLU D 111 -20.84 -2.40 -0.88
CA GLU D 111 -21.68 -3.31 -1.65
C GLU D 111 -21.20 -3.41 -3.10
N SER D 112 -20.79 -2.28 -3.68
CA SER D 112 -20.25 -2.27 -5.03
C SER D 112 -18.83 -2.85 -5.06
N ALA D 113 -17.98 -2.46 -4.11
CA ALA D 113 -16.58 -2.87 -4.13
C ALA D 113 -16.45 -4.39 -4.01
N SER D 114 -17.24 -5.01 -3.11
CA SER D 114 -17.26 -6.47 -3.04
C SER D 114 -17.62 -7.07 -4.38
N LEU D 115 -18.57 -6.45 -5.11
CA LEU D 115 -18.94 -6.94 -6.43
C LEU D 115 -17.81 -6.76 -7.42
N HIS D 116 -17.01 -5.70 -7.29
CA HIS D 116 -15.85 -5.51 -8.15
C HIS D 116 -14.84 -6.63 -7.95
N MET D 117 -14.59 -7.01 -6.69
CA MET D 117 -13.65 -8.09 -6.42
C MET D 117 -14.19 -9.43 -6.91
N ALA D 118 -15.49 -9.67 -6.71
CA ALA D 118 -16.12 -10.85 -7.28
C ALA D 118 -15.98 -10.89 -8.80
N ARG D 119 -16.00 -9.72 -9.46
CA ARG D 119 -15.80 -9.67 -10.90
C ARG D 119 -14.37 -10.07 -11.26
N ALA D 120 -13.40 -9.54 -10.54
CA ALA D 120 -12.00 -9.83 -10.86
C ALA D 120 -11.68 -11.30 -10.69
N VAL D 121 -12.29 -11.95 -9.69
CA VAL D 121 -12.14 -13.40 -9.55
C VAL D 121 -12.88 -14.12 -10.67
N SER D 122 -14.05 -13.62 -11.07
CA SER D 122 -14.79 -14.23 -12.16
C SER D 122 -13.98 -14.18 -13.46
N ARG D 123 -13.29 -13.07 -13.71
CA ARG D 123 -12.45 -12.99 -14.91
C ARG D 123 -11.23 -13.90 -14.79
N ARG D 124 -10.76 -14.16 -13.57
CA ARG D 124 -9.68 -15.13 -13.39
C ARG D 124 -10.16 -16.54 -13.71
N LEU D 125 -11.41 -16.85 -13.37
CA LEU D 125 -11.97 -18.15 -13.73
C LEU D 125 -12.01 -18.33 -15.25
N GLU D 126 -12.25 -17.25 -15.99
CA GLU D 126 -12.12 -17.33 -17.45
C GLU D 126 -10.71 -17.74 -17.85
N ARG D 127 -9.71 -17.12 -17.22
CA ARG D 127 -8.33 -17.46 -17.53
C ARG D 127 -8.00 -18.89 -17.14
N ARG D 128 -8.59 -19.39 -16.05
CA ARG D 128 -8.42 -20.79 -15.69
C ARG D 128 -9.16 -21.71 -16.64
N ILE D 129 -10.33 -21.28 -17.13
CA ILE D 129 -11.07 -22.09 -18.08
C ILE D 129 -10.38 -22.10 -19.43
N LYS D 130 -9.95 -20.92 -19.92
CA LYS D 130 -9.26 -20.85 -21.20
C LYS D 130 -8.01 -21.73 -21.21
N ALA D 131 -7.37 -21.90 -20.06
CA ALA D 131 -6.23 -22.81 -20.00
C ALA D 131 -6.68 -24.27 -20.07
N ALA D 132 -7.59 -24.67 -19.18
CA ALA D 132 -8.00 -26.06 -19.08
C ALA D 132 -8.66 -26.57 -20.36
N SER D 133 -9.37 -25.70 -21.08
CA SER D 133 -10.02 -26.13 -22.31
C SER D 133 -9.01 -26.58 -23.35
N GLU D 134 -7.79 -26.02 -23.30
CA GLU D 134 -6.70 -26.46 -24.16
C GLU D 134 -6.15 -27.82 -23.77
N LEU D 135 -6.62 -28.41 -22.67
CA LEU D 135 -6.13 -29.68 -22.19
C LEU D 135 -7.23 -30.71 -22.01
N THR D 136 -8.49 -30.30 -22.00
CA THR D 136 -9.62 -31.21 -21.93
C THR D 136 -10.80 -30.54 -22.60
N GLU D 137 -11.58 -31.32 -23.35
CA GLU D 137 -12.78 -30.77 -23.96
C GLU D 137 -13.68 -30.21 -22.87
N ILE D 138 -14.05 -28.95 -23.02
CA ILE D 138 -14.94 -28.27 -22.08
C ILE D 138 -16.09 -27.67 -22.87
N ASN D 139 -17.32 -28.01 -22.49
CA ASN D 139 -18.48 -27.49 -23.19
C ASN D 139 -18.40 -25.98 -23.31
N ALA D 140 -18.68 -25.47 -24.50
CA ALA D 140 -18.48 -24.05 -24.77
C ALA D 140 -19.30 -23.20 -23.81
N ASN D 141 -20.51 -23.64 -23.48
CA ASN D 141 -21.36 -22.91 -22.54
C ASN D 141 -20.67 -22.64 -21.21
N VAL D 142 -19.65 -23.42 -20.85
CA VAL D 142 -18.90 -23.15 -19.62
C VAL D 142 -18.21 -21.80 -19.71
N LEU D 143 -17.49 -21.56 -20.81
CA LEU D 143 -16.83 -20.27 -20.96
C LEU D 143 -17.82 -19.17 -21.30
N LEU D 144 -18.91 -19.50 -22.01
CA LEU D 144 -19.92 -18.50 -22.29
C LEU D 144 -20.56 -18.00 -21.00
N TYR D 145 -21.00 -18.91 -20.14
CA TYR D 145 -21.52 -18.50 -18.83
C TYR D 145 -20.44 -17.79 -18.02
N ALA D 146 -19.19 -18.23 -18.14
CA ALA D 146 -18.11 -17.55 -17.45
C ALA D 146 -17.97 -16.11 -17.92
N ASN D 147 -17.99 -15.90 -19.24
CA ASN D 147 -17.86 -14.54 -19.78
C ASN D 147 -19.08 -13.70 -19.43
N MET D 148 -20.28 -14.29 -19.45
CA MET D 148 -21.47 -13.53 -19.09
C MET D 148 -21.51 -13.22 -17.59
N LEU D 149 -20.96 -14.10 -16.76
CA LEU D 149 -20.90 -13.83 -15.33
C LEU D 149 -20.01 -12.62 -15.05
N SER D 150 -18.86 -12.53 -15.74
CA SER D 150 -17.99 -11.38 -15.58
C SER D 150 -18.71 -10.08 -15.95
N ASN D 151 -19.50 -10.11 -17.02
CA ASN D 151 -20.24 -8.93 -17.44
C ASN D 151 -21.33 -8.57 -16.43
N ILE D 152 -22.14 -9.55 -16.02
CA ILE D 152 -23.30 -9.24 -15.20
C ILE D 152 -22.88 -8.82 -13.79
N LEU D 153 -21.76 -9.35 -13.30
CA LEU D 153 -21.22 -8.85 -12.03
C LEU D 153 -20.85 -7.39 -12.13
N PHE D 154 -20.39 -6.96 -13.30
CA PHE D 154 -20.00 -5.57 -13.49
C PHE D 154 -21.21 -4.64 -13.46
N MET D 155 -22.32 -5.06 -14.06
CA MET D 155 -23.55 -4.28 -13.97
C MET D 155 -24.05 -4.22 -12.53
N HIS D 156 -23.85 -5.29 -11.76
CA HIS D 156 -24.23 -5.29 -10.35
C HIS D 156 -23.52 -4.19 -9.59
N ALA D 157 -22.21 -4.05 -9.78
CA ALA D 157 -21.44 -3.02 -9.10
C ALA D 157 -21.87 -1.62 -9.55
N LEU D 158 -22.12 -1.44 -10.84
CA LEU D 158 -22.55 -0.14 -11.35
C LEU D 158 -23.87 0.29 -10.72
N ILE D 159 -24.87 -0.59 -10.73
CA ILE D 159 -26.17 -0.28 -10.16
C ILE D 159 -26.03 0.02 -8.66
N SER D 160 -25.18 -0.75 -7.97
CA SER D 160 -24.97 -0.51 -6.55
C SER D 160 -24.50 0.92 -6.29
N ASN D 161 -23.60 1.44 -7.13
CA ASN D 161 -23.12 2.80 -6.96
C ASN D 161 -24.13 3.84 -7.41
N LYS D 162 -24.91 3.56 -8.46
CA LYS D 162 -25.96 4.50 -8.85
C LYS D 162 -26.99 4.68 -7.75
N ARG D 163 -27.28 3.61 -7.01
CA ARG D 163 -28.25 3.70 -5.92
C ARG D 163 -27.61 4.23 -4.64
N LYS D 164 -26.30 4.03 -4.46
CA LYS D 164 -25.62 4.69 -3.35
C LYS D 164 -25.59 6.20 -3.57
N GLU D 165 -25.33 6.64 -4.81
CA GLU D 165 -25.47 8.06 -5.13
C GLU D 165 -26.93 8.50 -5.13
N GLU D 166 -27.87 7.55 -5.24
CA GLU D 166 -29.28 7.89 -5.15
C GLU D 166 -29.65 8.33 -3.73
N LEU D 167 -29.26 7.52 -2.74
CA LEU D 167 -29.55 7.85 -1.35
C LEU D 167 -28.78 9.08 -0.89
N ASP D 168 -27.52 9.21 -1.31
CA ASP D 168 -26.69 10.30 -0.83
C ASP D 168 -27.14 11.65 -1.37
N LYS D 169 -27.74 11.68 -2.55
CA LYS D 169 -28.32 12.92 -3.07
C LYS D 169 -29.64 13.25 -2.40
N LYS D 170 -30.29 12.28 -1.76
CA LYS D 170 -31.47 12.55 -0.95
C LYS D 170 -31.10 12.91 0.48
N LEU D 171 -30.00 12.36 1.00
CA LEU D 171 -29.55 12.74 2.35
C LEU D 171 -29.10 14.20 2.38
N LEU D 172 -28.35 14.63 1.37
CA LEU D 172 -28.03 16.05 1.25
C LEU D 172 -29.28 16.88 1.04
N GLU D 173 -30.28 16.31 0.35
CA GLU D 173 -31.54 17.01 0.14
C GLU D 173 -32.38 17.03 1.41
N ALA D 174 -32.51 15.88 2.08
CA ALA D 174 -33.29 15.82 3.30
C ALA D 174 -32.65 16.62 4.43
N ALA D 175 -31.31 16.65 4.49
CA ALA D 175 -30.65 17.48 5.48
C ALA D 175 -30.88 18.96 5.23
N ARG D 176 -31.14 19.34 3.98
CA ARG D 176 -31.43 20.74 3.67
C ARG D 176 -32.87 21.09 4.01
N ALA D 177 -33.81 20.23 3.62
CA ALA D 177 -35.23 20.50 3.83
C ALA D 177 -35.67 20.23 5.26
N GLY D 178 -34.77 19.79 6.13
CA GLY D 178 -35.15 19.48 7.50
C GLY D 178 -35.99 18.22 7.62
N GLN D 179 -35.73 17.21 6.79
CA GLN D 179 -36.49 15.97 6.80
C GLN D 179 -35.91 15.05 7.88
N ASP D 180 -36.35 15.29 9.12
CA ASP D 180 -35.88 14.48 10.24
C ASP D 180 -36.24 13.01 10.05
N ASP D 181 -37.33 12.72 9.33
CA ASP D 181 -37.74 11.35 9.10
C ASP D 181 -37.07 10.75 7.86
N GLU D 182 -36.89 11.54 6.80
CA GLU D 182 -36.19 11.02 5.63
C GLU D 182 -34.72 10.76 5.94
N VAL D 183 -34.06 11.69 6.63
CA VAL D 183 -32.67 11.47 7.04
C VAL D 183 -32.55 10.20 7.86
N ALA D 184 -33.58 9.90 8.66
CA ALA D 184 -33.59 8.64 9.41
C ALA D 184 -33.64 7.45 8.47
N ALA D 185 -34.62 7.44 7.55
CA ALA D 185 -34.73 6.32 6.61
C ALA D 185 -33.52 6.22 5.71
N LEU D 186 -32.91 7.35 5.35
CA LEU D 186 -31.76 7.33 4.46
C LEU D 186 -30.53 6.76 5.16
N LEU D 187 -30.22 7.29 6.35
CA LEU D 187 -29.07 6.79 7.10
C LEU D 187 -29.28 5.36 7.56
N ALA D 188 -30.54 4.95 7.77
CA ALA D 188 -30.81 3.56 8.11
C ALA D 188 -30.67 2.63 6.90
N LYS D 189 -30.81 3.17 5.70
CA LYS D 189 -30.67 2.38 4.47
C LYS D 189 -29.30 2.49 3.85
N GLY D 190 -28.34 3.09 4.56
CA GLY D 190 -26.96 3.09 4.12
C GLY D 190 -26.49 4.33 3.41
N ALA D 191 -27.31 5.39 3.37
CA ALA D 191 -26.86 6.64 2.77
C ALA D 191 -25.62 7.12 3.48
N ASP D 192 -24.54 7.32 2.72
CA ASP D 192 -23.26 7.66 3.31
C ASP D 192 -23.38 8.97 4.05
N VAL D 193 -23.19 8.92 5.37
CA VAL D 193 -23.37 10.11 6.19
C VAL D 193 -22.35 11.18 5.81
N ASN D 194 -21.16 10.76 5.38
CA ASN D 194 -20.11 11.67 4.92
C ASN D 194 -20.19 11.97 3.43
N ALA D 195 -21.36 11.82 2.82
CA ALA D 195 -21.52 12.04 1.39
C ALA D 195 -21.17 13.49 1.03
N SER D 196 -20.10 13.68 0.27
CA SER D 196 -19.61 14.99 -0.09
C SER D 196 -20.15 15.39 -1.47
N ASP D 197 -20.81 16.53 -1.53
CA ASP D 197 -21.22 17.10 -2.81
C ASP D 197 -19.99 17.58 -3.59
N TYR D 198 -20.23 18.01 -4.83
CA TYR D 198 -19.14 18.61 -5.60
C TYR D 198 -18.68 19.93 -4.99
N LYS D 199 -19.61 20.67 -4.36
CA LYS D 199 -19.23 21.88 -3.64
C LYS D 199 -18.36 21.59 -2.43
N GLY D 200 -18.27 20.32 -2.02
CA GLY D 200 -17.68 19.94 -0.76
C GLY D 200 -18.65 19.95 0.40
N THR D 201 -19.91 20.29 0.16
CA THR D 201 -20.89 20.36 1.24
C THR D 201 -21.38 18.96 1.59
N THR D 202 -21.32 18.63 2.87
CA THR D 202 -21.77 17.36 3.41
C THR D 202 -23.09 17.55 4.13
N PRO D 203 -23.83 16.47 4.42
CA PRO D 203 -25.10 16.66 5.14
C PRO D 203 -24.92 17.35 6.48
N LEU D 204 -23.78 17.15 7.14
CA LEU D 204 -23.51 17.87 8.38
C LEU D 204 -23.36 19.37 8.14
N HIS D 205 -22.72 19.75 7.04
CA HIS D 205 -22.66 21.16 6.66
C HIS D 205 -24.06 21.74 6.47
N VAL D 206 -24.91 21.04 5.72
CA VAL D 206 -26.24 21.58 5.41
C VAL D 206 -27.09 21.69 6.66
N ALA D 207 -26.94 20.75 7.59
CA ALA D 207 -27.74 20.78 8.82
C ALA D 207 -27.35 21.97 9.70
N ALA D 208 -26.05 22.28 9.77
CA ALA D 208 -25.62 23.45 10.55
C ALA D 208 -26.01 24.74 9.85
N TRP D 209 -25.91 24.76 8.51
CA TRP D 209 -26.33 25.92 7.73
C TRP D 209 -27.79 26.26 7.99
N ASN D 210 -28.70 25.35 7.62
CA ASN D 210 -30.12 25.59 7.82
C ASN D 210 -30.45 25.81 9.29
N GLY D 211 -29.90 24.99 10.17
CA GLY D 211 -30.17 25.08 11.58
C GLY D 211 -31.05 23.99 12.14
N HIS D 212 -31.13 22.84 11.49
CA HIS D 212 -31.92 21.71 11.98
C HIS D 212 -31.04 20.92 12.94
N LEU D 213 -31.11 21.29 14.23
CA LEU D 213 -30.25 20.66 15.24
C LEU D 213 -30.47 19.16 15.33
N GLU D 214 -31.71 18.71 15.13
CA GLU D 214 -32.00 17.29 15.24
C GLU D 214 -31.16 16.47 14.26
N ILE D 215 -31.00 16.96 13.03
CA ILE D 215 -30.22 16.22 12.04
C ILE D 215 -28.74 16.26 12.37
N VAL D 216 -28.24 17.38 12.92
CA VAL D 216 -26.82 17.49 13.23
C VAL D 216 -26.38 16.36 14.15
N ASP D 217 -27.21 16.01 15.12
CA ASP D 217 -26.85 14.95 16.06
C ASP D 217 -26.90 13.58 15.39
N VAL D 218 -27.98 13.30 14.66
CA VAL D 218 -28.12 11.99 14.04
C VAL D 218 -27.03 11.78 13.00
N LEU D 219 -26.56 12.86 12.37
CA LEU D 219 -25.44 12.74 11.43
C LEU D 219 -24.14 12.44 12.17
N LEU D 220 -23.85 13.22 13.22
CA LEU D 220 -22.64 12.98 14.00
C LEU D 220 -22.67 11.61 14.68
N ALA D 221 -23.87 11.13 15.02
CA ALA D 221 -23.98 9.80 15.64
C ALA D 221 -23.57 8.71 14.66
N ARG D 222 -23.95 8.85 13.39
CA ARG D 222 -23.57 7.86 12.38
C ARG D 222 -22.10 7.95 12.00
N GLY D 223 -21.41 9.00 12.39
CA GLY D 223 -20.00 9.14 12.10
C GLY D 223 -19.71 10.22 11.10
N ALA D 224 -20.36 11.37 11.27
CA ALA D 224 -20.13 12.48 10.35
C ALA D 224 -18.76 13.10 10.60
N ASP D 225 -18.11 13.53 9.53
CA ASP D 225 -16.82 14.22 9.63
C ASP D 225 -17.06 15.60 10.23
N ILE D 226 -16.74 15.74 11.52
CA ILE D 226 -17.11 16.94 12.26
C ILE D 226 -16.41 18.18 11.71
N ASN D 227 -15.30 18.02 11.01
CA ASN D 227 -14.57 19.13 10.42
C ASN D 227 -14.23 18.82 8.96
N ALA D 228 -15.27 18.56 8.18
CA ALA D 228 -15.11 18.47 6.73
C ALA D 228 -14.96 19.87 6.12
N SER D 229 -14.18 19.95 5.06
CA SER D 229 -13.91 21.22 4.38
C SER D 229 -14.51 21.17 2.99
N ASP D 230 -15.29 22.19 2.64
CA ASP D 230 -15.82 22.31 1.29
C ASP D 230 -14.84 23.11 0.43
N SER D 231 -15.27 23.52 -0.76
CA SER D 231 -14.43 24.32 -1.63
C SER D 231 -14.03 25.62 -0.95
N TYR D 232 -14.97 26.24 -0.25
CA TYR D 232 -14.71 27.48 0.47
C TYR D 232 -13.78 27.26 1.66
N GLY D 233 -13.61 26.02 2.10
CA GLY D 233 -12.83 25.71 3.27
C GLY D 233 -13.60 25.74 4.57
N ASP D 234 -14.89 26.05 4.51
CA ASP D 234 -15.71 26.14 5.72
C ASP D 234 -15.92 24.77 6.36
N THR D 235 -16.01 24.77 7.67
CA THR D 235 -16.36 23.62 8.49
C THR D 235 -17.78 23.78 9.00
N PRO D 236 -18.43 22.70 9.44
CA PRO D 236 -19.76 22.85 10.04
C PRO D 236 -19.80 23.88 11.16
N LEU D 237 -18.73 24.00 11.95
CA LEU D 237 -18.67 25.02 12.99
C LEU D 237 -18.64 26.43 12.40
N HIS D 238 -18.04 26.61 11.23
CA HIS D 238 -18.09 27.91 10.56
C HIS D 238 -19.53 28.29 10.26
N LEU D 239 -20.25 27.41 9.55
CA LEU D 239 -21.63 27.70 9.16
C LEU D 239 -22.53 27.87 10.38
N ALA D 240 -22.29 27.09 11.43
CA ALA D 240 -23.11 27.22 12.64
C ALA D 240 -22.90 28.57 13.32
N ALA D 241 -21.64 29.05 13.35
CA ALA D 241 -21.39 30.36 13.93
C ALA D 241 -21.84 31.48 13.02
N ASN D 242 -21.74 31.28 11.70
CA ASN D 242 -22.08 32.34 10.75
C ASN D 242 -23.57 32.67 10.79
N TYR D 243 -24.44 31.66 10.89
CA TYR D 243 -25.88 31.85 10.75
C TYR D 243 -26.62 31.79 12.08
N GLY D 244 -25.94 32.10 13.19
CA GLY D 244 -26.61 32.35 14.45
C GLY D 244 -27.35 31.15 15.02
N HIS D 245 -26.86 29.95 14.79
CA HIS D 245 -27.43 28.75 15.41
C HIS D 245 -26.50 28.34 16.55
N LEU D 246 -26.76 28.91 17.72
CA LEU D 246 -25.92 28.64 18.90
C LEU D 246 -25.99 27.19 19.33
N GLU D 247 -27.18 26.59 19.29
CA GLU D 247 -27.37 25.22 19.75
C GLU D 247 -26.46 24.24 19.01
N ILE D 248 -26.16 24.50 17.74
CA ILE D 248 -25.28 23.62 17.00
C ILE D 248 -23.81 23.89 17.33
N VAL D 249 -23.47 25.14 17.66
CA VAL D 249 -22.08 25.48 17.98
C VAL D 249 -21.62 24.71 19.22
N ASP D 250 -22.51 24.55 20.20
CA ASP D 250 -22.12 23.85 21.43
C ASP D 250 -21.86 22.37 21.15
N LEU D 251 -22.79 21.70 20.48
CA LEU D 251 -22.63 20.26 20.28
C LEU D 251 -21.47 19.96 19.34
N LEU D 252 -21.22 20.83 18.35
CA LEU D 252 -20.07 20.63 17.50
C LEU D 252 -18.77 20.73 18.29
N LEU D 253 -18.65 21.77 19.14
CA LEU D 253 -17.45 21.93 19.95
C LEU D 253 -17.32 20.84 21.00
N ARG D 254 -18.43 20.34 21.54
CA ARG D 254 -18.35 19.21 22.47
C ARG D 254 -17.85 17.95 21.79
N TRP D 255 -18.00 17.86 20.47
CA TRP D 255 -17.55 16.71 19.69
C TRP D 255 -16.16 16.91 19.12
N GLY D 256 -15.49 17.99 19.48
CA GLY D 256 -14.14 18.25 19.02
C GLY D 256 -14.04 18.98 17.70
N ALA D 257 -14.98 19.86 17.39
CA ALA D 257 -14.86 20.65 16.18
C ALA D 257 -13.71 21.63 16.32
N ASP D 258 -13.06 21.92 15.20
CA ASP D 258 -11.92 22.82 15.21
C ASP D 258 -12.43 24.24 15.44
N VAL D 259 -12.13 24.79 16.62
CA VAL D 259 -12.66 26.10 16.99
C VAL D 259 -11.93 27.23 16.27
N ASN D 260 -10.73 26.98 15.77
CA ASN D 260 -9.97 27.98 15.01
C ASN D 260 -9.63 27.46 13.62
N ALA D 261 -10.61 26.81 12.97
CA ALA D 261 -10.43 26.38 11.59
C ALA D 261 -10.37 27.59 10.67
N SER D 262 -9.64 27.44 9.57
CA SER D 262 -9.45 28.52 8.61
C SER D 262 -10.03 28.11 7.26
N ASP D 263 -10.89 28.97 6.70
CA ASP D 263 -11.41 28.76 5.37
C ASP D 263 -10.43 29.36 4.35
N SER D 264 -10.88 29.57 3.12
CA SER D 264 -10.02 30.21 2.12
C SER D 264 -9.70 31.65 2.50
N SER D 265 -10.68 32.39 3.03
CA SER D 265 -10.45 33.76 3.46
C SER D 265 -9.58 33.81 4.72
N GLY D 266 -9.49 32.72 5.47
CA GLY D 266 -8.71 32.68 6.69
C GLY D 266 -9.47 33.01 7.94
N LYS D 267 -10.77 33.29 7.84
CA LYS D 267 -11.57 33.65 9.00
C LYS D 267 -11.91 32.41 9.82
N THR D 268 -11.83 32.55 11.14
CA THR D 268 -12.18 31.49 12.08
C THR D 268 -13.65 31.61 12.47
N PRO D 269 -14.19 30.60 13.14
CA PRO D 269 -15.55 30.75 13.67
C PRO D 269 -15.71 31.98 14.55
N LEU D 270 -14.63 32.39 15.23
CA LEU D 270 -14.68 33.62 16.01
C LEU D 270 -14.80 34.86 15.12
N HIS D 271 -14.08 34.87 13.99
CA HIS D 271 -14.24 35.97 13.03
C HIS D 271 -15.69 36.06 12.57
N LEU D 272 -16.25 34.94 12.12
CA LEU D 272 -17.60 34.96 11.56
C LEU D 272 -18.63 35.27 12.62
N ALA D 273 -18.45 34.75 13.84
CA ALA D 273 -19.37 35.06 14.92
C ALA D 273 -19.21 36.51 15.38
N ALA D 274 -18.03 37.09 15.21
CA ALA D 274 -17.83 38.50 15.56
C ALA D 274 -18.39 39.43 14.49
N GLN D 275 -18.39 39.00 13.22
CA GLN D 275 -18.93 39.84 12.16
C GLN D 275 -20.43 40.02 12.31
N ASP D 276 -21.16 38.93 12.50
CA ASP D 276 -22.62 38.94 12.38
C ASP D 276 -23.33 39.26 13.70
N GLY D 277 -22.60 39.67 14.73
CA GLY D 277 -23.24 40.18 15.93
C GLY D 277 -23.87 39.10 16.78
N HIS D 278 -23.15 38.02 17.04
CA HIS D 278 -23.63 36.90 17.86
C HIS D 278 -22.76 36.83 19.11
N LEU D 279 -23.22 37.48 20.19
CA LEU D 279 -22.45 37.46 21.43
C LEU D 279 -22.48 36.07 22.09
N GLU D 280 -23.66 35.46 22.19
CA GLU D 280 -23.73 34.17 22.87
C GLU D 280 -22.98 33.08 22.10
N ILE D 281 -22.74 33.26 20.81
CA ILE D 281 -21.89 32.34 20.06
C ILE D 281 -20.42 32.72 20.17
N VAL D 282 -20.12 34.02 20.20
CA VAL D 282 -18.76 34.46 20.48
C VAL D 282 -18.32 33.99 21.86
N ASP D 283 -19.23 34.03 22.84
CA ASP D 283 -18.89 33.56 24.18
C ASP D 283 -18.57 32.07 24.20
N VAL D 284 -19.34 31.27 23.45
CA VAL D 284 -19.13 29.83 23.47
C VAL D 284 -17.88 29.44 22.69
N LEU D 285 -17.67 30.06 21.52
CA LEU D 285 -16.48 29.74 20.74
C LEU D 285 -15.20 30.16 21.45
N LEU D 286 -15.24 31.29 22.15
CA LEU D 286 -14.08 31.72 22.94
C LEU D 286 -13.82 30.78 24.11
N ALA D 287 -14.88 30.17 24.66
CA ALA D 287 -14.72 29.31 25.82
C ALA D 287 -13.94 28.05 25.50
N HIS D 288 -14.15 27.47 24.32
CA HIS D 288 -13.45 26.27 23.91
C HIS D 288 -12.11 26.57 23.23
N GLY D 289 -11.67 27.83 23.23
CA GLY D 289 -10.34 28.16 22.80
C GLY D 289 -10.22 28.90 21.47
N ALA D 290 -11.10 29.87 21.23
CA ALA D 290 -10.98 30.67 20.03
C ALA D 290 -9.83 31.67 20.18
N ASP D 291 -9.27 32.07 19.03
CA ASP D 291 -8.11 32.95 19.01
C ASP D 291 -8.54 34.37 18.68
N VAL D 292 -8.39 35.28 19.64
CA VAL D 292 -8.65 36.69 19.39
C VAL D 292 -7.59 37.24 18.45
N ASN D 293 -6.40 36.63 18.40
CA ASN D 293 -5.28 37.16 17.66
C ASN D 293 -5.17 36.55 16.26
N ALA D 294 -5.96 35.53 15.95
CA ALA D 294 -5.93 34.99 14.60
C ALA D 294 -6.38 36.05 13.60
N GLN D 295 -5.70 36.12 12.47
CA GLN D 295 -6.02 37.08 11.43
C GLN D 295 -6.39 36.33 10.16
N ASP D 296 -7.39 36.86 9.44
CA ASP D 296 -7.70 36.34 8.13
C ASP D 296 -6.66 36.85 7.14
N LYS D 297 -6.90 36.65 5.86
CA LYS D 297 -5.98 37.15 4.85
C LYS D 297 -6.08 38.66 4.68
N PHE D 298 -7.03 39.31 5.35
CA PHE D 298 -7.17 40.75 5.33
C PHE D 298 -6.50 41.42 6.52
N GLY D 299 -5.78 40.67 7.35
CA GLY D 299 -5.11 41.24 8.50
C GLY D 299 -6.03 41.62 9.65
N LYS D 300 -7.35 41.52 9.45
CA LYS D 300 -8.32 41.94 10.45
C LYS D 300 -8.58 40.82 11.46
N THR D 301 -8.54 41.16 12.73
CA THR D 301 -8.74 40.21 13.81
C THR D 301 -10.22 40.11 14.14
N PRO D 302 -10.62 39.15 14.98
CA PRO D 302 -12.01 39.16 15.47
C PRO D 302 -12.36 40.45 16.16
N PHE D 303 -11.38 41.10 16.81
CA PHE D 303 -11.60 42.42 17.37
C PHE D 303 -11.80 43.47 16.28
N ASP D 304 -11.19 43.28 15.12
CA ASP D 304 -11.40 44.20 14.00
C ASP D 304 -12.80 44.02 13.42
N LEU D 305 -13.12 42.80 13.00
CA LEU D 305 -14.39 42.54 12.33
C LEU D 305 -15.58 42.88 13.22
N ALA D 306 -15.41 42.84 14.55
CA ALA D 306 -16.46 43.33 15.44
C ALA D 306 -16.60 44.84 15.35
N ILE D 307 -15.47 45.56 15.29
CA ILE D 307 -15.52 47.01 15.16
C ILE D 307 -16.00 47.41 13.76
N ASP D 308 -15.57 46.67 12.74
CA ASP D 308 -15.94 47.01 11.36
C ASP D 308 -17.45 46.93 11.14
N ASN D 309 -18.12 45.98 11.79
CA ASN D 309 -19.55 45.76 11.57
C ASN D 309 -20.45 46.54 12.52
N GLY D 310 -19.88 47.33 13.44
CA GLY D 310 -20.69 48.11 14.35
C GLY D 310 -21.11 47.37 15.60
N ASN D 311 -20.63 46.14 15.80
CA ASN D 311 -20.94 45.35 16.98
C ASN D 311 -19.89 45.65 18.05
N GLU D 312 -20.31 46.30 19.13
CA GLU D 312 -19.38 46.76 20.16
C GLU D 312 -19.22 45.76 21.30
N ASP D 313 -20.33 45.25 21.84
CA ASP D 313 -20.29 44.31 22.96
C ASP D 313 -19.48 43.05 22.65
N ILE D 314 -19.25 42.74 21.37
CA ILE D 314 -18.41 41.61 21.03
C ILE D 314 -16.93 41.98 21.12
N ALA D 315 -16.59 43.21 20.71
CA ALA D 315 -15.19 43.64 20.73
C ALA D 315 -14.63 43.67 22.15
N GLU D 316 -15.42 44.14 23.12
CA GLU D 316 -14.91 44.20 24.49
C GLU D 316 -14.71 42.81 25.08
N VAL D 317 -15.53 41.83 24.69
CA VAL D 317 -15.29 40.48 25.18
C VAL D 317 -13.97 39.97 24.62
N LEU D 318 -13.65 40.35 23.37
CA LEU D 318 -12.36 40.00 22.78
C LEU D 318 -11.23 40.87 23.34
N GLN D 319 -11.53 42.15 23.64
CA GLN D 319 -10.52 43.03 24.21
C GLN D 319 -10.13 42.61 25.61
N LYS D 320 -11.12 42.35 26.46
CA LYS D 320 -10.88 41.92 27.83
C LYS D 320 -10.46 40.46 27.93
N ALA D 321 -10.46 39.73 26.80
CA ALA D 321 -10.08 38.33 26.80
C ALA D 321 -8.60 38.12 27.10
N ALA D 322 -7.78 39.15 26.90
CA ALA D 322 -6.40 39.13 27.36
C ALA D 322 -6.33 39.61 28.81
N SER E 23 -1.19 -15.40 -23.94
CA SER E 23 -0.12 -14.45 -23.66
C SER E 23 0.15 -14.34 -22.15
N PRO E 24 1.41 -14.12 -21.79
CA PRO E 24 1.76 -14.02 -20.36
C PRO E 24 1.25 -12.73 -19.75
N VAL E 25 1.20 -11.64 -20.53
CA VAL E 25 0.74 -10.34 -20.07
C VAL E 25 -0.72 -10.36 -19.64
N VAL E 26 -1.48 -11.36 -20.08
CA VAL E 26 -2.90 -11.42 -19.74
C VAL E 26 -3.09 -11.62 -18.25
N GLU E 27 -2.34 -12.56 -17.66
CA GLU E 27 -2.47 -12.82 -16.22
C GLU E 27 -2.12 -11.59 -15.39
N VAL E 28 -1.19 -10.76 -15.86
CA VAL E 28 -0.83 -9.55 -15.13
C VAL E 28 -2.01 -8.58 -15.09
N GLN E 29 -2.63 -8.33 -16.26
CA GLN E 29 -3.82 -7.48 -16.31
C GLN E 29 -4.91 -7.99 -15.39
N GLY E 30 -5.15 -9.31 -15.39
CA GLY E 30 -6.17 -9.86 -14.51
C GLY E 30 -5.83 -9.74 -13.05
N THR E 31 -4.54 -9.62 -12.72
CA THR E 31 -4.13 -9.39 -11.34
C THR E 31 -4.09 -7.90 -11.01
N ILE E 32 -3.68 -7.07 -11.97
CA ILE E 32 -3.82 -5.62 -11.80
C ILE E 32 -5.28 -5.26 -11.58
N ASP E 33 -6.16 -5.78 -12.43
CA ASP E 33 -7.60 -5.60 -12.24
C ASP E 33 -8.02 -6.15 -10.89
N GLU E 34 -7.45 -7.29 -10.48
CA GLU E 34 -7.80 -7.87 -9.20
C GLU E 34 -7.27 -7.02 -8.05
N LEU E 35 -5.99 -6.63 -8.11
CA LEU E 35 -5.42 -5.77 -7.07
C LEU E 35 -6.19 -4.46 -6.96
N ASN E 36 -6.57 -3.87 -8.09
CA ASN E 36 -7.33 -2.62 -8.05
C ASN E 36 -8.64 -2.80 -7.30
N SER E 37 -9.26 -3.97 -7.43
CA SER E 37 -10.47 -4.26 -6.68
C SER E 37 -10.20 -4.30 -5.18
N PHE E 38 -9.09 -4.94 -4.78
CA PHE E 38 -8.73 -4.98 -3.37
C PHE E 38 -8.36 -3.60 -2.84
N ILE E 39 -7.63 -2.81 -3.64
CA ILE E 39 -7.25 -1.47 -3.21
C ILE E 39 -8.48 -0.61 -2.97
N GLY E 40 -9.45 -0.67 -3.90
CA GLY E 40 -10.67 0.10 -3.72
C GLY E 40 -11.48 -0.34 -2.53
N TYR E 41 -11.40 -1.62 -2.16
CA TYR E 41 -12.11 -2.09 -0.98
C TYR E 41 -11.47 -1.54 0.30
N ALA E 42 -10.16 -1.70 0.43
CA ALA E 42 -9.45 -1.12 1.58
C ALA E 42 -9.56 0.39 1.60
N LEU E 43 -9.77 1.02 0.44
CA LEU E 43 -10.00 2.45 0.39
C LEU E 43 -11.32 2.82 1.06
N VAL E 44 -12.41 2.17 0.66
CA VAL E 44 -13.72 2.48 1.23
C VAL E 44 -13.79 2.13 2.71
N LEU E 45 -12.86 1.31 3.20
CA LEU E 45 -12.83 0.97 4.62
C LEU E 45 -11.97 1.93 5.43
N SER E 46 -10.76 2.23 4.95
CA SER E 46 -9.85 3.09 5.68
C SER E 46 -10.48 4.46 5.87
N ARG E 47 -10.70 4.83 7.13
CA ARG E 47 -11.45 6.02 7.50
C ARG E 47 -10.58 7.25 7.68
N TRP E 48 -9.32 7.21 7.25
CA TRP E 48 -8.42 8.34 7.34
C TRP E 48 -8.19 8.91 5.95
N ASP E 49 -7.97 10.23 5.89
CA ASP E 49 -7.95 10.92 4.61
C ASP E 49 -6.66 10.66 3.84
N ASP E 50 -5.52 10.69 4.51
CA ASP E 50 -4.25 10.58 3.80
C ASP E 50 -4.08 9.18 3.22
N ILE E 51 -4.55 8.15 3.93
CA ILE E 51 -4.50 6.79 3.40
C ILE E 51 -5.33 6.70 2.12
N ARG E 52 -6.55 7.25 2.16
CA ARG E 52 -7.41 7.25 0.99
C ARG E 52 -6.81 8.07 -0.14
N ASN E 53 -6.14 9.18 0.19
CA ASN E 53 -5.44 9.97 -0.83
C ASN E 53 -4.44 9.12 -1.59
N ASP E 54 -3.55 8.43 -0.86
CA ASP E 54 -2.57 7.55 -1.50
C ASP E 54 -3.27 6.44 -2.29
N LEU E 55 -4.24 5.78 -1.66
CA LEU E 55 -4.89 4.64 -2.30
C LEU E 55 -5.55 5.03 -3.62
N PHE E 56 -6.15 6.22 -3.68
CA PHE E 56 -6.79 6.63 -4.92
C PHE E 56 -5.76 6.88 -6.01
N ARG E 57 -4.66 7.55 -5.68
CA ARG E 57 -3.58 7.73 -6.64
C ARG E 57 -3.05 6.39 -7.12
N ILE E 58 -2.91 5.43 -6.20
CA ILE E 58 -2.45 4.09 -6.57
C ILE E 58 -3.38 3.47 -7.60
N GLN E 59 -4.69 3.60 -7.38
CA GLN E 59 -5.66 3.02 -8.30
C GLN E 59 -5.51 3.64 -9.69
N ASN E 60 -5.43 4.96 -9.76
CA ASN E 60 -5.23 5.63 -11.04
C ASN E 60 -3.88 5.28 -11.66
N ASP E 61 -2.90 4.89 -10.83
CA ASP E 61 -1.61 4.49 -11.38
C ASP E 61 -1.64 3.06 -11.90
N LEU E 62 -2.47 2.20 -11.30
CA LEU E 62 -2.60 0.83 -11.80
C LEU E 62 -3.13 0.82 -13.23
N PHE E 63 -3.87 1.85 -13.63
CA PHE E 63 -4.20 2.02 -15.04
C PHE E 63 -2.93 2.25 -15.85
N VAL E 64 -2.12 3.24 -15.45
CA VAL E 64 -0.88 3.54 -16.16
C VAL E 64 0.06 2.34 -16.12
N LEU E 65 0.16 1.68 -14.97
CA LEU E 65 1.02 0.51 -14.86
C LEU E 65 0.51 -0.63 -15.73
N GLY E 66 -0.81 -0.81 -15.80
CA GLY E 66 -1.37 -1.81 -16.68
C GLY E 66 -1.17 -1.47 -18.14
N GLU E 67 -1.43 -0.22 -18.50
CA GLU E 67 -1.23 0.22 -19.88
C GLU E 67 0.23 0.10 -20.29
N ASP E 68 1.16 0.24 -19.35
CA ASP E 68 2.57 0.10 -19.65
C ASP E 68 2.91 -1.33 -20.06
N VAL E 69 2.41 -2.31 -19.31
CA VAL E 69 2.71 -3.71 -19.62
C VAL E 69 1.98 -4.14 -20.88
N SER E 70 0.78 -3.62 -21.12
CA SER E 70 0.01 -4.01 -22.29
C SER E 70 0.68 -3.54 -23.56
N THR E 71 1.05 -2.25 -23.61
CA THR E 71 1.70 -1.70 -24.79
C THR E 71 3.20 -1.94 -24.80
N GLY E 72 3.77 -2.50 -23.73
CA GLY E 72 5.21 -2.69 -23.68
C GLY E 72 6.01 -1.42 -23.69
N GLY E 73 5.39 -0.28 -23.40
CA GLY E 73 6.06 0.99 -23.41
C GLY E 73 5.62 1.96 -24.48
N LYS E 74 4.56 1.64 -25.23
CA LYS E 74 4.10 2.49 -26.32
C LYS E 74 3.26 3.65 -25.80
N GLY E 75 2.24 3.35 -24.98
CA GLY E 75 1.35 4.36 -24.44
C GLY E 75 1.85 4.98 -23.15
N ARG E 76 0.97 5.05 -22.15
CA ARG E 76 1.38 5.53 -20.84
C ARG E 76 2.44 4.62 -20.25
N THR E 77 3.36 5.21 -19.49
CA THR E 77 4.46 4.47 -18.90
C THR E 77 4.59 4.81 -17.42
N VAL E 78 5.07 3.85 -16.64
CA VAL E 78 5.29 4.08 -15.22
C VAL E 78 6.46 5.07 -15.08
N THR E 79 6.18 6.27 -14.57
CA THR E 79 7.21 7.28 -14.42
C THR E 79 7.92 7.12 -13.09
N MET E 80 9.09 7.75 -13.00
CA MET E 80 9.82 7.70 -11.74
C MET E 80 9.16 8.56 -10.68
N ASP E 81 8.54 9.68 -11.07
CA ASP E 81 7.78 10.47 -10.12
C ASP E 81 6.65 9.66 -9.51
N MET E 82 6.12 8.69 -10.25
CA MET E 82 5.12 7.78 -9.69
C MET E 82 5.74 6.95 -8.57
N ILE E 83 6.88 6.33 -8.84
CA ILE E 83 7.59 5.58 -7.81
C ILE E 83 8.05 6.49 -6.68
N ILE E 84 8.49 7.70 -7.02
CA ILE E 84 9.03 8.60 -6.01
C ILE E 84 7.97 8.99 -4.98
N TYR E 85 6.74 9.24 -5.43
CA TYR E 85 5.68 9.60 -4.49
C TYR E 85 5.35 8.44 -3.56
N LEU E 86 5.43 7.21 -4.06
CA LEU E 86 5.23 6.05 -3.19
C LEU E 86 6.27 6.02 -2.07
N ILE E 87 7.44 6.58 -2.31
CA ILE E 87 8.49 6.61 -1.28
C ILE E 87 8.33 7.83 -0.37
N LYS E 88 7.98 9.00 -0.93
CA LYS E 88 7.72 10.17 -0.12
C LYS E 88 6.72 9.88 0.98
N ARG E 89 5.61 9.22 0.63
CA ARG E 89 4.60 8.89 1.62
C ARG E 89 5.04 7.74 2.52
N SER E 90 5.81 6.79 1.97
CA SER E 90 6.29 5.68 2.80
C SER E 90 7.27 6.17 3.85
N VAL E 91 7.99 7.26 3.58
CA VAL E 91 8.86 7.84 4.60
C VAL E 91 8.04 8.68 5.58
N GLU E 92 7.10 9.48 5.07
CA GLU E 92 6.26 10.28 5.95
C GLU E 92 5.48 9.42 6.94
N MET E 93 5.18 8.18 6.55
CA MET E 93 4.43 7.27 7.41
C MET E 93 5.35 6.46 8.32
N LYS E 94 6.52 6.03 7.82
CA LYS E 94 7.47 5.34 8.69
C LYS E 94 7.96 6.21 9.83
N ALA E 95 7.81 7.53 9.70
CA ALA E 95 8.17 8.41 10.81
C ALA E 95 7.15 8.33 11.93
N GLU E 96 5.86 8.33 11.59
CA GLU E 96 4.82 8.26 12.61
C GLU E 96 4.79 6.89 13.27
N ILE E 97 5.09 5.82 12.53
CA ILE E 97 5.10 4.48 13.10
C ILE E 97 6.22 4.35 14.13
N GLY E 98 7.44 4.68 13.73
CA GLY E 98 8.60 4.54 14.61
C GLY E 98 9.30 3.20 14.37
N LYS E 99 9.41 2.40 15.44
CA LYS E 99 10.05 1.09 15.36
C LYS E 99 9.01 0.04 14.95
N ILE E 100 9.29 -0.68 13.87
CA ILE E 100 8.38 -1.67 13.32
C ILE E 100 8.91 -3.04 13.74
N GLU E 101 8.32 -3.63 14.78
CA GLU E 101 8.75 -4.97 15.18
C GLU E 101 8.35 -5.96 14.10
N LEU E 102 9.28 -6.83 13.73
CA LEU E 102 8.99 -7.83 12.71
C LEU E 102 8.20 -9.00 13.30
N PHE E 103 7.69 -9.84 12.40
CA PHE E 103 6.89 -11.00 12.74
C PHE E 103 5.64 -10.61 13.52
N VAL E 104 4.93 -9.61 12.99
CA VAL E 104 3.65 -9.17 13.52
C VAL E 104 2.56 -9.74 12.63
N VAL E 105 1.50 -10.25 13.26
CA VAL E 105 0.43 -10.99 12.60
C VAL E 105 -0.48 -10.02 11.85
N PRO E 106 -0.92 -10.35 10.63
CA PRO E 106 -1.78 -9.43 9.88
C PRO E 106 -3.22 -9.44 10.40
N GLY E 107 -4.05 -8.59 9.81
CA GLY E 107 -5.45 -8.49 10.20
C GLY E 107 -5.65 -7.87 11.57
N GLY E 108 -5.04 -6.71 11.80
CA GLY E 108 -5.20 -6.01 13.07
C GLY E 108 -6.60 -5.48 13.28
N SER E 109 -7.02 -4.57 12.41
CA SER E 109 -8.39 -4.07 12.39
C SER E 109 -8.87 -4.05 10.95
N VAL E 110 -10.17 -3.87 10.76
CA VAL E 110 -10.76 -4.09 9.44
C VAL E 110 -10.17 -3.13 8.41
N GLU E 111 -10.10 -1.85 8.75
CA GLU E 111 -9.43 -0.89 7.85
C GLU E 111 -8.00 -1.32 7.58
N SER E 112 -7.31 -1.82 8.61
CA SER E 112 -5.95 -2.34 8.43
C SER E 112 -5.97 -3.68 7.72
N ALA E 113 -6.88 -4.58 8.12
CA ALA E 113 -6.91 -5.93 7.55
C ALA E 113 -7.20 -5.89 6.05
N SER E 114 -8.14 -5.06 5.64
CA SER E 114 -8.39 -4.86 4.21
C SER E 114 -7.11 -4.44 3.49
N LEU E 115 -6.32 -3.56 4.12
CA LEU E 115 -5.05 -3.14 3.54
C LEU E 115 -4.05 -4.28 3.50
N HIS E 116 -4.08 -5.17 4.50
CA HIS E 116 -3.18 -6.33 4.50
C HIS E 116 -3.45 -7.23 3.31
N MET E 117 -4.74 -7.46 2.99
CA MET E 117 -5.09 -8.28 1.84
C MET E 117 -4.73 -7.57 0.54
N ALA E 118 -4.99 -6.26 0.47
CA ALA E 118 -4.55 -5.49 -0.69
C ALA E 118 -3.05 -5.60 -0.88
N ARG E 119 -2.29 -5.66 0.22
CA ARG E 119 -0.85 -5.87 0.09
C ARG E 119 -0.55 -7.27 -0.40
N ALA E 120 -1.23 -8.27 0.16
CA ALA E 120 -0.95 -9.65 -0.22
C ALA E 120 -1.24 -9.91 -1.68
N VAL E 121 -2.28 -9.26 -2.22
CA VAL E 121 -2.53 -9.32 -3.65
C VAL E 121 -1.46 -8.56 -4.42
N SER E 122 -1.01 -7.43 -3.86
CA SER E 122 0.04 -6.63 -4.51
C SER E 122 1.34 -7.43 -4.66
N ARG E 123 1.71 -8.20 -3.64
CA ARG E 123 2.91 -9.03 -3.76
C ARG E 123 2.71 -10.16 -4.76
N ARG E 124 1.48 -10.62 -4.96
CA ARG E 124 1.23 -11.62 -5.99
C ARG E 124 1.40 -11.02 -7.38
N LEU E 125 1.01 -9.76 -7.56
CA LEU E 125 1.23 -9.09 -8.83
C LEU E 125 2.71 -9.01 -9.17
N GLU E 126 3.56 -8.82 -8.16
CA GLU E 126 5.00 -8.87 -8.37
C GLU E 126 5.42 -10.24 -8.91
N ARG E 127 4.91 -11.31 -8.32
CA ARG E 127 5.23 -12.64 -8.81
C ARG E 127 4.70 -12.87 -10.21
N ARG E 128 3.52 -12.32 -10.51
CA ARG E 128 3.00 -12.38 -11.88
C ARG E 128 3.79 -11.48 -12.81
N ILE E 129 4.24 -10.33 -12.32
CA ILE E 129 5.06 -9.44 -13.14
C ILE E 129 6.45 -10.05 -13.34
N LYS E 130 7.07 -10.53 -12.26
CA LYS E 130 8.37 -11.18 -12.38
C LYS E 130 8.32 -12.35 -13.35
N ALA E 131 7.16 -13.01 -13.46
CA ALA E 131 7.01 -14.07 -14.43
C ALA E 131 6.95 -13.51 -15.85
N ALA E 132 6.03 -12.59 -16.11
CA ALA E 132 5.84 -12.08 -17.46
C ALA E 132 7.08 -11.37 -17.98
N SER E 133 7.84 -10.73 -17.08
CA SER E 133 9.05 -10.02 -17.50
C SER E 133 10.09 -10.99 -18.08
N GLU E 134 10.10 -12.24 -17.62
CA GLU E 134 10.99 -13.25 -18.18
C GLU E 134 10.57 -13.73 -19.56
N LEU E 135 9.42 -13.30 -20.07
CA LEU E 135 8.92 -13.76 -21.37
C LEU E 135 8.63 -12.63 -22.36
N THR E 136 8.56 -11.39 -21.88
CA THR E 136 8.39 -10.23 -22.75
C THR E 136 8.99 -9.04 -22.03
N GLU E 137 9.67 -8.18 -22.79
CA GLU E 137 10.25 -6.99 -22.18
C GLU E 137 9.17 -6.15 -21.49
N ILE E 138 9.40 -5.87 -20.22
CA ILE E 138 8.53 -5.03 -19.41
C ILE E 138 9.40 -3.95 -18.81
N ASN E 139 9.01 -2.69 -19.00
CA ASN E 139 9.79 -1.58 -18.48
C ASN E 139 10.06 -1.78 -16.99
N ALA E 140 11.32 -1.58 -16.60
CA ALA E 140 11.73 -1.92 -15.24
C ALA E 140 10.93 -1.15 -14.21
N ASN E 141 10.58 0.10 -14.50
CA ASN E 141 9.76 0.90 -13.60
C ASN E 141 8.47 0.21 -13.19
N VAL E 142 7.99 -0.74 -14.01
CA VAL E 142 6.78 -1.50 -13.65
C VAL E 142 7.02 -2.29 -12.38
N LEU E 143 8.12 -3.05 -12.33
CA LEU E 143 8.40 -3.83 -11.12
C LEU E 143 8.83 -2.93 -9.97
N LEU E 144 9.47 -1.80 -10.28
CA LEU E 144 9.83 -0.86 -9.23
C LEU E 144 8.60 -0.29 -8.55
N TYR E 145 7.63 0.19 -9.34
CA TYR E 145 6.38 0.66 -8.76
C TYR E 145 5.64 -0.48 -8.07
N ALA E 146 5.73 -1.68 -8.64
CA ALA E 146 5.09 -2.84 -8.02
C ALA E 146 5.66 -3.10 -6.64
N ASN E 147 6.99 -3.09 -6.53
CA ASN E 147 7.63 -3.32 -5.23
C ASN E 147 7.32 -2.20 -4.26
N MET E 148 7.30 -0.96 -4.74
CA MET E 148 7.00 0.16 -3.86
C MET E 148 5.52 0.18 -3.45
N LEU E 149 4.63 -0.30 -4.32
CA LEU E 149 3.21 -0.37 -3.96
C LEU E 149 3.00 -1.32 -2.80
N SER E 150 3.67 -2.48 -2.82
CA SER E 150 3.57 -3.41 -1.71
C SER E 150 4.06 -2.78 -0.42
N ASN E 151 5.15 -2.01 -0.49
CA ASN E 151 5.69 -1.35 0.69
C ASN E 151 4.72 -0.31 1.25
N ILE E 152 4.20 0.57 0.39
CA ILE E 152 3.39 1.67 0.90
C ILE E 152 2.05 1.17 1.40
N LEU E 153 1.53 0.07 0.83
CA LEU E 153 0.35 -0.57 1.37
C LEU E 153 0.57 -1.08 2.78
N PHE E 154 1.79 -1.53 3.08
CA PHE E 154 2.10 -2.03 4.40
C PHE E 154 2.11 -0.91 5.43
N MET E 155 2.64 0.26 5.06
CA MET E 155 2.57 1.41 5.97
C MET E 155 1.13 1.83 6.21
N HIS E 156 0.27 1.69 5.19
CA HIS E 156 -1.15 2.02 5.36
C HIS E 156 -1.77 1.17 6.46
N ALA E 157 -1.52 -0.14 6.44
CA ALA E 157 -2.07 -1.00 7.47
C ALA E 157 -1.47 -0.68 8.84
N LEU E 158 -0.16 -0.42 8.90
CA LEU E 158 0.47 -0.07 10.16
C LEU E 158 -0.10 1.21 10.72
N ILE E 159 -0.17 2.26 9.89
CA ILE E 159 -0.71 3.54 10.34
C ILE E 159 -2.16 3.38 10.78
N SER E 160 -2.94 2.60 10.02
CA SER E 160 -4.33 2.36 10.40
C SER E 160 -4.44 1.75 11.79
N ASN E 161 -3.56 0.80 12.11
CA ASN E 161 -3.59 0.19 13.44
C ASN E 161 -3.02 1.10 14.52
N LYS E 162 -2.01 1.92 14.19
CA LYS E 162 -1.50 2.87 15.17
C LYS E 162 -2.58 3.88 15.57
N ARG E 163 -3.41 4.29 14.60
CA ARG E 163 -4.46 5.26 14.87
C ARG E 163 -5.69 4.62 15.48
N LYS E 164 -5.96 3.35 15.16
CA LYS E 164 -7.04 2.63 15.83
C LYS E 164 -6.73 2.42 17.30
N GLU E 165 -5.48 2.06 17.63
CA GLU E 165 -5.07 1.97 19.02
C GLU E 165 -4.95 3.33 19.68
N GLU E 166 -4.83 4.40 18.90
CA GLU E 166 -4.82 5.74 19.49
C GLU E 166 -6.19 6.11 20.04
N LEU E 167 -7.25 5.85 19.27
CA LEU E 167 -8.60 6.15 19.72
C LEU E 167 -8.96 5.29 20.92
N ASP E 168 -8.50 4.03 20.94
CA ASP E 168 -8.83 3.15 22.05
C ASP E 168 -8.15 3.59 23.33
N LYS E 169 -7.00 4.28 23.22
CA LYS E 169 -6.39 4.90 24.40
C LYS E 169 -7.14 6.15 24.82
N LYS E 170 -7.94 6.73 23.93
CA LYS E 170 -8.82 7.84 24.28
C LYS E 170 -10.18 7.39 24.78
N LEU E 171 -10.71 6.28 24.24
CA LEU E 171 -11.99 5.77 24.73
C LEU E 171 -11.88 5.23 26.15
N LEU E 172 -10.82 4.46 26.43
CA LEU E 172 -10.57 4.00 27.80
C LEU E 172 -10.26 5.17 28.73
N GLU E 173 -9.61 6.22 28.22
CA GLU E 173 -9.30 7.37 29.04
C GLU E 173 -10.53 8.22 29.29
N ALA E 174 -11.32 8.48 28.23
CA ALA E 174 -12.53 9.30 28.38
C ALA E 174 -13.58 8.59 29.22
N ALA E 175 -13.63 7.26 29.19
CA ALA E 175 -14.54 6.54 30.05
C ALA E 175 -14.23 6.76 31.52
N ARG E 176 -12.99 7.13 31.85
CA ARG E 176 -12.61 7.40 33.22
C ARG E 176 -13.09 8.77 33.68
N ALA E 177 -12.85 9.80 32.87
CA ALA E 177 -13.15 11.17 33.24
C ALA E 177 -14.61 11.56 33.06
N GLY E 178 -15.46 10.65 32.59
CA GLY E 178 -16.85 11.00 32.38
C GLY E 178 -17.12 11.90 31.20
N GLN E 179 -16.38 11.74 30.10
CA GLN E 179 -16.54 12.57 28.91
C GLN E 179 -17.69 12.02 28.06
N ASP E 180 -18.91 12.40 28.44
CA ASP E 180 -20.08 11.96 27.69
C ASP E 180 -20.01 12.40 26.23
N ASP E 181 -19.34 13.52 25.95
CA ASP E 181 -19.21 14.02 24.59
C ASP E 181 -18.00 13.44 23.85
N GLU E 182 -16.86 13.25 24.52
CA GLU E 182 -15.73 12.63 23.85
C GLU E 182 -16.01 11.19 23.49
N VAL E 183 -16.58 10.42 24.42
CA VAL E 183 -16.93 9.04 24.15
C VAL E 183 -17.87 8.95 22.96
N ALA E 184 -18.75 9.93 22.81
CA ALA E 184 -19.65 9.97 21.65
C ALA E 184 -18.87 10.13 20.36
N ALA E 185 -18.01 11.16 20.29
CA ALA E 185 -17.21 11.38 19.08
C ALA E 185 -16.28 10.22 18.80
N LEU E 186 -15.76 9.57 19.85
CA LEU E 186 -14.85 8.45 19.64
C LEU E 186 -15.58 7.23 19.11
N LEU E 187 -16.72 6.90 19.72
CA LEU E 187 -17.51 5.75 19.26
C LEU E 187 -18.06 5.98 17.85
N ALA E 188 -18.29 7.24 17.48
CA ALA E 188 -18.68 7.55 16.10
C ALA E 188 -17.52 7.47 15.13
N LYS E 189 -16.29 7.61 15.61
CA LYS E 189 -15.10 7.56 14.77
C LYS E 189 -14.45 6.18 14.73
N GLY E 190 -15.12 5.16 15.26
CA GLY E 190 -14.65 3.81 15.14
C GLY E 190 -13.87 3.27 16.33
N ALA E 191 -13.81 4.00 17.44
CA ALA E 191 -13.12 3.50 18.62
C ALA E 191 -13.75 2.19 19.08
N ASP E 192 -12.92 1.15 19.15
CA ASP E 192 -13.41 -0.18 19.48
C ASP E 192 -14.02 -0.20 20.87
N VAL E 193 -15.33 -0.45 20.94
CA VAL E 193 -16.03 -0.45 22.22
C VAL E 193 -15.53 -1.59 23.11
N ASN E 194 -15.12 -2.70 22.50
CA ASN E 194 -14.60 -3.85 23.22
C ASN E 194 -13.10 -3.76 23.45
N ALA E 195 -12.55 -2.54 23.46
CA ALA E 195 -11.12 -2.35 23.61
C ALA E 195 -10.64 -2.94 24.93
N SER E 196 -9.82 -3.98 24.85
CA SER E 196 -9.31 -4.65 26.03
C SER E 196 -7.95 -4.06 26.38
N ASP E 197 -7.83 -3.53 27.58
CA ASP E 197 -6.55 -3.03 28.06
C ASP E 197 -5.61 -4.22 28.30
N TYR E 198 -4.37 -3.90 28.66
CA TYR E 198 -3.45 -4.97 29.05
C TYR E 198 -3.92 -5.63 30.34
N LYS E 199 -4.56 -4.86 31.23
CA LYS E 199 -5.16 -5.46 32.43
C LYS E 199 -6.36 -6.32 32.09
N GLY E 200 -6.89 -6.24 30.87
CA GLY E 200 -8.17 -6.82 30.53
C GLY E 200 -9.35 -5.91 30.78
N THR E 201 -9.12 -4.69 31.26
CA THR E 201 -10.19 -3.76 31.56
C THR E 201 -10.69 -3.08 30.29
N THR E 202 -12.00 -3.05 30.11
CA THR E 202 -12.67 -2.45 28.97
C THR E 202 -13.31 -1.13 29.38
N PRO E 203 -13.69 -0.29 28.40
CA PRO E 203 -14.30 1.00 28.76
C PRO E 203 -15.56 0.85 29.61
N LEU E 204 -16.30 -0.25 29.45
CA LEU E 204 -17.46 -0.48 30.31
C LEU E 204 -17.03 -0.64 31.77
N HIS E 205 -15.90 -1.30 32.00
CA HIS E 205 -15.36 -1.38 33.36
C HIS E 205 -15.10 0.00 33.93
N VAL E 206 -14.42 0.85 33.16
CA VAL E 206 -14.01 2.16 33.67
C VAL E 206 -15.21 3.04 33.93
N ALA E 207 -16.24 2.95 33.08
CA ALA E 207 -17.42 3.78 33.25
C ALA E 207 -18.21 3.38 34.50
N ALA E 208 -18.29 2.08 34.79
CA ALA E 208 -18.98 1.62 35.99
C ALA E 208 -18.19 1.93 37.25
N TRP E 209 -16.86 1.82 37.19
CA TRP E 209 -16.00 2.14 38.34
C TRP E 209 -16.23 3.57 38.82
N ASN E 210 -15.90 4.55 37.98
CA ASN E 210 -16.08 5.95 38.35
C ASN E 210 -17.52 6.26 38.68
N GLY E 211 -18.46 5.73 37.90
CA GLY E 211 -19.87 5.99 38.09
C GLY E 211 -20.51 6.91 37.09
N HIS E 212 -19.96 7.04 35.88
CA HIS E 212 -20.53 7.88 34.84
C HIS E 212 -21.57 7.04 34.09
N LEU E 213 -22.80 7.10 34.57
CA LEU E 213 -23.87 6.27 34.03
C LEU E 213 -24.12 6.54 32.55
N GLU E 214 -23.95 7.79 32.11
CA GLU E 214 -24.21 8.12 30.71
C GLU E 214 -23.34 7.31 29.77
N ILE E 215 -22.07 7.11 30.12
CA ILE E 215 -21.16 6.35 29.27
C ILE E 215 -21.50 4.86 29.32
N VAL E 216 -21.92 4.37 30.48
CA VAL E 216 -22.26 2.95 30.62
C VAL E 216 -23.34 2.54 29.63
N ASP E 217 -24.30 3.44 29.39
CA ASP E 217 -25.42 3.11 28.50
C ASP E 217 -24.96 3.04 27.04
N VAL E 218 -24.26 4.07 26.57
CA VAL E 218 -23.87 4.14 25.16
C VAL E 218 -22.92 3.01 24.82
N LEU E 219 -22.14 2.54 25.80
CA LEU E 219 -21.23 1.43 25.56
C LEU E 219 -21.99 0.14 25.30
N LEU E 220 -22.95 -0.19 26.17
CA LEU E 220 -23.75 -1.40 25.95
C LEU E 220 -24.59 -1.30 24.70
N ALA E 221 -25.01 -0.09 24.30
CA ALA E 221 -25.80 0.07 23.09
C ALA E 221 -24.99 -0.26 21.85
N ARG E 222 -23.71 0.13 21.81
CA ARG E 222 -22.86 -0.15 20.67
C ARG E 222 -22.42 -1.61 20.60
N GLY E 223 -22.63 -2.38 21.67
CA GLY E 223 -22.28 -3.79 21.69
C GLY E 223 -21.11 -4.13 22.60
N ALA E 224 -21.10 -3.55 23.79
CA ALA E 224 -20.05 -3.84 24.76
C ALA E 224 -20.25 -5.23 25.38
N ASP E 225 -19.14 -5.90 25.67
CA ASP E 225 -19.17 -7.19 26.36
C ASP E 225 -19.57 -6.96 27.81
N ILE E 226 -20.81 -7.30 28.14
CA ILE E 226 -21.42 -6.91 29.41
C ILE E 226 -20.69 -7.51 30.61
N ASN E 227 -19.99 -8.63 30.44
CA ASN E 227 -19.26 -9.27 31.54
C ASN E 227 -17.86 -9.69 31.08
N ALA E 228 -17.07 -8.71 30.64
CA ALA E 228 -15.66 -8.96 30.36
C ALA E 228 -14.87 -9.10 31.66
N SER E 229 -13.84 -9.93 31.62
CA SER E 229 -12.99 -10.19 32.78
C SER E 229 -11.59 -9.65 32.52
N ASP E 230 -11.09 -8.85 33.46
CA ASP E 230 -9.73 -8.34 33.40
C ASP E 230 -8.78 -9.31 34.11
N SER E 231 -7.56 -8.86 34.37
CA SER E 231 -6.59 -9.69 35.08
C SER E 231 -7.12 -10.10 36.45
N TYR E 232 -7.75 -9.16 37.16
CA TYR E 232 -8.34 -9.48 38.45
C TYR E 232 -9.55 -10.39 38.32
N GLY E 233 -10.14 -10.51 37.13
CA GLY E 233 -11.33 -11.28 36.92
C GLY E 233 -12.64 -10.54 37.17
N ASP E 234 -12.57 -9.26 37.54
CA ASP E 234 -13.78 -8.50 37.85
C ASP E 234 -14.59 -8.25 36.58
N THR E 235 -15.91 -8.21 36.75
CA THR E 235 -16.87 -7.89 35.71
C THR E 235 -17.47 -6.49 35.95
N PRO E 236 -18.05 -5.87 34.92
CA PRO E 236 -18.69 -4.56 35.14
C PRO E 236 -19.72 -4.53 36.26
N LEU E 237 -20.47 -5.62 36.46
CA LEU E 237 -21.41 -5.65 37.56
C LEU E 237 -20.70 -5.64 38.91
N HIS E 238 -19.51 -6.23 38.99
CA HIS E 238 -18.73 -6.19 40.22
C HIS E 238 -18.37 -4.76 40.60
N LEU E 239 -17.75 -4.02 39.67
CA LEU E 239 -17.30 -2.66 39.96
C LEU E 239 -18.47 -1.76 40.33
N ALA E 240 -19.61 -1.93 39.69
CA ALA E 240 -20.78 -1.11 40.01
C ALA E 240 -21.29 -1.40 41.42
N ALA E 241 -21.30 -2.67 41.82
CA ALA E 241 -21.74 -3.02 43.17
C ALA E 241 -20.69 -2.67 44.22
N ASN E 242 -19.40 -2.78 43.87
CA ASN E 242 -18.34 -2.52 44.85
C ASN E 242 -18.33 -1.07 45.30
N TYR E 243 -18.54 -0.14 44.37
CA TYR E 243 -18.40 1.29 44.65
C TYR E 243 -19.75 1.99 44.76
N GLY E 244 -20.80 1.25 45.11
CA GLY E 244 -22.05 1.85 45.51
C GLY E 244 -22.78 2.63 44.44
N HIS E 245 -22.67 2.22 43.19
CA HIS E 245 -23.45 2.82 42.10
C HIS E 245 -24.61 1.89 41.78
N LEU E 246 -25.73 2.11 42.49
CA LEU E 246 -26.91 1.29 42.27
C LEU E 246 -27.46 1.49 40.86
N GLU E 247 -27.44 2.74 40.38
CA GLU E 247 -27.94 3.05 39.04
C GLU E 247 -27.23 2.23 37.98
N ILE E 248 -25.94 1.95 38.18
CA ILE E 248 -25.20 1.14 37.21
C ILE E 248 -25.46 -0.35 37.43
N VAL E 249 -25.66 -0.76 38.69
CA VAL E 249 -25.98 -2.17 38.97
C VAL E 249 -27.30 -2.56 38.32
N ASP E 250 -28.26 -1.62 38.29
CA ASP E 250 -29.57 -1.91 37.75
C ASP E 250 -29.51 -2.18 36.25
N LEU E 251 -28.91 -1.27 35.49
CA LEU E 251 -28.91 -1.39 34.03
C LEU E 251 -28.04 -2.55 33.54
N LEU E 252 -26.95 -2.85 34.26
CA LEU E 252 -26.11 -3.98 33.87
C LEU E 252 -26.89 -5.29 33.95
N LEU E 253 -27.62 -5.50 35.05
CA LEU E 253 -28.40 -6.72 35.21
C LEU E 253 -29.52 -6.81 34.19
N ARG E 254 -30.06 -5.67 33.75
CA ARG E 254 -31.11 -5.67 32.73
C ARG E 254 -30.64 -6.24 31.41
N TRP E 255 -29.33 -6.19 31.13
CA TRP E 255 -28.78 -6.72 29.89
C TRP E 255 -28.29 -8.15 30.04
N GLY E 256 -28.58 -8.79 31.16
CA GLY E 256 -28.15 -10.15 31.39
C GLY E 256 -26.80 -10.28 32.05
N ALA E 257 -26.44 -9.33 32.91
CA ALA E 257 -25.18 -9.43 33.63
C ALA E 257 -25.22 -10.59 34.62
N ASP E 258 -24.07 -11.23 34.80
CA ASP E 258 -23.96 -12.37 35.70
C ASP E 258 -24.05 -11.89 37.14
N VAL E 259 -25.15 -12.20 37.81
CA VAL E 259 -25.36 -11.72 39.17
C VAL E 259 -24.51 -12.48 40.19
N ASN E 260 -24.05 -13.68 39.81
CA ASN E 260 -23.18 -14.50 40.70
C ASN E 260 -21.85 -14.75 40.00
N ALA E 261 -21.31 -13.71 39.34
CA ALA E 261 -20.03 -13.86 38.61
C ALA E 261 -18.89 -14.11 39.61
N SER E 262 -17.93 -14.94 39.22
CA SER E 262 -16.79 -15.26 40.13
C SER E 262 -15.50 -14.67 39.59
N ASP E 263 -14.82 -13.85 40.39
CA ASP E 263 -13.51 -13.26 39.98
C ASP E 263 -12.39 -14.19 40.48
N SER E 264 -11.14 -13.71 40.49
CA SER E 264 -10.04 -14.54 41.05
C SER E 264 -10.37 -14.81 42.52
N SER E 265 -10.87 -13.79 43.24
CA SER E 265 -11.32 -14.01 44.64
C SER E 265 -12.49 -14.99 44.64
N GLY E 266 -13.36 -14.90 43.63
CA GLY E 266 -14.55 -15.78 43.55
C GLY E 266 -15.76 -15.16 44.21
N LYS E 267 -15.64 -13.91 44.65
CA LYS E 267 -16.76 -13.24 45.36
C LYS E 267 -17.83 -12.79 44.35
N THR E 268 -19.09 -13.16 44.59
CA THR E 268 -20.21 -12.70 43.72
C THR E 268 -20.50 -11.24 44.05
N PRO E 269 -21.12 -10.44 43.15
CA PRO E 269 -21.50 -9.06 43.49
C PRO E 269 -22.13 -8.92 44.89
N LEU E 270 -23.01 -9.86 45.29
CA LEU E 270 -23.65 -9.79 46.60
C LEU E 270 -22.61 -9.71 47.72
N HIS E 271 -21.49 -10.43 47.58
CA HIS E 271 -20.41 -10.34 48.55
C HIS E 271 -19.92 -8.90 48.70
N LEU E 272 -19.57 -8.27 47.57
CA LEU E 272 -18.98 -6.93 47.62
C LEU E 272 -19.99 -5.87 48.05
N ALA E 273 -21.25 -6.00 47.62
CA ALA E 273 -22.26 -5.01 48.01
C ALA E 273 -22.58 -5.10 49.49
N ALA E 274 -22.42 -6.28 50.09
CA ALA E 274 -22.62 -6.43 51.53
C ALA E 274 -21.42 -5.95 52.34
N GLN E 275 -20.22 -6.02 51.77
CA GLN E 275 -19.01 -5.62 52.48
C GLN E 275 -19.02 -4.13 52.81
N ASP E 276 -19.24 -3.29 51.81
CA ASP E 276 -19.07 -1.84 51.95
C ASP E 276 -20.35 -1.12 52.37
N GLY E 277 -21.37 -1.85 52.80
CA GLY E 277 -22.55 -1.23 53.37
C GLY E 277 -23.50 -0.66 52.33
N HIS E 278 -23.85 -1.48 51.34
CA HIS E 278 -24.80 -1.10 50.28
C HIS E 278 -26.05 -1.96 50.45
N LEU E 279 -27.03 -1.41 51.16
CA LEU E 279 -28.29 -2.12 51.35
C LEU E 279 -29.08 -2.18 50.04
N GLU E 280 -29.16 -1.05 49.33
CA GLU E 280 -29.95 -0.99 48.10
C GLU E 280 -29.34 -1.82 46.97
N ILE E 281 -28.04 -2.10 47.00
CA ILE E 281 -27.44 -2.95 45.98
C ILE E 281 -27.52 -4.43 46.34
N VAL E 282 -27.38 -4.76 47.63
CA VAL E 282 -27.61 -6.12 48.08
C VAL E 282 -29.04 -6.55 47.78
N ASP E 283 -30.00 -5.64 48.00
CA ASP E 283 -31.41 -5.96 47.76
C ASP E 283 -31.68 -6.19 46.28
N VAL E 284 -31.12 -5.35 45.41
CA VAL E 284 -31.40 -5.47 43.97
C VAL E 284 -30.70 -6.68 43.39
N LEU E 285 -29.46 -6.94 43.81
CA LEU E 285 -28.76 -8.13 43.34
C LEU E 285 -29.49 -9.40 43.78
N LEU E 286 -30.05 -9.38 44.98
CA LEU E 286 -30.86 -10.52 45.44
C LEU E 286 -32.12 -10.68 44.60
N ALA E 287 -32.68 -9.57 44.08
CA ALA E 287 -33.90 -9.66 43.29
C ALA E 287 -33.65 -10.37 41.97
N HIS E 288 -32.49 -10.15 41.36
CA HIS E 288 -32.13 -10.80 40.11
C HIS E 288 -31.48 -12.16 40.29
N GLY E 289 -31.41 -12.66 41.52
CA GLY E 289 -30.97 -14.02 41.75
C GLY E 289 -29.61 -14.19 42.40
N ALA E 290 -29.28 -13.35 43.38
CA ALA E 290 -28.02 -13.49 44.10
C ALA E 290 -28.07 -14.66 45.08
N ASP E 291 -26.88 -15.19 45.38
CA ASP E 291 -26.73 -16.35 46.26
C ASP E 291 -26.31 -15.88 47.64
N VAL E 292 -27.20 -16.01 48.61
CA VAL E 292 -26.88 -15.60 49.99
C VAL E 292 -25.86 -16.53 50.64
N ASN E 293 -25.82 -17.80 50.24
CA ASN E 293 -24.99 -18.79 50.89
C ASN E 293 -23.69 -19.08 50.14
N ALA E 294 -23.48 -18.49 48.98
CA ALA E 294 -22.24 -18.70 48.23
C ALA E 294 -21.03 -18.28 49.05
N GLN E 295 -19.95 -19.05 48.93
CA GLN E 295 -18.74 -18.81 49.70
C GLN E 295 -17.60 -18.42 48.78
N ASP E 296 -16.78 -17.47 49.22
CA ASP E 296 -15.54 -17.14 48.53
C ASP E 296 -14.50 -18.21 48.87
N LYS E 297 -13.25 -17.98 48.48
CA LYS E 297 -12.20 -18.93 48.82
C LYS E 297 -11.73 -18.82 50.27
N PHE E 298 -12.17 -17.80 51.00
CA PHE E 298 -11.88 -17.68 52.42
C PHE E 298 -13.04 -18.14 53.31
N GLY E 299 -14.06 -18.76 52.73
CA GLY E 299 -15.16 -19.34 53.48
C GLY E 299 -16.19 -18.36 54.00
N LYS E 300 -15.99 -17.06 53.85
CA LYS E 300 -16.93 -16.09 54.37
C LYS E 300 -18.06 -15.87 53.37
N THR E 301 -19.29 -16.02 53.83
CA THR E 301 -20.49 -15.89 53.00
C THR E 301 -21.00 -14.46 53.03
N PRO E 302 -21.99 -14.13 52.19
CA PRO E 302 -22.63 -12.81 52.32
C PRO E 302 -23.22 -12.53 53.69
N PHE E 303 -23.73 -13.54 54.39
CA PHE E 303 -24.12 -13.33 55.78
C PHE E 303 -22.90 -13.15 56.68
N ASP E 304 -21.78 -13.78 56.32
CA ASP E 304 -20.54 -13.62 57.06
C ASP E 304 -19.92 -12.24 56.79
N LEU E 305 -19.65 -11.94 55.52
CA LEU E 305 -18.99 -10.67 55.17
C LEU E 305 -19.81 -9.46 55.60
N ALA E 306 -21.13 -9.61 55.72
CA ALA E 306 -21.93 -8.53 56.31
C ALA E 306 -21.65 -8.40 57.81
N ILE E 307 -21.51 -9.55 58.50
CA ILE E 307 -21.15 -9.54 59.91
C ILE E 307 -19.69 -9.12 60.08
N ASP E 308 -18.81 -9.58 59.18
CA ASP E 308 -17.39 -9.26 59.30
C ASP E 308 -17.13 -7.75 59.22
N ASN E 309 -17.89 -7.05 58.37
CA ASN E 309 -17.71 -5.61 58.19
C ASN E 309 -18.59 -4.78 59.12
N GLY E 310 -19.41 -5.43 59.95
CA GLY E 310 -20.24 -4.71 60.90
C GLY E 310 -21.57 -4.24 60.35
N ASN E 311 -21.93 -4.63 59.12
CA ASN E 311 -23.20 -4.25 58.53
C ASN E 311 -24.26 -5.27 58.90
N GLU E 312 -25.21 -4.83 59.73
CA GLU E 312 -26.29 -5.69 60.21
C GLU E 312 -27.54 -5.55 59.36
N ASP E 313 -27.92 -4.33 58.99
CA ASP E 313 -29.07 -4.13 58.12
C ASP E 313 -28.92 -4.87 56.80
N ILE E 314 -27.69 -5.18 56.38
CA ILE E 314 -27.45 -6.03 55.22
C ILE E 314 -27.47 -7.50 55.61
N ALA E 315 -26.88 -7.82 56.77
CA ALA E 315 -26.88 -9.20 57.25
C ALA E 315 -28.30 -9.67 57.52
N GLU E 316 -29.14 -8.78 58.06
CA GLU E 316 -30.52 -9.15 58.36
C GLU E 316 -31.33 -9.43 57.09
N VAL E 317 -31.05 -8.69 56.02
CA VAL E 317 -31.74 -8.92 54.76
C VAL E 317 -31.32 -10.24 54.12
N LEU E 318 -30.03 -10.58 54.24
CA LEU E 318 -29.55 -11.84 53.69
C LEU E 318 -30.00 -13.04 54.52
N GLN E 319 -30.13 -12.86 55.84
CA GLN E 319 -30.63 -13.95 56.68
C GLN E 319 -32.08 -14.28 56.34
N LYS E 320 -32.92 -13.27 56.13
CA LYS E 320 -34.31 -13.52 55.78
C LYS E 320 -34.48 -14.02 54.34
N ALA E 321 -33.43 -13.94 53.52
CA ALA E 321 -33.50 -14.39 52.13
C ALA E 321 -33.56 -15.90 52.03
N ASP F 22 14.13 -22.98 -7.24
CA ASP F 22 13.62 -22.47 -5.97
C ASP F 22 12.48 -21.50 -6.21
N SER F 23 12.11 -21.35 -7.48
CA SER F 23 10.96 -20.51 -7.83
C SER F 23 9.63 -21.00 -7.25
N PRO F 24 9.34 -22.31 -7.17
CA PRO F 24 8.00 -22.71 -6.67
C PRO F 24 7.82 -22.48 -5.18
N VAL F 25 8.87 -22.62 -4.37
CA VAL F 25 8.72 -22.41 -2.93
C VAL F 25 8.34 -20.97 -2.64
N VAL F 26 8.65 -20.04 -3.54
CA VAL F 26 8.30 -18.64 -3.34
C VAL F 26 6.80 -18.44 -3.44
N GLU F 27 6.16 -19.05 -4.45
CA GLU F 27 4.72 -18.93 -4.63
C GLU F 27 3.95 -19.45 -3.44
N VAL F 28 4.46 -20.48 -2.77
CA VAL F 28 3.81 -20.98 -1.57
C VAL F 28 3.88 -19.92 -0.46
N GLN F 29 5.07 -19.33 -0.26
CA GLN F 29 5.21 -18.26 0.72
C GLN F 29 4.24 -17.12 0.45
N GLY F 30 4.10 -16.71 -0.81
CA GLY F 30 3.18 -15.65 -1.14
C GLY F 30 1.72 -16.02 -0.95
N THR F 31 1.40 -17.32 -0.97
CA THR F 31 0.05 -17.77 -0.68
C THR F 31 -0.18 -17.97 0.81
N ILE F 32 0.83 -18.46 1.53
CA ILE F 32 0.76 -18.50 2.98
C ILE F 32 0.53 -17.10 3.53
N ASP F 33 1.35 -16.14 3.08
CA ASP F 33 1.17 -14.75 3.47
C ASP F 33 -0.20 -14.24 3.06
N GLU F 34 -0.68 -14.65 1.89
CA GLU F 34 -1.99 -14.22 1.42
C GLU F 34 -3.11 -14.79 2.30
N LEU F 35 -3.06 -16.09 2.57
CA LEU F 35 -4.05 -16.70 3.47
C LEU F 35 -4.03 -16.04 4.83
N ASN F 36 -2.84 -15.70 5.34
CA ASN F 36 -2.74 -15.05 6.64
C ASN F 36 -3.51 -13.73 6.67
N SER F 37 -3.51 -13.00 5.55
CA SER F 37 -4.30 -11.78 5.46
C SER F 37 -5.79 -12.10 5.56
N PHE F 38 -6.24 -13.15 4.89
CA PHE F 38 -7.65 -13.55 4.96
C PHE F 38 -8.01 -14.05 6.36
N ILE F 39 -7.13 -14.85 6.98
CA ILE F 39 -7.41 -15.38 8.31
C ILE F 39 -7.55 -14.24 9.31
N GLY F 40 -6.62 -13.28 9.27
CA GLY F 40 -6.70 -12.13 10.16
C GLY F 40 -7.92 -11.28 9.90
N TYR F 41 -8.39 -11.26 8.65
CA TYR F 41 -9.60 -10.51 8.34
C TYR F 41 -10.83 -11.18 8.93
N ALA F 42 -11.01 -12.47 8.66
CA ALA F 42 -12.14 -13.20 9.24
C ALA F 42 -12.05 -13.25 10.76
N LEU F 43 -10.85 -13.13 11.33
CA LEU F 43 -10.71 -13.04 12.78
C LEU F 43 -11.35 -11.78 13.31
N VAL F 44 -10.98 -10.63 12.74
CA VAL F 44 -11.55 -9.36 13.19
C VAL F 44 -13.05 -9.29 12.90
N LEU F 45 -13.56 -10.15 12.03
CA LEU F 45 -15.00 -10.18 11.73
C LEU F 45 -15.75 -11.12 12.66
N SER F 46 -15.28 -12.36 12.79
CA SER F 46 -15.96 -13.35 13.63
C SER F 46 -16.01 -12.86 15.07
N ARG F 47 -17.23 -12.67 15.58
CA ARG F 47 -17.47 -12.01 16.85
C ARG F 47 -17.50 -12.97 18.04
N TRP F 48 -17.05 -14.21 17.86
CA TRP F 48 -17.01 -15.19 18.93
C TRP F 48 -15.58 -15.45 19.36
N ASP F 49 -15.41 -15.78 20.65
CA ASP F 49 -14.07 -15.88 21.21
C ASP F 49 -13.37 -17.14 20.74
N ASP F 50 -14.08 -18.27 20.72
CA ASP F 50 -13.44 -19.55 20.42
C ASP F 50 -12.98 -19.61 18.96
N ILE F 51 -13.76 -19.04 18.04
CA ILE F 51 -13.35 -19.01 16.64
C ILE F 51 -12.08 -18.17 16.49
N ARG F 52 -12.06 -16.99 17.13
CA ARG F 52 -10.88 -16.14 17.08
C ARG F 52 -9.70 -16.81 17.75
N ASN F 53 -9.95 -17.58 18.82
CA ASN F 53 -8.90 -18.34 19.49
C ASN F 53 -8.20 -19.27 18.51
N ASP F 54 -8.97 -20.09 17.78
CA ASP F 54 -8.38 -20.96 16.76
C ASP F 54 -7.69 -20.14 15.67
N LEU F 55 -8.36 -19.11 15.16
CA LEU F 55 -7.83 -18.34 14.05
C LEU F 55 -6.49 -17.72 14.39
N PHE F 56 -6.30 -17.29 15.65
CA PHE F 56 -5.03 -16.70 16.03
C PHE F 56 -3.91 -17.74 16.04
N ARG F 57 -4.17 -18.94 16.59
CA ARG F 57 -3.16 -19.99 16.51
C ARG F 57 -2.82 -20.32 15.07
N ILE F 58 -3.83 -20.38 14.20
CA ILE F 58 -3.59 -20.68 12.79
C ILE F 58 -2.64 -19.64 12.20
N GLN F 59 -2.86 -18.36 12.52
CA GLN F 59 -1.98 -17.31 12.01
C GLN F 59 -0.56 -17.52 12.49
N ASN F 60 -0.36 -17.73 13.79
CA ASN F 60 0.97 -18.01 14.31
C ASN F 60 1.52 -19.33 13.76
N ASP F 61 0.65 -20.26 13.37
CA ASP F 61 1.11 -21.51 12.77
C ASP F 61 1.42 -21.34 11.29
N LEU F 62 0.72 -20.44 10.59
CA LEU F 62 1.03 -20.17 9.20
C LEU F 62 2.43 -19.59 9.05
N PHE F 63 2.94 -18.92 10.08
CA PHE F 63 4.34 -18.51 10.10
C PHE F 63 5.26 -19.73 10.11
N VAL F 64 5.03 -20.64 11.06
CA VAL F 64 5.85 -21.85 11.16
C VAL F 64 5.74 -22.67 9.88
N LEU F 65 4.54 -22.75 9.30
CA LEU F 65 4.37 -23.52 8.08
C LEU F 65 5.18 -22.90 6.94
N GLY F 66 5.27 -21.58 6.90
CA GLY F 66 6.12 -20.95 5.90
C GLY F 66 7.60 -21.22 6.16
N GLU F 67 8.02 -21.08 7.41
CA GLU F 67 9.41 -21.33 7.75
C GLU F 67 9.80 -22.77 7.46
N ASP F 68 8.85 -23.70 7.56
CA ASP F 68 9.11 -25.10 7.24
C ASP F 68 9.40 -25.27 5.74
N VAL F 69 8.62 -24.60 4.89
CA VAL F 69 8.82 -24.72 3.45
C VAL F 69 10.10 -24.02 3.02
N SER F 70 10.44 -22.91 3.67
CA SER F 70 11.64 -22.17 3.29
C SER F 70 12.91 -22.91 3.68
N THR F 71 12.99 -23.38 4.93
CA THR F 71 14.18 -24.05 5.41
C THR F 71 14.23 -25.53 5.04
N GLY F 72 13.16 -26.07 4.45
CA GLY F 72 13.12 -27.48 4.12
C GLY F 72 13.18 -28.40 5.31
N GLY F 73 12.95 -27.87 6.52
CA GLY F 73 12.99 -28.66 7.74
C GLY F 73 14.14 -28.35 8.68
N LYS F 74 14.96 -27.35 8.38
CA LYS F 74 16.09 -27.03 9.24
C LYS F 74 15.64 -26.18 10.44
N GLY F 75 14.88 -25.11 10.19
CA GLY F 75 14.44 -24.26 11.27
C GLY F 75 13.19 -24.78 11.94
N ARG F 76 12.21 -23.90 12.14
CA ARG F 76 10.94 -24.35 12.70
C ARG F 76 10.24 -25.31 11.74
N THR F 77 9.53 -26.29 12.30
CA THR F 77 8.84 -27.29 11.52
C THR F 77 7.42 -27.46 12.01
N VAL F 78 6.52 -27.80 11.09
CA VAL F 78 5.13 -28.09 11.46
C VAL F 78 5.08 -29.39 12.23
N THR F 79 4.70 -29.33 13.50
CA THR F 79 4.66 -30.49 14.36
C THR F 79 3.33 -31.22 14.20
N MET F 80 3.31 -32.47 14.66
CA MET F 80 2.07 -33.24 14.63
C MET F 80 1.08 -32.71 15.66
N ASP F 81 1.58 -32.20 16.79
CA ASP F 81 0.71 -31.56 17.78
C ASP F 81 -0.04 -30.37 17.19
N MET F 82 0.55 -29.70 16.20
CA MET F 82 -0.15 -28.63 15.50
C MET F 82 -1.35 -29.20 14.74
N ILE F 83 -1.10 -30.25 13.94
CA ILE F 83 -2.18 -30.93 13.25
C ILE F 83 -3.16 -31.51 14.25
N ILE F 84 -2.64 -32.02 15.38
CA ILE F 84 -3.49 -32.65 16.38
C ILE F 84 -4.49 -31.64 16.96
N TYR F 85 -4.04 -30.41 17.20
CA TYR F 85 -4.96 -29.42 17.75
C TYR F 85 -6.03 -29.03 16.74
N LEU F 86 -5.68 -28.99 15.44
CA LEU F 86 -6.68 -28.69 14.42
C LEU F 86 -7.81 -29.71 14.40
N ILE F 87 -7.52 -30.95 14.81
CA ILE F 87 -8.54 -32.00 14.82
C ILE F 87 -9.32 -31.99 16.14
N LYS F 88 -8.64 -31.78 17.27
CA LYS F 88 -9.34 -31.67 18.54
C LYS F 88 -10.46 -30.66 18.48
N ARG F 89 -10.19 -29.50 17.89
CA ARG F 89 -11.22 -28.48 17.74
C ARG F 89 -12.20 -28.84 16.63
N SER F 90 -11.74 -29.52 15.58
CA SER F 90 -12.63 -29.91 14.49
C SER F 90 -13.67 -30.92 14.93
N VAL F 91 -13.36 -31.75 15.93
CA VAL F 91 -14.34 -32.68 16.47
C VAL F 91 -15.31 -31.97 17.41
N GLU F 92 -14.79 -31.08 18.26
CA GLU F 92 -15.63 -30.36 19.20
C GLU F 92 -16.69 -29.53 18.49
N MET F 93 -16.41 -29.08 17.26
CA MET F 93 -17.36 -28.26 16.52
C MET F 93 -18.33 -29.10 15.70
N LYS F 94 -17.85 -30.20 15.11
CA LYS F 94 -18.73 -31.10 14.39
C LYS F 94 -19.78 -31.74 15.30
N ALA F 95 -19.56 -31.71 16.61
CA ALA F 95 -20.57 -32.23 17.54
C ALA F 95 -21.74 -31.27 17.67
N GLU F 96 -21.46 -29.97 17.80
CA GLU F 96 -22.53 -28.99 17.95
C GLU F 96 -23.34 -28.84 16.66
N ILE F 97 -22.69 -28.98 15.50
CA ILE F 97 -23.38 -28.83 14.22
C ILE F 97 -24.38 -29.96 14.02
N GLY F 98 -23.93 -31.21 14.16
CA GLY F 98 -24.77 -32.37 13.89
C GLY F 98 -24.56 -32.88 12.48
N LYS F 99 -25.63 -32.93 11.68
CA LYS F 99 -25.51 -33.37 10.29
C LYS F 99 -25.21 -32.18 9.38
N ILE F 100 -24.14 -32.30 8.61
CA ILE F 100 -23.63 -31.23 7.76
C ILE F 100 -24.08 -31.52 6.33
N GLU F 101 -25.10 -30.80 5.88
CA GLU F 101 -25.59 -30.97 4.52
C GLU F 101 -24.54 -30.54 3.50
N LEU F 102 -24.28 -31.40 2.51
CA LEU F 102 -23.37 -31.03 1.45
C LEU F 102 -24.09 -30.21 0.38
N PHE F 103 -23.30 -29.59 -0.49
CA PHE F 103 -23.81 -28.76 -1.58
C PHE F 103 -24.69 -27.64 -1.05
N VAL F 104 -24.18 -26.96 -0.03
CA VAL F 104 -24.80 -25.78 0.56
C VAL F 104 -24.07 -24.54 0.07
N VAL F 105 -24.83 -23.50 -0.26
CA VAL F 105 -24.28 -22.31 -0.91
C VAL F 105 -23.48 -21.51 0.09
N PRO F 106 -22.30 -20.97 -0.27
CA PRO F 106 -21.48 -20.21 0.67
C PRO F 106 -22.01 -18.80 0.88
N GLY F 107 -21.33 -18.07 1.78
CA GLY F 107 -21.66 -16.70 2.06
C GLY F 107 -22.97 -16.50 2.81
N GLY F 108 -23.15 -17.23 3.90
CA GLY F 108 -24.35 -17.10 4.71
C GLY F 108 -24.43 -15.76 5.41
N SER F 109 -23.46 -15.49 6.28
CA SER F 109 -23.32 -14.19 6.93
C SER F 109 -21.86 -13.77 6.85
N VAL F 110 -21.60 -12.50 7.17
CA VAL F 110 -20.28 -11.93 6.91
C VAL F 110 -19.21 -12.68 7.70
N GLU F 111 -19.45 -12.92 8.99
CA GLU F 111 -18.50 -13.71 9.78
C GLU F 111 -18.26 -15.06 9.13
N SER F 112 -19.32 -15.68 8.61
CA SER F 112 -19.18 -16.93 7.87
C SER F 112 -18.54 -16.73 6.51
N ALA F 113 -18.99 -15.69 5.78
CA ALA F 113 -18.50 -15.49 4.42
C ALA F 113 -17.01 -15.21 4.38
N SER F 114 -16.53 -14.35 5.29
CA SER F 114 -15.08 -14.14 5.40
C SER F 114 -14.35 -15.45 5.66
N LEU F 115 -14.93 -16.32 6.50
CA LEU F 115 -14.33 -17.62 6.77
C LEU F 115 -14.39 -18.52 5.53
N HIS F 116 -15.47 -18.41 4.75
CA HIS F 116 -15.56 -19.19 3.52
C HIS F 116 -14.45 -18.79 2.54
N MET F 117 -14.20 -17.49 2.41
CA MET F 117 -13.14 -17.03 1.52
C MET F 117 -11.76 -17.42 2.06
N ALA F 118 -11.56 -17.32 3.37
CA ALA F 118 -10.33 -17.81 3.97
C ALA F 118 -10.14 -19.30 3.69
N ARG F 119 -11.23 -20.06 3.66
CA ARG F 119 -11.13 -21.48 3.33
C ARG F 119 -10.73 -21.69 1.87
N ALA F 120 -11.33 -20.93 0.96
CA ALA F 120 -11.01 -21.09 -0.46
C ALA F 120 -9.55 -20.76 -0.75
N VAL F 121 -8.99 -19.77 -0.04
CA VAL F 121 -7.57 -19.48 -0.14
C VAL F 121 -6.75 -20.62 0.49
N SER F 122 -7.24 -21.16 1.61
CA SER F 122 -6.55 -22.28 2.23
C SER F 122 -6.47 -23.47 1.30
N ARG F 123 -7.55 -23.74 0.55
CA ARG F 123 -7.53 -24.83 -0.42
C ARG F 123 -6.62 -24.52 -1.60
N ARG F 124 -6.46 -23.24 -1.93
CA ARG F 124 -5.50 -22.88 -2.99
C ARG F 124 -4.07 -23.09 -2.51
N LEU F 125 -3.80 -22.84 -1.23
CA LEU F 125 -2.48 -23.12 -0.68
C LEU F 125 -2.12 -24.60 -0.77
N GLU F 126 -3.12 -25.48 -0.63
CA GLU F 126 -2.89 -26.91 -0.87
C GLU F 126 -2.43 -27.15 -2.30
N ARG F 127 -3.09 -26.51 -3.27
CA ARG F 127 -2.69 -26.69 -4.67
C ARG F 127 -1.29 -26.12 -4.93
N ARG F 128 -0.94 -25.02 -4.26
CA ARG F 128 0.41 -24.50 -4.38
C ARG F 128 1.41 -25.41 -3.68
N ILE F 129 1.02 -26.02 -2.57
CA ILE F 129 1.89 -26.96 -1.87
C ILE F 129 2.02 -28.26 -2.67
N LYS F 130 0.89 -28.81 -3.13
CA LYS F 130 0.93 -30.04 -3.93
C LYS F 130 1.79 -29.87 -5.17
N ALA F 131 1.84 -28.66 -5.73
CA ALA F 131 2.74 -28.39 -6.84
C ALA F 131 4.18 -28.35 -6.37
N ALA F 132 4.47 -27.51 -5.38
CA ALA F 132 5.85 -27.34 -4.92
C ALA F 132 6.43 -28.63 -4.35
N SER F 133 5.59 -29.47 -3.74
CA SER F 133 6.10 -30.73 -3.20
C SER F 133 6.67 -31.61 -4.31
N GLU F 134 6.16 -31.46 -5.53
CA GLU F 134 6.69 -32.15 -6.70
C GLU F 134 8.01 -31.56 -7.17
N LEU F 135 8.49 -30.47 -6.57
CA LEU F 135 9.73 -29.83 -7.00
C LEU F 135 10.76 -29.65 -5.89
N THR F 136 10.37 -29.78 -4.62
CA THR F 136 11.29 -29.71 -3.49
C THR F 136 10.67 -30.50 -2.34
N GLU F 137 11.52 -31.22 -1.60
CA GLU F 137 11.03 -31.95 -0.45
C GLU F 137 10.34 -30.99 0.52
N ILE F 138 9.07 -31.30 0.84
CA ILE F 138 8.29 -30.52 1.77
C ILE F 138 7.72 -31.49 2.81
N ASN F 139 7.98 -31.21 4.09
CA ASN F 139 7.51 -32.07 5.16
C ASN F 139 6.02 -32.33 5.02
N ALA F 140 5.62 -33.60 5.19
CA ALA F 140 4.24 -33.98 4.96
C ALA F 140 3.30 -33.21 5.88
N ASN F 141 3.73 -32.96 7.12
CA ASN F 141 2.94 -32.18 8.06
C ASN F 141 2.56 -30.82 7.50
N VAL F 142 3.31 -30.30 6.52
CA VAL F 142 2.92 -29.04 5.87
C VAL F 142 1.58 -29.21 5.18
N LEU F 143 1.45 -30.24 4.35
CA LEU F 143 0.18 -30.47 3.67
C LEU F 143 -0.88 -31.05 4.61
N LEU F 144 -0.46 -31.82 5.61
CA LEU F 144 -1.42 -32.33 6.58
C LEU F 144 -2.06 -31.18 7.37
N TYR F 145 -1.23 -30.27 7.89
CA TYR F 145 -1.78 -29.08 8.52
C TYR F 145 -2.56 -28.24 7.53
N ALA F 146 -2.09 -28.18 6.28
CA ALA F 146 -2.81 -27.45 5.24
C ALA F 146 -4.18 -28.06 5.00
N ASN F 147 -4.23 -29.39 4.83
CA ASN F 147 -5.51 -30.05 4.59
C ASN F 147 -6.41 -29.94 5.80
N MET F 148 -5.86 -30.03 7.00
CA MET F 148 -6.67 -29.88 8.20
C MET F 148 -7.13 -28.44 8.39
N LEU F 149 -6.31 -27.47 7.96
CA LEU F 149 -6.71 -26.07 8.05
C LEU F 149 -7.90 -25.78 7.15
N SER F 150 -7.90 -26.32 5.94
CA SER F 150 -9.05 -26.13 5.04
C SER F 150 -10.31 -26.68 5.66
N ASN F 151 -10.23 -27.84 6.31
CA ASN F 151 -11.40 -28.43 6.95
C ASN F 151 -11.86 -27.58 8.14
N ILE F 152 -10.94 -27.16 9.00
CA ILE F 152 -11.34 -26.51 10.24
C ILE F 152 -11.90 -25.11 9.98
N LEU F 153 -11.42 -24.43 8.92
CA LEU F 153 -12.03 -23.17 8.53
C LEU F 153 -13.48 -23.38 8.11
N PHE F 154 -13.79 -24.54 7.53
CA PHE F 154 -15.14 -24.83 7.11
C PHE F 154 -16.06 -25.01 8.31
N MET F 155 -15.58 -25.66 9.37
CA MET F 155 -16.36 -25.75 10.59
C MET F 155 -16.57 -24.38 11.22
N HIS F 156 -15.57 -23.49 11.11
CA HIS F 156 -15.73 -22.13 11.61
C HIS F 156 -16.90 -21.43 10.93
N ALA F 157 -16.97 -21.53 9.60
CA ALA F 157 -18.05 -20.88 8.86
C ALA F 157 -19.41 -21.48 9.22
N LEU F 158 -19.45 -22.80 9.39
CA LEU F 158 -20.69 -23.46 9.79
C LEU F 158 -21.17 -22.95 11.15
N ILE F 159 -20.26 -22.93 12.12
CA ILE F 159 -20.61 -22.47 13.46
C ILE F 159 -21.04 -21.01 13.45
N SER F 160 -20.33 -20.17 12.68
CA SER F 160 -20.69 -18.76 12.60
C SER F 160 -22.12 -18.58 12.11
N ASN F 161 -22.54 -19.37 11.12
CA ASN F 161 -23.91 -19.26 10.63
C ASN F 161 -24.90 -19.90 11.58
N LYS F 162 -24.53 -20.99 12.26
CA LYS F 162 -25.42 -21.57 13.25
C LYS F 162 -25.68 -20.59 14.39
N ARG F 163 -24.67 -19.82 14.78
CA ARG F 163 -24.86 -18.86 15.86
C ARG F 163 -25.48 -17.56 15.36
N LYS F 164 -25.24 -17.18 14.11
CA LYS F 164 -25.96 -16.05 13.53
C LYS F 164 -27.43 -16.38 13.35
N GLU F 165 -27.74 -17.60 12.89
CA GLU F 165 -29.13 -18.06 12.85
C GLU F 165 -29.66 -18.32 14.25
N GLU F 166 -28.79 -18.50 15.23
CA GLU F 166 -29.22 -18.68 16.61
C GLU F 166 -29.83 -17.38 17.15
N LEU F 167 -29.14 -16.27 16.95
CA LEU F 167 -29.64 -14.97 17.42
C LEU F 167 -30.89 -14.57 16.66
N ASP F 168 -30.96 -14.86 15.36
CA ASP F 168 -32.09 -14.41 14.56
C ASP F 168 -33.39 -15.10 14.95
N LYS F 169 -33.32 -16.33 15.44
CA LYS F 169 -34.50 -16.97 16.01
C LYS F 169 -34.81 -16.45 17.41
N LYS F 170 -33.84 -15.80 18.07
CA LYS F 170 -34.08 -15.15 19.35
C LYS F 170 -34.59 -13.73 19.18
N LEU F 171 -34.13 -13.03 18.15
CA LEU F 171 -34.66 -11.69 17.88
C LEU F 171 -36.10 -11.78 17.40
N LEU F 172 -36.40 -12.75 16.53
CA LEU F 172 -37.78 -13.00 16.14
C LEU F 172 -38.61 -13.45 17.33
N GLU F 173 -37.99 -14.15 18.28
CA GLU F 173 -38.71 -14.59 19.48
C GLU F 173 -38.95 -13.44 20.44
N ALA F 174 -37.90 -12.64 20.71
CA ALA F 174 -38.05 -11.53 21.64
C ALA F 174 -38.98 -10.46 21.11
N ALA F 175 -39.00 -10.25 19.78
CA ALA F 175 -39.93 -9.30 19.19
C ALA F 175 -41.38 -9.74 19.38
N ARG F 176 -41.61 -11.04 19.58
CA ARG F 176 -42.97 -11.53 19.81
C ARG F 176 -43.42 -11.27 21.24
N ALA F 177 -42.56 -11.59 22.21
CA ALA F 177 -42.90 -11.46 23.62
C ALA F 177 -42.79 -10.04 24.14
N GLY F 178 -42.39 -9.08 23.30
CA GLY F 178 -42.22 -7.72 23.75
C GLY F 178 -41.01 -7.53 24.65
N GLN F 179 -39.93 -8.25 24.38
CA GLN F 179 -38.72 -8.19 25.20
C GLN F 179 -37.88 -7.01 24.75
N ASP F 180 -38.24 -5.82 25.26
CA ASP F 180 -37.50 -4.61 24.94
C ASP F 180 -36.03 -4.71 25.36
N ASP F 181 -35.75 -5.50 26.40
CA ASP F 181 -34.39 -5.63 26.89
C ASP F 181 -33.61 -6.69 26.11
N GLU F 182 -34.26 -7.79 25.72
CA GLU F 182 -33.58 -8.81 24.94
C GLU F 182 -33.19 -8.29 23.56
N VAL F 183 -34.11 -7.58 22.90
CA VAL F 183 -33.83 -7.00 21.59
C VAL F 183 -32.61 -6.08 21.64
N ALA F 184 -32.40 -5.40 22.77
CA ALA F 184 -31.23 -4.53 22.90
C ALA F 184 -29.95 -5.34 22.84
N ALA F 185 -29.84 -6.38 23.67
CA ALA F 185 -28.65 -7.23 23.65
C ALA F 185 -28.50 -7.94 22.32
N LEU F 186 -29.61 -8.31 21.68
CA LEU F 186 -29.54 -9.06 20.43
C LEU F 186 -29.06 -8.19 19.28
N LEU F 187 -29.68 -7.01 19.09
CA LEU F 187 -29.27 -6.13 18.00
C LEU F 187 -27.86 -5.58 18.21
N ALA F 188 -27.43 -5.43 19.47
CA ALA F 188 -26.06 -5.02 19.75
C ALA F 188 -25.06 -6.14 19.53
N LYS F 189 -25.48 -7.40 19.62
CA LYS F 189 -24.59 -8.54 19.44
C LYS F 189 -24.66 -9.12 18.04
N GLY F 190 -25.29 -8.42 17.09
CA GLY F 190 -25.26 -8.79 15.70
C GLY F 190 -26.45 -9.54 15.16
N ALA F 191 -27.52 -9.71 15.94
CA ALA F 191 -28.73 -10.34 15.43
C ALA F 191 -29.29 -9.54 14.28
N ASP F 192 -29.45 -10.20 13.13
CA ASP F 192 -29.90 -9.52 11.92
C ASP F 192 -31.30 -8.93 12.10
N VAL F 193 -31.38 -7.61 12.00
CA VAL F 193 -32.67 -6.93 12.18
C VAL F 193 -33.65 -7.35 11.08
N ASN F 194 -33.15 -7.63 9.87
CA ASN F 194 -34.01 -8.05 8.77
C ASN F 194 -34.18 -9.58 8.69
N ALA F 195 -33.97 -10.29 9.80
CA ALA F 195 -34.04 -11.75 9.81
C ALA F 195 -35.43 -12.24 9.44
N SER F 196 -35.52 -12.96 8.33
CA SER F 196 -36.80 -13.49 7.85
C SER F 196 -37.00 -14.91 8.36
N ASP F 197 -38.11 -15.13 9.06
CA ASP F 197 -38.49 -16.46 9.47
C ASP F 197 -38.88 -17.29 8.25
N TYR F 198 -39.19 -18.57 8.47
CA TYR F 198 -39.66 -19.42 7.37
C TYR F 198 -41.01 -18.95 6.84
N LYS F 199 -41.83 -18.35 7.70
CA LYS F 199 -43.11 -17.78 7.26
C LYS F 199 -42.94 -16.58 6.34
N GLY F 200 -41.73 -16.03 6.25
CA GLY F 200 -41.50 -14.75 5.63
C GLY F 200 -41.66 -13.59 6.59
N THR F 201 -41.96 -13.86 7.85
CA THR F 201 -42.18 -12.83 8.86
C THR F 201 -40.85 -12.33 9.40
N THR F 202 -40.70 -11.00 9.45
CA THR F 202 -39.52 -10.34 9.98
C THR F 202 -39.82 -9.78 11.37
N PRO F 203 -38.79 -9.41 12.14
CA PRO F 203 -39.07 -8.86 13.48
C PRO F 203 -39.91 -7.59 13.45
N LEU F 204 -39.78 -6.79 12.39
CA LEU F 204 -40.61 -5.60 12.25
C LEU F 204 -42.08 -5.98 12.09
N HIS F 205 -42.36 -7.05 11.35
CA HIS F 205 -43.73 -7.57 11.27
C HIS F 205 -44.26 -7.94 12.65
N VAL F 206 -43.46 -8.69 13.42
CA VAL F 206 -43.91 -9.17 14.72
C VAL F 206 -44.10 -8.02 15.69
N ALA F 207 -43.24 -7.00 15.61
CA ALA F 207 -43.35 -5.87 16.54
C ALA F 207 -44.58 -5.02 16.26
N ALA F 208 -44.90 -4.80 14.98
CA ALA F 208 -46.09 -4.04 14.64
C ALA F 208 -47.36 -4.85 14.90
N TRP F 209 -47.29 -6.15 14.63
CA TRP F 209 -48.40 -7.06 14.88
C TRP F 209 -48.82 -7.03 16.35
N ASN F 210 -47.91 -7.45 17.24
CA ASN F 210 -48.22 -7.47 18.68
C ASN F 210 -48.58 -6.09 19.20
N GLY F 211 -47.83 -5.08 18.81
CA GLY F 211 -48.04 -3.73 19.27
C GLY F 211 -47.02 -3.20 20.26
N HIS F 212 -45.82 -3.78 20.30
CA HIS F 212 -44.76 -3.29 21.18
C HIS F 212 -44.04 -2.18 20.42
N LEU F 213 -44.52 -0.95 20.62
CA LEU F 213 -44.02 0.20 19.86
C LEU F 213 -42.53 0.44 20.07
N GLU F 214 -42.02 0.19 21.27
CA GLU F 214 -40.62 0.47 21.56
C GLU F 214 -39.69 -0.30 20.64
N ILE F 215 -40.03 -1.57 20.35
CA ILE F 215 -39.15 -2.38 19.51
C ILE F 215 -39.18 -1.89 18.07
N VAL F 216 -40.33 -1.43 17.60
CA VAL F 216 -40.46 -0.94 16.23
C VAL F 216 -39.45 0.17 15.96
N ASP F 217 -39.18 1.00 16.96
CA ASP F 217 -38.27 2.13 16.76
C ASP F 217 -36.84 1.65 16.58
N VAL F 218 -36.37 0.81 17.51
CA VAL F 218 -34.98 0.34 17.45
C VAL F 218 -34.75 -0.54 16.23
N LEU F 219 -35.79 -1.25 15.77
CA LEU F 219 -35.66 -2.10 14.59
C LEU F 219 -35.46 -1.25 13.33
N LEU F 220 -36.32 -0.24 13.14
CA LEU F 220 -36.16 0.65 12.00
C LEU F 220 -34.87 1.44 12.09
N ALA F 221 -34.37 1.67 13.31
CA ALA F 221 -33.10 2.38 13.47
C ALA F 221 -31.94 1.59 12.90
N ARG F 222 -31.94 0.27 13.08
CA ARG F 222 -30.89 -0.56 12.50
C ARG F 222 -31.03 -0.72 10.99
N GLY F 223 -32.18 -0.36 10.42
CA GLY F 223 -32.34 -0.45 8.98
C GLY F 223 -33.30 -1.54 8.57
N ALA F 224 -34.44 -1.62 9.25
CA ALA F 224 -35.41 -2.66 8.94
C ALA F 224 -36.08 -2.39 7.59
N ASP F 225 -36.37 -3.47 6.87
CA ASP F 225 -37.06 -3.38 5.60
C ASP F 225 -38.49 -2.94 5.89
N ILE F 226 -38.77 -1.65 5.69
CA ILE F 226 -40.02 -1.06 6.15
C ILE F 226 -41.23 -1.65 5.44
N ASN F 227 -41.04 -2.21 4.24
CA ASN F 227 -42.12 -2.85 3.51
C ASN F 227 -41.64 -4.21 2.98
N ALA F 228 -41.20 -5.05 3.91
CA ALA F 228 -40.92 -6.43 3.56
C ALA F 228 -42.24 -7.18 3.41
N SER F 229 -42.27 -8.14 2.49
CA SER F 229 -43.46 -8.91 2.21
C SER F 229 -43.23 -10.36 2.64
N ASP F 230 -44.17 -10.89 3.42
CA ASP F 230 -44.12 -12.29 3.82
C ASP F 230 -44.85 -13.12 2.76
N SER F 231 -45.13 -14.39 3.09
CA SER F 231 -45.85 -15.26 2.16
C SER F 231 -47.22 -14.69 1.81
N TYR F 232 -47.93 -14.16 2.80
CA TYR F 232 -49.24 -13.57 2.57
C TYR F 232 -49.15 -12.27 1.79
N GLY F 233 -47.96 -11.67 1.70
CA GLY F 233 -47.80 -10.38 1.07
C GLY F 233 -47.96 -9.20 2.00
N ASP F 234 -48.22 -9.45 3.28
CA ASP F 234 -48.43 -8.37 4.23
C ASP F 234 -47.13 -7.59 4.46
N THR F 235 -47.27 -6.29 4.65
CA THR F 235 -46.21 -5.38 5.02
C THR F 235 -46.36 -4.97 6.47
N PRO F 236 -45.30 -4.45 7.10
CA PRO F 236 -45.45 -3.94 8.48
C PRO F 236 -46.58 -2.95 8.63
N LEU F 237 -46.82 -2.10 7.62
CA LEU F 237 -47.95 -1.17 7.68
C LEU F 237 -49.28 -1.92 7.63
N HIS F 238 -49.34 -3.04 6.91
CA HIS F 238 -50.55 -3.84 6.89
C HIS F 238 -50.90 -4.37 8.28
N LEU F 239 -49.95 -5.08 8.90
CA LEU F 239 -50.21 -5.67 10.21
C LEU F 239 -50.47 -4.61 11.27
N ALA F 240 -49.80 -3.46 11.18
CA ALA F 240 -50.05 -2.38 12.13
C ALA F 240 -51.46 -1.83 11.98
N ALA F 241 -51.94 -1.71 10.75
CA ALA F 241 -53.30 -1.24 10.52
C ALA F 241 -54.33 -2.31 10.87
N ASN F 242 -53.99 -3.58 10.67
CA ASN F 242 -54.96 -4.65 10.91
C ASN F 242 -55.35 -4.73 12.38
N TYR F 243 -54.37 -4.59 13.29
CA TYR F 243 -54.60 -4.79 14.72
C TYR F 243 -54.65 -3.48 15.51
N GLY F 244 -54.99 -2.38 14.85
CA GLY F 244 -55.37 -1.15 15.54
C GLY F 244 -54.31 -0.48 16.39
N HIS F 245 -53.06 -0.53 15.97
CA HIS F 245 -51.99 0.19 16.66
C HIS F 245 -51.67 1.44 15.84
N LEU F 246 -52.37 2.54 16.18
CA LEU F 246 -52.18 3.80 15.47
C LEU F 246 -50.77 4.33 15.66
N GLU F 247 -50.23 4.21 16.88
CA GLU F 247 -48.87 4.68 17.14
C GLU F 247 -47.86 3.99 16.23
N ILE F 248 -48.10 2.74 15.87
CA ILE F 248 -47.20 2.03 14.97
C ILE F 248 -47.46 2.42 13.53
N VAL F 249 -48.73 2.65 13.18
CA VAL F 249 -49.07 3.09 11.83
C VAL F 249 -48.45 4.45 11.53
N ASP F 250 -48.35 5.31 12.55
CA ASP F 250 -47.79 6.65 12.34
C ASP F 250 -46.32 6.57 11.95
N LEU F 251 -45.52 5.87 12.74
CA LEU F 251 -44.07 5.85 12.52
C LEU F 251 -43.70 5.10 11.25
N LEU F 252 -44.46 4.07 10.89
CA LEU F 252 -44.21 3.35 9.64
C LEU F 252 -44.38 4.28 8.44
N LEU F 253 -45.49 5.04 8.42
CA LEU F 253 -45.72 5.97 7.32
C LEU F 253 -44.70 7.09 7.30
N ARG F 254 -44.18 7.48 8.46
CA ARG F 254 -43.14 8.50 8.53
C ARG F 254 -41.85 8.06 7.86
N TRP F 255 -41.62 6.75 7.76
CA TRP F 255 -40.43 6.19 7.14
C TRP F 255 -40.64 5.80 5.68
N GLY F 256 -41.80 6.13 5.12
CA GLY F 256 -42.08 5.81 3.73
C GLY F 256 -42.72 4.46 3.50
N ALA F 257 -43.54 3.99 4.43
CA ALA F 257 -44.23 2.73 4.24
C ALA F 257 -45.26 2.85 3.12
N ASP F 258 -45.46 1.75 2.39
CA ASP F 258 -46.37 1.77 1.25
C ASP F 258 -47.81 1.87 1.76
N VAL F 259 -48.43 3.02 1.53
CA VAL F 259 -49.76 3.27 2.04
C VAL F 259 -50.83 2.51 1.26
N ASN F 260 -50.54 2.10 0.02
CA ASN F 260 -51.43 1.29 -0.79
C ASN F 260 -50.75 0.00 -1.24
N ALA F 261 -50.03 -0.64 -0.32
CA ALA F 261 -49.32 -1.90 -0.65
C ALA F 261 -50.32 -3.00 -0.96
N SER F 262 -49.93 -3.96 -1.81
CA SER F 262 -50.86 -5.05 -2.20
C SER F 262 -50.37 -6.38 -1.66
N ASP F 263 -51.21 -7.09 -0.90
CA ASP F 263 -50.85 -8.45 -0.41
C ASP F 263 -51.33 -9.48 -1.42
N SER F 264 -51.34 -10.77 -1.06
CA SER F 264 -51.88 -11.80 -1.99
C SER F 264 -53.35 -11.46 -2.25
N SER F 265 -54.09 -11.06 -1.21
CA SER F 265 -55.49 -10.59 -1.40
C SER F 265 -55.48 -9.33 -2.26
N GLY F 266 -54.46 -8.48 -2.09
CA GLY F 266 -54.37 -7.21 -2.85
C GLY F 266 -55.00 -6.06 -2.08
N LYS F 267 -55.45 -6.31 -0.85
CA LYS F 267 -56.03 -5.23 -0.02
C LYS F 267 -54.93 -4.26 0.41
N THR F 268 -55.15 -2.95 0.24
CA THR F 268 -54.17 -1.92 0.66
C THR F 268 -54.35 -1.62 2.14
N PRO F 269 -53.38 -1.01 2.84
CA PRO F 269 -53.58 -0.60 4.24
C PRO F 269 -54.93 0.13 4.46
N LEU F 270 -55.33 1.01 3.52
CA LEU F 270 -56.61 1.68 3.67
C LEU F 270 -57.76 0.68 3.68
N HIS F 271 -57.67 -0.35 2.84
CA HIS F 271 -58.67 -1.43 2.87
C HIS F 271 -58.73 -2.05 4.26
N LEU F 272 -57.58 -2.44 4.80
CA LEU F 272 -57.55 -3.12 6.08
C LEU F 272 -57.98 -2.20 7.21
N ALA F 273 -57.57 -0.93 7.15
CA ALA F 273 -57.97 0.04 8.17
C ALA F 273 -59.46 0.36 8.07
N ALA F 274 -60.02 0.31 6.87
CA ALA F 274 -61.46 0.52 6.73
C ALA F 274 -62.25 -0.73 7.10
N GLN F 275 -61.66 -1.91 6.92
CA GLN F 275 -62.35 -3.16 7.26
C GLN F 275 -62.63 -3.24 8.76
N ASP F 276 -61.60 -3.05 9.58
CA ASP F 276 -61.68 -3.28 11.01
C ASP F 276 -62.03 -2.03 11.81
N GLY F 277 -62.52 -0.98 11.15
CA GLY F 277 -63.03 0.19 11.91
C GLY F 277 -61.99 1.11 12.53
N HIS F 278 -61.08 1.66 11.73
CA HIS F 278 -60.14 2.65 12.22
C HIS F 278 -60.31 3.93 11.40
N LEU F 279 -61.11 4.86 11.91
CA LEU F 279 -61.32 6.13 11.23
C LEU F 279 -60.06 6.99 11.26
N GLU F 280 -59.42 7.07 12.43
CA GLU F 280 -58.21 7.88 12.56
C GLU F 280 -57.05 7.32 11.74
N ILE F 281 -57.08 6.02 11.41
CA ILE F 281 -56.07 5.45 10.53
C ILE F 281 -56.45 5.61 9.07
N VAL F 282 -57.74 5.47 8.75
CA VAL F 282 -58.21 5.77 7.40
C VAL F 282 -57.93 7.22 7.04
N ASP F 283 -58.17 8.14 7.99
CA ASP F 283 -57.92 9.55 7.73
C ASP F 283 -56.43 9.83 7.58
N VAL F 284 -55.59 9.21 8.41
CA VAL F 284 -54.15 9.48 8.33
C VAL F 284 -53.55 8.81 7.09
N LEU F 285 -54.00 7.59 6.78
CA LEU F 285 -53.51 6.94 5.57
C LEU F 285 -53.92 7.72 4.32
N LEU F 286 -55.14 8.30 4.33
CA LEU F 286 -55.56 9.14 3.21
C LEU F 286 -54.73 10.40 3.09
N ALA F 287 -54.23 10.93 4.22
CA ALA F 287 -53.42 12.14 4.15
C ALA F 287 -52.12 11.89 3.42
N HIS F 288 -51.53 10.70 3.61
CA HIS F 288 -50.31 10.32 2.93
C HIS F 288 -50.55 9.65 1.58
N GLY F 289 -51.80 9.60 1.12
CA GLY F 289 -52.10 9.15 -0.23
C GLY F 289 -52.76 7.79 -0.36
N ALA F 290 -53.71 7.47 0.51
CA ALA F 290 -54.45 6.22 0.39
C ALA F 290 -55.47 6.30 -0.75
N ASP F 291 -55.82 5.13 -1.29
CA ASP F 291 -56.71 5.02 -2.44
C ASP F 291 -58.11 4.65 -1.96
N VAL F 292 -59.05 5.59 -2.12
CA VAL F 292 -60.44 5.35 -1.72
C VAL F 292 -61.13 4.33 -2.62
N ASN F 293 -60.74 4.27 -3.89
CA ASN F 293 -61.44 3.43 -4.86
C ASN F 293 -60.70 2.15 -5.24
N ALA F 294 -59.50 1.91 -4.72
CA ALA F 294 -58.76 0.70 -5.05
C ALA F 294 -59.57 -0.54 -4.68
N GLN F 295 -59.47 -1.58 -5.51
CA GLN F 295 -60.26 -2.79 -5.33
C GLN F 295 -59.37 -3.98 -5.02
N ASP F 296 -59.84 -4.81 -4.09
CA ASP F 296 -59.22 -6.11 -3.82
C ASP F 296 -59.65 -7.10 -4.90
N LYS F 297 -59.34 -8.38 -4.71
CA LYS F 297 -59.75 -9.39 -5.68
C LYS F 297 -61.22 -9.77 -5.58
N PHE F 298 -61.95 -9.31 -4.57
CA PHE F 298 -63.39 -9.49 -4.50
C PHE F 298 -64.16 -8.26 -4.97
N GLY F 299 -63.48 -7.29 -5.57
CA GLY F 299 -64.11 -6.11 -6.12
C GLY F 299 -64.55 -5.08 -5.11
N LYS F 300 -64.41 -5.35 -3.81
CA LYS F 300 -64.88 -4.43 -2.79
C LYS F 300 -63.83 -3.36 -2.52
N THR F 301 -64.25 -2.10 -2.59
CA THR F 301 -63.41 -0.94 -2.39
C THR F 301 -63.43 -0.52 -0.93
N PRO F 302 -62.59 0.43 -0.52
CA PRO F 302 -62.70 0.96 0.85
C PRO F 302 -64.08 1.49 1.21
N PHE F 303 -64.84 2.03 0.25
CA PHE F 303 -66.22 2.38 0.54
C PHE F 303 -67.09 1.15 0.72
N ASP F 304 -66.77 0.05 0.02
CA ASP F 304 -67.52 -1.19 0.18
C ASP F 304 -67.22 -1.86 1.53
N LEU F 305 -65.95 -2.16 1.79
CA LEU F 305 -65.57 -2.87 3.00
C LEU F 305 -65.94 -2.11 4.27
N ALA F 306 -66.06 -0.78 4.20
CA ALA F 306 -66.60 -0.04 5.34
C ALA F 306 -68.09 -0.34 5.52
N ILE F 307 -68.83 -0.42 4.41
CA ILE F 307 -70.25 -0.78 4.47
C ILE F 307 -70.41 -2.26 4.81
N ASP F 308 -69.53 -3.12 4.28
CA ASP F 308 -69.66 -4.57 4.50
C ASP F 308 -69.56 -4.91 5.98
N ASN F 309 -68.66 -4.24 6.72
CA ASN F 309 -68.44 -4.53 8.13
C ASN F 309 -69.27 -3.66 9.07
N GLY F 310 -70.08 -2.75 8.53
CA GLY F 310 -70.95 -1.91 9.34
C GLY F 310 -70.39 -0.59 9.83
N ASN F 311 -69.20 -0.20 9.38
CA ASN F 311 -68.61 1.08 9.77
C ASN F 311 -69.06 2.14 8.78
N GLU F 312 -69.86 3.10 9.25
CA GLU F 312 -70.46 4.11 8.40
C GLU F 312 -69.64 5.40 8.34
N ASP F 313 -69.18 5.91 9.49
CA ASP F 313 -68.38 7.14 9.50
C ASP F 313 -67.13 7.03 8.65
N ILE F 314 -66.68 5.80 8.35
CA ILE F 314 -65.56 5.63 7.42
C ILE F 314 -66.04 5.71 5.99
N ALA F 315 -67.23 5.15 5.71
CA ALA F 315 -67.78 5.19 4.36
C ALA F 315 -68.05 6.62 3.90
N GLU F 316 -68.56 7.48 4.79
CA GLU F 316 -68.87 8.85 4.40
C GLU F 316 -67.62 9.66 4.09
N VAL F 317 -66.53 9.41 4.82
CA VAL F 317 -65.28 10.12 4.55
C VAL F 317 -64.69 9.69 3.22
N LEU F 318 -64.82 8.41 2.88
CA LEU F 318 -64.35 7.92 1.60
C LEU F 318 -65.26 8.36 0.46
N GLN F 319 -66.57 8.45 0.72
CA GLN F 319 -67.50 8.92 -0.30
C GLN F 319 -67.25 10.38 -0.67
N LYS F 320 -67.02 11.23 0.33
CA LYS F 320 -66.74 12.64 0.08
C LYS F 320 -65.35 12.87 -0.53
N ALA F 321 -64.51 11.84 -0.58
CA ALA F 321 -63.16 11.97 -1.11
C ALA F 321 -63.18 12.16 -2.62
#